data_6LRH
#
_entry.id   6LRH
#
_cell.length_a   186.157
_cell.length_b   201.457
_cell.length_c   98.916
_cell.angle_alpha   90.0
_cell.angle_beta   90.0
_cell.angle_gamma   90.0
#
_symmetry.space_group_name_H-M   'C 2 2 21'
#
loop_
_entity.id
_entity.type
_entity.pdbx_description
1 polymer 'Alr4995 protein'
2 non-polymer ARGININE
3 water water
#
_entity_poly.entity_id   1
_entity_poly.type   'polypeptide(L)'
_entity_poly.pdbx_seq_one_letter_code
;MTSRIRFLMCPPDHYDVDYVINPWMEGNIHKSSRDRAVEQWQGLYQILKEHAIVDLVTPQKGWPDLVFTANAGLVLGDNV
VLSRFLHKERQGEEPYFKEWFEGNGYTVYELPKDLPFEGAGDALLDREGRWLWAGYGFRSELDSHPYLAKWLDIEVLSLR
LIDERFYHLDTCFCPLANGYLLYYPGAFDSYSNRLIEMRVAPEKRIAIAEADAVNFACNTVNVESIVIMNKASDALKQSL
TGVGFQVLETPLTEFLKAGGAAKALTLRVTEPVRDEVHANVYVESRIIRIEGHLLDSGLINRALDMIVDTGGSFQVLNFN
LGEQRQSTSAAEVKVSAPSHEVMEEIISLLIDLGAVDLPQDERDAKLEPVIQDGVAPDDFYVSTIYPTEVRINGQWIKVE
NQRMDGAIAITQTPNGLLAQCKILRDLKAGEQVIVDVLGIRTIRKTESREQRNTQEFSFMSGGVSSERRVELVVEQVAWE
LRKIRDAGGKVVVTAGPVVIHTGGGEHLSRLIREGYVQALLGGNAIAVHDIEQNMMGTSLGVDMKRGVAVRGGHRHHLKV
INTIRRHGSIAKGVESGIIRSGVMYECVRNQIPFVLAGSIRDDGPLPDTQMDLIKAQEEYAKHLEGAEMILMLSSMLHSI
GVGNMTPAGVKMVCVDINPAVVTKLSDRGSIESVGVVTDVGLFLSLLTQQLDKLTSPYVSKVG
;
_entity_poly.pdbx_strand_id   A,B
#
# COMPACT_ATOMS: atom_id res chain seq x y z
N THR A 2 42.09 24.19 -31.31
CA THR A 2 42.35 24.34 -29.89
C THR A 2 41.45 25.43 -29.36
N SER A 3 41.07 26.36 -30.23
CA SER A 3 40.11 27.38 -29.84
C SER A 3 38.89 27.39 -30.77
N ARG A 4 38.80 26.38 -31.63
CA ARG A 4 37.68 26.26 -32.56
C ARG A 4 36.67 25.26 -32.03
N ILE A 5 35.41 25.65 -32.00
CA ILE A 5 34.38 24.86 -31.34
C ILE A 5 33.47 24.18 -32.33
N ARG A 6 33.22 22.90 -32.11
CA ARG A 6 32.51 22.09 -33.09
C ARG A 6 31.37 21.31 -32.45
N PHE A 7 30.21 21.34 -33.08
CA PHE A 7 29.04 20.64 -32.61
C PHE A 7 28.60 19.56 -33.57
N LEU A 8 28.01 18.50 -33.04
CA LEU A 8 27.37 17.52 -33.87
C LEU A 8 25.86 17.69 -33.80
N MET A 9 25.20 17.76 -34.95
CA MET A 9 23.75 17.83 -35.01
C MET A 9 23.25 16.78 -35.98
N CYS A 10 21.95 16.73 -36.19
CA CYS A 10 21.36 15.80 -37.13
C CYS A 10 20.05 16.37 -37.67
N PRO A 11 19.89 16.45 -39.00
CA PRO A 11 18.69 17.10 -39.54
C PRO A 11 17.42 16.26 -39.42
N PRO A 12 16.27 16.92 -39.28
CA PRO A 12 14.99 16.27 -38.99
C PRO A 12 14.26 15.71 -40.20
N ASP A 13 14.97 15.10 -41.14
CA ASP A 13 14.33 14.50 -42.30
C ASP A 13 13.33 13.42 -41.94
N HIS A 14 13.62 12.66 -40.90
CA HIS A 14 12.75 11.55 -40.51
C HIS A 14 12.23 11.78 -39.12
N TYR A 15 11.97 13.05 -38.82
CA TYR A 15 11.55 13.41 -37.49
C TYR A 15 10.04 13.39 -37.39
N ASP A 16 9.56 13.00 -36.21
CA ASP A 16 8.16 12.90 -35.89
C ASP A 16 8.09 12.44 -34.44
N VAL A 17 6.89 12.39 -33.87
CA VAL A 17 6.74 11.81 -32.57
C VAL A 17 5.99 10.52 -32.78
N ASP A 18 6.67 9.39 -32.63
CA ASP A 18 6.10 8.08 -32.97
C ASP A 18 5.82 7.21 -31.76
N TYR A 19 6.30 7.63 -30.61
CA TYR A 19 6.09 6.87 -29.38
C TYR A 19 6.06 7.80 -28.16
N VAL A 20 5.91 7.23 -26.98
CA VAL A 20 5.87 8.03 -25.78
C VAL A 20 6.80 7.44 -24.71
N ILE A 21 7.97 8.07 -24.54
CA ILE A 21 8.92 7.61 -23.54
C ILE A 21 9.35 8.73 -22.61
N ASN A 22 8.62 9.84 -22.61
CA ASN A 22 8.75 10.86 -21.59
C ASN A 22 7.43 11.65 -21.59
N PRO A 23 7.18 12.44 -20.54
CA PRO A 23 5.85 13.06 -20.40
C PRO A 23 5.49 14.10 -21.44
N TRP A 24 6.48 14.73 -22.06
CA TRP A 24 6.26 15.71 -23.10
C TRP A 24 5.66 15.09 -24.34
N MET A 25 6.03 13.85 -24.60
CA MET A 25 5.58 13.15 -25.78
C MET A 25 4.14 12.74 -25.66
N GLU A 26 3.67 12.63 -24.42
CA GLU A 26 2.32 12.15 -24.13
C GLU A 26 1.28 13.05 -24.77
N GLY A 27 0.48 12.48 -25.67
CA GLY A 27 -0.56 13.22 -26.33
C GLY A 27 -0.08 13.94 -27.56
N ASN A 28 1.17 13.70 -27.94
CA ASN A 28 1.80 14.47 -28.98
C ASN A 28 2.19 13.58 -30.15
N ILE A 29 1.78 12.33 -30.09
CA ILE A 29 2.09 11.36 -31.14
C ILE A 29 1.52 11.82 -32.47
N HIS A 30 2.40 11.84 -33.47
CA HIS A 30 2.04 12.25 -34.82
C HIS A 30 1.41 13.65 -34.88
N LYS A 31 1.79 14.51 -33.96
CA LYS A 31 1.27 15.87 -33.98
C LYS A 31 2.37 16.84 -34.33
N SER A 32 3.52 16.28 -34.70
CA SER A 32 4.65 17.04 -35.18
C SER A 32 4.48 17.48 -36.63
N SER A 33 4.77 18.76 -36.88
CA SER A 33 4.73 19.29 -38.23
C SER A 33 6.16 19.33 -38.79
N ARG A 34 6.46 18.46 -39.75
CA ARG A 34 7.83 18.27 -40.18
C ARG A 34 8.36 19.47 -40.95
N ASP A 35 7.47 20.26 -41.52
CA ASP A 35 7.88 21.46 -42.23
C ASP A 35 8.32 22.54 -41.25
N ARG A 36 7.54 22.71 -40.20
CA ARG A 36 7.83 23.64 -39.13
C ARG A 36 9.03 23.17 -38.30
N ALA A 37 9.18 21.85 -38.19
CA ALA A 37 10.35 21.26 -37.52
C ALA A 37 11.62 21.59 -38.27
N VAL A 38 11.55 21.49 -39.60
CA VAL A 38 12.65 21.84 -40.46
C VAL A 38 13.05 23.30 -40.31
N GLU A 39 12.08 24.19 -40.45
CA GLU A 39 12.40 25.61 -40.41
C GLU A 39 12.86 26.02 -39.02
N GLN A 40 12.33 25.40 -37.97
CA GLN A 40 12.81 25.62 -36.61
C GLN A 40 14.23 25.06 -36.38
N TRP A 41 14.52 23.85 -36.87
CA TRP A 41 15.86 23.28 -36.83
C TRP A 41 16.84 24.13 -37.64
N GLN A 42 16.43 24.53 -38.84
CA GLN A 42 17.23 25.40 -39.69
C GLN A 42 17.60 26.72 -39.00
N GLY A 43 16.70 27.22 -38.18
CA GLY A 43 16.95 28.45 -37.48
C GLY A 43 18.07 28.29 -36.49
N LEU A 44 18.10 27.16 -35.79
CA LEU A 44 19.10 26.93 -34.77
C LEU A 44 20.45 26.65 -35.41
N TYR A 45 20.42 25.79 -36.41
CA TYR A 45 21.58 25.41 -37.19
C TYR A 45 22.32 26.64 -37.71
N GLN A 46 21.56 27.63 -38.16
CA GLN A 46 22.16 28.76 -38.81
C GLN A 46 22.66 29.79 -37.85
N ILE A 47 22.02 29.90 -36.69
CA ILE A 47 22.51 30.78 -35.68
C ILE A 47 23.77 30.19 -35.09
N LEU A 48 23.80 28.87 -35.02
CA LEU A 48 24.93 28.19 -34.42
C LEU A 48 26.17 28.26 -35.32
N LYS A 49 25.96 28.19 -36.63
CA LYS A 49 27.05 28.29 -37.59
C LYS A 49 27.69 29.67 -37.66
N GLU A 50 27.06 30.66 -37.07
CA GLU A 50 27.66 31.98 -37.01
C GLU A 50 28.64 32.09 -35.87
N HIS A 51 28.77 31.03 -35.06
CA HIS A 51 29.60 31.09 -33.88
C HIS A 51 30.45 29.83 -33.72
N ALA A 52 30.19 28.84 -34.56
CA ALA A 52 30.87 27.58 -34.39
C ALA A 52 30.81 26.71 -35.63
N ILE A 53 31.45 25.56 -35.53
CA ILE A 53 31.43 24.56 -36.58
C ILE A 53 30.25 23.64 -36.32
N VAL A 54 29.63 23.10 -37.36
CA VAL A 54 28.60 22.13 -37.14
C VAL A 54 28.72 20.98 -38.10
N ASP A 55 29.09 19.83 -37.56
CA ASP A 55 29.06 18.57 -38.29
C ASP A 55 27.68 17.92 -38.22
N LEU A 56 27.38 17.03 -39.16
CA LEU A 56 26.08 16.37 -39.22
C LEU A 56 26.17 14.86 -39.33
N VAL A 57 25.31 14.16 -38.60
CA VAL A 57 25.12 12.72 -38.79
C VAL A 57 24.09 12.53 -39.87
N THR A 58 24.18 11.47 -40.64
CA THR A 58 23.13 11.18 -41.58
C THR A 58 21.91 10.79 -40.80
N PRO A 59 20.75 11.36 -41.11
CA PRO A 59 19.48 10.92 -40.53
C PRO A 59 19.08 9.53 -41.01
N GLN A 60 18.30 8.82 -40.21
CA GLN A 60 17.98 7.43 -40.45
C GLN A 60 16.51 7.15 -40.24
N LYS A 61 15.85 6.62 -41.25
CA LYS A 61 14.41 6.42 -41.18
C LYS A 61 14.08 5.41 -40.09
N GLY A 62 13.12 5.73 -39.23
CA GLY A 62 12.68 4.81 -38.21
C GLY A 62 13.36 5.05 -36.88
N TRP A 63 14.17 6.09 -36.84
CA TRP A 63 14.76 6.54 -35.59
C TRP A 63 14.62 8.05 -35.48
N PRO A 64 13.39 8.52 -35.26
CA PRO A 64 13.13 9.96 -35.24
C PRO A 64 14.01 10.72 -34.26
N ASP A 65 14.26 10.16 -33.08
CA ASP A 65 14.97 10.90 -32.05
C ASP A 65 16.47 10.98 -32.29
N LEU A 66 16.92 10.51 -33.45
CA LEU A 66 18.33 10.67 -33.77
C LEU A 66 18.70 12.15 -33.86
N VAL A 67 17.72 13.03 -34.06
CA VAL A 67 17.99 14.46 -34.10
C VAL A 67 18.57 14.98 -32.80
N PHE A 68 18.31 14.30 -31.70
CA PHE A 68 18.79 14.73 -30.41
C PHE A 68 20.15 14.15 -30.13
N THR A 69 21.14 14.72 -30.80
CA THR A 69 22.51 14.26 -30.72
C THR A 69 23.13 14.47 -29.34
N ALA A 70 22.46 15.22 -28.47
CA ALA A 70 22.96 15.43 -27.12
C ALA A 70 23.08 14.13 -26.35
N ASN A 71 22.31 13.13 -26.77
CA ASN A 71 22.31 11.85 -26.10
C ASN A 71 23.15 10.81 -26.80
N ALA A 72 24.00 11.20 -27.74
CA ALA A 72 24.76 10.23 -28.50
C ALA A 72 25.87 9.62 -27.65
N GLY A 73 26.51 10.46 -26.84
CA GLY A 73 27.49 9.96 -25.91
C GLY A 73 28.07 11.16 -25.21
N LEU A 74 29.17 10.97 -24.51
CA LEU A 74 29.87 12.07 -23.89
C LEU A 74 31.31 12.08 -24.33
N VAL A 75 31.74 13.21 -24.89
CA VAL A 75 33.07 13.34 -25.44
C VAL A 75 33.94 14.22 -24.55
N LEU A 76 35.14 13.76 -24.22
CA LEU A 76 36.11 14.62 -23.59
C LEU A 76 37.50 14.27 -24.13
N GLY A 77 38.09 15.18 -24.89
CA GLY A 77 39.37 14.92 -25.51
C GLY A 77 39.21 13.97 -26.68
N ASP A 78 39.96 12.89 -26.70
CA ASP A 78 39.82 11.92 -27.76
C ASP A 78 38.88 10.78 -27.39
N ASN A 79 38.41 10.77 -26.14
CA ASN A 79 37.58 9.70 -25.65
C ASN A 79 36.10 10.01 -25.66
N VAL A 80 35.29 9.06 -26.08
CA VAL A 80 33.85 9.20 -25.96
C VAL A 80 33.27 7.96 -25.27
N VAL A 81 32.42 8.17 -24.28
CA VAL A 81 31.66 7.06 -23.76
C VAL A 81 30.34 7.04 -24.51
N LEU A 82 30.06 5.94 -25.16
CA LEU A 82 28.88 5.86 -26.00
C LEU A 82 27.63 5.70 -25.17
N SER A 83 26.57 6.37 -25.57
CA SER A 83 25.31 6.27 -24.85
C SER A 83 24.74 4.88 -24.93
N ARG A 84 24.13 4.46 -23.83
CA ARG A 84 23.33 3.27 -23.87
C ARG A 84 21.91 3.55 -23.35
N PHE A 85 20.95 3.59 -24.25
CA PHE A 85 19.62 4.09 -23.92
C PHE A 85 18.78 3.14 -23.09
N LEU A 86 17.99 3.72 -22.21
CA LEU A 86 17.07 2.95 -21.40
C LEU A 86 15.93 2.37 -22.22
N HIS A 87 15.39 3.13 -23.16
CA HIS A 87 14.26 2.66 -23.94
C HIS A 87 14.69 2.09 -25.28
N LYS A 88 14.02 1.03 -25.72
CA LYS A 88 14.43 0.35 -26.93
C LYS A 88 14.07 1.18 -28.15
N GLU A 89 13.22 2.17 -27.98
CA GLU A 89 12.82 3.00 -29.09
C GLU A 89 13.98 3.87 -29.58
N ARG A 90 15.00 4.03 -28.76
CA ARG A 90 16.16 4.82 -29.11
C ARG A 90 17.41 3.97 -29.20
N GLN A 91 17.31 2.69 -28.86
CA GLN A 91 18.50 1.84 -28.86
C GLN A 91 19.07 1.60 -30.26
N GLY A 92 18.26 1.77 -31.29
CA GLY A 92 18.74 1.57 -32.64
C GLY A 92 19.57 2.73 -33.15
N GLU A 93 19.69 3.76 -32.34
CA GLU A 93 20.51 4.89 -32.70
C GLU A 93 21.97 4.63 -32.43
N GLU A 94 22.25 3.83 -31.41
CA GLU A 94 23.60 3.59 -30.94
C GLU A 94 24.59 3.18 -32.04
N PRO A 95 24.20 2.26 -32.95
CA PRO A 95 25.14 1.92 -34.01
C PRO A 95 25.50 3.10 -34.90
N TYR A 96 24.54 3.97 -35.18
CA TYR A 96 24.78 5.13 -36.04
C TYR A 96 25.61 6.19 -35.34
N PHE A 97 25.53 6.25 -34.02
CA PHE A 97 26.36 7.20 -33.32
C PHE A 97 27.77 6.63 -33.20
N LYS A 98 27.86 5.34 -32.91
CA LYS A 98 29.14 4.67 -32.79
C LYS A 98 29.91 4.81 -34.07
N GLU A 99 29.23 4.59 -35.18
CA GLU A 99 29.82 4.72 -36.48
C GLU A 99 30.35 6.14 -36.75
N TRP A 100 29.61 7.17 -36.37
CA TRP A 100 30.10 8.52 -36.58
C TRP A 100 31.33 8.81 -35.73
N PHE A 101 31.27 8.42 -34.46
CA PHE A 101 32.36 8.58 -33.52
C PHE A 101 33.61 7.81 -33.94
N GLU A 102 33.43 6.61 -34.47
CA GLU A 102 34.56 5.82 -34.94
C GLU A 102 35.21 6.44 -36.18
N GLY A 103 34.38 6.87 -37.11
CA GLY A 103 34.87 7.48 -38.32
C GLY A 103 35.49 8.84 -38.11
N ASN A 104 35.44 9.36 -36.90
CA ASN A 104 36.04 10.64 -36.61
C ASN A 104 37.20 10.51 -35.63
N GLY A 105 37.63 9.28 -35.39
CA GLY A 105 38.89 9.03 -34.72
C GLY A 105 38.86 8.99 -33.22
N TYR A 106 37.67 8.92 -32.65
CA TYR A 106 37.50 8.90 -31.21
C TYR A 106 37.67 7.49 -30.67
N THR A 107 38.29 7.38 -29.51
CA THR A 107 38.35 6.10 -28.84
C THR A 107 37.01 5.85 -28.14
N VAL A 108 36.32 4.78 -28.50
CA VAL A 108 34.97 4.61 -28.05
C VAL A 108 34.86 3.58 -26.94
N TYR A 109 34.39 4.01 -25.79
CA TYR A 109 34.19 3.11 -24.68
C TYR A 109 32.72 2.76 -24.58
N GLU A 110 32.42 1.47 -24.43
CA GLU A 110 31.05 1.04 -24.30
C GLU A 110 30.77 0.55 -22.90
N LEU A 111 29.63 0.94 -22.37
CA LEU A 111 29.23 0.49 -21.05
C LEU A 111 28.72 -0.93 -21.15
N PRO A 112 28.66 -1.66 -20.02
CA PRO A 112 28.02 -2.96 -19.94
C PRO A 112 26.61 -2.89 -20.46
N LYS A 113 26.16 -3.95 -21.10
CA LYS A 113 24.81 -3.99 -21.60
C LYS A 113 23.85 -3.93 -20.43
N ASP A 114 22.78 -3.16 -20.63
CA ASP A 114 21.67 -2.97 -19.72
C ASP A 114 21.99 -1.99 -18.59
N LEU A 115 23.11 -1.32 -18.70
CA LEU A 115 23.43 -0.22 -17.80
C LEU A 115 23.24 1.09 -18.52
N PRO A 116 22.09 1.74 -18.33
CA PRO A 116 21.79 2.94 -19.13
C PRO A 116 22.61 4.17 -18.78
N PHE A 117 22.91 4.94 -19.81
CA PHE A 117 23.56 6.22 -19.72
C PHE A 117 23.30 6.95 -21.03
N GLU A 118 22.81 8.18 -20.97
CA GLU A 118 22.36 8.83 -22.19
C GLU A 118 23.14 10.10 -22.54
N GLY A 119 24.42 10.15 -22.23
CA GLY A 119 25.29 11.12 -22.84
C GLY A 119 25.33 12.51 -22.26
N ALA A 120 25.69 13.48 -23.09
CA ALA A 120 25.87 14.85 -22.61
C ALA A 120 24.55 15.47 -22.23
N GLY A 121 23.47 14.86 -22.69
CA GLY A 121 22.13 15.19 -22.23
C GLY A 121 21.93 14.91 -20.76
N ASP A 122 22.60 13.89 -20.21
CA ASP A 122 22.49 13.57 -18.79
C ASP A 122 23.77 13.80 -18.00
N ALA A 123 24.81 14.31 -18.63
CA ALA A 123 26.04 14.66 -17.95
C ALA A 123 26.66 15.93 -18.53
N LEU A 124 26.94 16.92 -17.71
CA LEU A 124 27.31 18.24 -18.22
C LEU A 124 28.59 18.79 -17.61
N LEU A 125 29.54 19.10 -18.47
CA LEU A 125 30.82 19.62 -18.05
C LEU A 125 30.73 21.02 -17.51
N ASP A 126 31.40 21.22 -16.38
CA ASP A 126 31.79 22.54 -15.92
C ASP A 126 32.55 23.20 -17.04
N ARG A 127 32.22 24.44 -17.40
CA ARG A 127 32.73 25.00 -18.65
C ARG A 127 34.23 25.32 -18.59
N GLU A 128 34.80 25.36 -17.40
CA GLU A 128 36.23 25.50 -17.26
C GLU A 128 36.85 24.15 -16.96
N GLY A 129 36.22 23.09 -17.44
CA GLY A 129 36.73 21.73 -17.42
C GLY A 129 37.15 21.10 -16.11
N ARG A 130 36.75 21.70 -14.99
CA ARG A 130 37.15 21.24 -13.67
C ARG A 130 36.51 19.92 -13.26
N TRP A 131 35.27 19.70 -13.67
CA TRP A 131 34.61 18.46 -13.32
C TRP A 131 33.44 18.23 -14.21
N LEU A 132 32.76 17.13 -13.97
CA LEU A 132 31.61 16.72 -14.73
C LEU A 132 30.38 16.56 -13.83
N TRP A 133 29.28 17.20 -14.21
CA TRP A 133 28.02 17.03 -13.49
C TRP A 133 27.22 15.89 -14.09
N ALA A 134 26.94 14.85 -13.32
CA ALA A 134 26.17 13.73 -13.85
C ALA A 134 24.82 13.50 -13.18
N GLY A 135 23.78 13.42 -13.99
CA GLY A 135 22.46 13.15 -13.51
C GLY A 135 22.10 11.67 -13.47
N TYR A 136 21.17 11.33 -12.58
CA TYR A 136 20.57 10.02 -12.56
C TYR A 136 19.15 10.14 -12.04
N GLY A 137 18.35 9.08 -12.15
CA GLY A 137 17.00 9.14 -11.65
C GLY A 137 15.96 8.64 -12.62
N PHE A 138 16.07 9.04 -13.87
CA PHE A 138 15.07 8.62 -14.85
C PHE A 138 15.66 7.85 -16.01
N ARG A 139 16.85 8.24 -16.43
CA ARG A 139 17.46 7.64 -17.62
C ARG A 139 18.78 6.98 -17.29
N SER A 140 19.83 7.76 -17.16
CA SER A 140 21.11 7.22 -16.74
C SER A 140 21.04 6.64 -15.35
N GLU A 141 21.81 5.58 -15.16
CA GLU A 141 21.89 4.84 -13.92
C GLU A 141 23.06 5.34 -13.07
N LEU A 142 22.87 5.42 -11.77
CA LEU A 142 23.91 5.91 -10.88
C LEU A 142 25.23 5.15 -11.04
N ASP A 143 25.14 3.88 -11.41
CA ASP A 143 26.32 3.03 -11.48
C ASP A 143 27.12 3.20 -12.76
N SER A 144 26.67 4.05 -13.67
CA SER A 144 27.45 4.44 -14.84
C SER A 144 28.47 5.51 -14.51
N HIS A 145 28.19 6.30 -13.49
CA HIS A 145 29.05 7.40 -13.10
C HIS A 145 30.53 7.06 -12.83
N PRO A 146 30.84 5.95 -12.14
CA PRO A 146 32.28 5.81 -11.96
C PRO A 146 32.99 5.39 -13.25
N TYR A 147 32.25 4.83 -14.19
CA TYR A 147 32.80 4.53 -15.51
C TYR A 147 33.21 5.78 -16.25
N LEU A 148 32.39 6.83 -16.14
CA LEU A 148 32.69 8.11 -16.74
C LEU A 148 33.94 8.71 -16.12
N ALA A 149 34.09 8.57 -14.82
CA ALA A 149 35.24 9.12 -14.13
C ALA A 149 36.52 8.50 -14.66
N LYS A 150 36.55 7.17 -14.73
CA LYS A 150 37.73 6.42 -15.13
C LYS A 150 38.07 6.57 -16.63
N TRP A 151 37.06 6.46 -17.48
CA TRP A 151 37.28 6.47 -18.91
C TRP A 151 37.55 7.86 -19.48
N LEU A 152 36.94 8.89 -18.91
CA LEU A 152 37.20 10.23 -19.38
C LEU A 152 38.11 11.01 -18.43
N ASP A 153 38.48 10.40 -17.32
CA ASP A 153 39.49 10.94 -16.41
C ASP A 153 39.15 12.32 -15.83
N ILE A 154 38.00 12.42 -15.17
CA ILE A 154 37.41 13.67 -14.73
C ILE A 154 36.72 13.43 -13.38
N GLU A 155 36.71 14.42 -12.48
CA GLU A 155 35.93 14.29 -11.25
C GLU A 155 34.45 14.27 -11.58
N VAL A 156 33.69 13.34 -11.01
CA VAL A 156 32.28 13.25 -11.31
C VAL A 156 31.39 13.51 -10.09
N LEU A 157 30.51 14.50 -10.24
CA LEU A 157 29.57 14.90 -9.22
C LEU A 157 28.17 14.48 -9.63
N SER A 158 27.43 13.86 -8.71
CA SER A 158 26.13 13.24 -9.02
C SER A 158 24.95 14.01 -8.49
N LEU A 159 23.95 14.19 -9.33
CA LEU A 159 22.78 14.98 -9.00
C LEU A 159 21.52 14.21 -9.24
N ARG A 160 20.67 14.10 -8.23
CA ARG A 160 19.48 13.30 -8.41
C ARG A 160 18.30 14.10 -8.92
N LEU A 161 17.76 13.68 -10.05
CA LEU A 161 16.55 14.24 -10.62
C LEU A 161 15.27 13.64 -10.04
N ILE A 162 14.28 14.49 -9.74
CA ILE A 162 13.05 14.05 -9.06
C ILE A 162 11.72 14.45 -9.72
N ASP A 163 11.78 15.23 -10.78
CA ASP A 163 10.60 15.66 -11.54
C ASP A 163 10.62 15.00 -12.92
N GLU A 164 9.60 14.22 -13.23
CA GLU A 164 9.63 13.44 -14.46
C GLU A 164 9.56 14.29 -15.75
N ARG A 165 9.21 15.56 -15.62
CA ARG A 165 9.20 16.46 -16.76
C ARG A 165 10.61 16.89 -17.08
N PHE A 166 11.49 16.76 -16.09
CA PHE A 166 12.87 17.14 -16.24
C PHE A 166 13.76 15.91 -16.05
N TYR A 167 13.66 15.02 -17.03
CA TYR A 167 14.19 13.66 -16.95
C TYR A 167 15.67 13.53 -17.38
N HIS A 168 16.17 14.49 -18.17
CA HIS A 168 17.59 14.62 -18.49
C HIS A 168 18.15 15.81 -17.78
N LEU A 169 19.40 15.71 -17.34
CA LEU A 169 20.03 16.80 -16.63
C LEU A 169 19.99 18.09 -17.43
N ASP A 170 20.10 18.03 -18.73
CA ASP A 170 20.25 19.23 -19.52
C ASP A 170 18.93 19.94 -19.78
N THR A 171 17.85 19.48 -19.17
CA THR A 171 16.55 20.15 -19.23
C THR A 171 16.32 21.13 -18.07
N CYS A 172 17.20 21.06 -17.07
CA CYS A 172 17.05 21.84 -15.86
C CYS A 172 18.40 22.20 -15.25
N PHE A 173 19.47 22.09 -16.03
CA PHE A 173 20.82 22.34 -15.57
C PHE A 173 21.71 22.74 -16.74
N CYS A 174 22.44 23.84 -16.60
CA CYS A 174 23.20 24.38 -17.69
C CYS A 174 24.38 25.19 -17.21
N PRO A 175 25.55 24.53 -17.09
CA PRO A 175 26.74 25.31 -16.75
C PRO A 175 27.11 26.30 -17.85
N LEU A 176 27.63 27.46 -17.48
CA LEU A 176 27.89 28.54 -18.40
C LEU A 176 29.33 29.00 -18.34
N ALA A 177 29.75 29.80 -19.30
CA ALA A 177 31.05 30.48 -19.25
C ALA A 177 31.23 31.29 -17.95
N ASN A 178 32.48 31.46 -17.55
CA ASN A 178 32.85 32.18 -16.32
C ASN A 178 32.35 31.58 -15.02
N GLY A 179 31.82 30.37 -15.06
CA GLY A 179 31.33 29.76 -13.85
C GLY A 179 29.91 30.06 -13.46
N TYR A 180 29.12 30.62 -14.35
CA TYR A 180 27.73 30.88 -14.04
C TYR A 180 26.94 29.58 -14.20
N LEU A 181 25.79 29.49 -13.57
CA LEU A 181 25.00 28.28 -13.62
C LEU A 181 23.56 28.64 -13.82
N LEU A 182 22.91 27.96 -14.75
CA LEU A 182 21.52 28.20 -15.04
C LEU A 182 20.77 26.94 -14.68
N TYR A 183 19.94 26.96 -13.65
CA TYR A 183 19.29 25.73 -13.26
C TYR A 183 17.92 25.91 -12.67
N TYR A 184 17.19 24.82 -12.54
CA TYR A 184 15.87 24.86 -11.93
C TYR A 184 15.85 24.00 -10.67
N PRO A 185 16.02 24.61 -9.50
CA PRO A 185 16.12 23.94 -8.21
C PRO A 185 15.03 22.90 -7.94
N GLY A 186 13.85 23.09 -8.52
CA GLY A 186 12.73 22.21 -8.26
C GLY A 186 12.82 20.82 -8.86
N ALA A 187 13.88 20.59 -9.63
CA ALA A 187 14.05 19.34 -10.35
C ALA A 187 14.99 18.41 -9.61
N PHE A 188 15.58 18.90 -8.51
CA PHE A 188 16.56 18.16 -7.75
C PHE A 188 16.07 17.91 -6.34
N ASP A 189 16.61 16.92 -5.64
CA ASP A 189 16.26 16.74 -4.24
C ASP A 189 17.12 17.62 -3.38
N SER A 190 16.97 17.52 -2.07
CA SER A 190 17.61 18.46 -1.16
C SER A 190 19.11 18.25 -1.07
N TYR A 191 19.54 17.01 -1.11
CA TYR A 191 20.97 16.74 -1.08
C TYR A 191 21.67 17.29 -2.33
N SER A 192 21.06 17.10 -3.50
CA SER A 192 21.63 17.58 -4.76
C SER A 192 21.72 19.11 -4.80
N ASN A 193 20.68 19.76 -4.30
CA ASN A 193 20.66 21.21 -4.15
C ASN A 193 21.70 21.71 -3.17
N ARG A 194 21.90 20.98 -2.07
CA ARG A 194 22.91 21.33 -1.11
C ARG A 194 24.26 21.33 -1.80
N LEU A 195 24.47 20.35 -2.68
CA LEU A 195 25.71 20.17 -3.40
C LEU A 195 26.03 21.31 -4.37
N ILE A 196 25.10 21.56 -5.29
CA ILE A 196 25.15 22.72 -6.16
C ILE A 196 25.49 24.01 -5.41
N GLU A 197 24.89 24.19 -4.23
CA GLU A 197 25.11 25.39 -3.44
C GLU A 197 26.47 25.44 -2.74
N MET A 198 27.14 24.29 -2.61
CA MET A 198 28.48 24.22 -2.06
C MET A 198 29.53 24.51 -3.09
N ARG A 199 29.21 24.29 -4.36
CA ARG A 199 30.21 24.32 -5.42
C ARG A 199 30.14 25.58 -6.24
N VAL A 200 28.97 26.20 -6.27
CA VAL A 200 28.74 27.38 -7.08
C VAL A 200 28.31 28.52 -6.20
N ALA A 201 29.03 29.63 -6.25
CA ALA A 201 28.72 30.76 -5.39
C ALA A 201 27.36 31.39 -5.75
N PRO A 202 26.67 31.99 -4.77
CA PRO A 202 25.34 32.56 -4.95
C PRO A 202 25.24 33.61 -6.06
N GLU A 203 26.26 34.43 -6.20
CA GLU A 203 26.25 35.44 -7.26
C GLU A 203 26.43 34.82 -8.64
N LYS A 204 26.72 33.52 -8.68
CA LYS A 204 26.94 32.84 -9.94
C LYS A 204 25.84 31.85 -10.27
N ARG A 205 24.95 31.63 -9.30
CA ARG A 205 23.77 30.81 -9.51
C ARG A 205 22.62 31.61 -10.12
N ILE A 206 22.07 31.14 -11.22
CA ILE A 206 20.87 31.76 -11.74
C ILE A 206 19.72 30.75 -11.70
N ALA A 207 19.02 30.75 -10.57
CA ALA A 207 17.88 29.87 -10.36
C ALA A 207 16.68 30.44 -11.08
N ILE A 208 16.05 29.65 -11.92
CA ILE A 208 14.97 30.17 -12.74
C ILE A 208 13.60 29.75 -12.21
N ALA A 209 12.57 30.40 -12.72
CA ALA A 209 11.21 30.16 -12.29
C ALA A 209 10.54 29.08 -13.14
N GLU A 210 9.52 28.41 -12.60
CA GLU A 210 8.88 27.34 -13.35
C GLU A 210 8.33 27.78 -14.71
N ALA A 211 7.86 29.02 -14.81
CA ALA A 211 7.41 29.52 -16.11
C ALA A 211 8.52 29.46 -17.17
N ASP A 212 9.77 29.71 -16.76
CA ASP A 212 10.89 29.66 -17.69
C ASP A 212 11.38 28.25 -17.96
N ALA A 213 11.30 27.40 -16.96
CA ALA A 213 11.79 26.04 -17.06
C ALA A 213 10.97 25.10 -17.93
N VAL A 214 9.68 25.32 -18.08
CA VAL A 214 8.86 24.44 -18.89
C VAL A 214 8.80 24.97 -20.32
N ASN A 215 9.48 26.07 -20.57
CA ASN A 215 9.82 26.49 -21.93
C ASN A 215 11.22 26.05 -22.33
N PHE A 216 11.87 25.33 -21.41
CA PHE A 216 13.18 24.70 -21.60
C PHE A 216 14.32 25.69 -21.61
N ALA A 217 14.23 26.72 -20.78
CA ALA A 217 15.28 27.75 -20.71
C ALA A 217 16.64 27.25 -20.22
N CYS A 218 16.69 26.17 -19.44
CA CYS A 218 17.97 25.55 -19.13
C CYS A 218 18.55 24.74 -20.27
N ASN A 219 17.71 24.33 -21.21
CA ASN A 219 18.18 23.58 -22.36
C ASN A 219 18.86 24.50 -23.35
N THR A 220 19.94 25.12 -22.89
CA THR A 220 20.56 26.26 -23.55
C THR A 220 21.93 25.90 -24.13
N VAL A 221 22.23 26.42 -25.31
CA VAL A 221 23.55 26.26 -25.88
C VAL A 221 24.36 27.52 -25.63
N ASN A 222 25.51 27.36 -24.99
CA ASN A 222 26.41 28.47 -24.68
C ASN A 222 27.73 28.30 -25.40
N VAL A 223 28.09 29.29 -26.21
CA VAL A 223 29.38 29.23 -26.88
C VAL A 223 30.42 30.02 -26.04
N GLU A 224 30.47 31.33 -26.17
CA GLU A 224 31.36 32.10 -25.31
C GLU A 224 30.49 32.97 -24.42
N SER A 225 30.12 34.15 -24.92
CA SER A 225 29.16 34.97 -24.21
C SER A 225 27.75 34.86 -24.77
N ILE A 226 27.53 33.92 -25.67
CA ILE A 226 26.23 33.80 -26.30
C ILE A 226 25.48 32.64 -25.72
N VAL A 227 24.21 32.84 -25.39
CA VAL A 227 23.34 31.73 -25.00
C VAL A 227 22.18 31.66 -25.97
N ILE A 228 21.94 30.49 -26.51
CA ILE A 228 20.83 30.26 -27.41
C ILE A 228 19.75 29.43 -26.74
N MET A 229 18.52 29.93 -26.76
CA MET A 229 17.41 29.10 -26.33
C MET A 229 16.15 29.33 -27.13
N ASN A 230 15.11 28.62 -26.73
CA ASN A 230 13.79 28.64 -27.32
C ASN A 230 13.05 29.92 -27.00
N LYS A 231 12.85 30.16 -25.71
CA LYS A 231 12.06 31.28 -25.25
C LYS A 231 12.55 31.68 -23.88
N ALA A 232 12.66 32.97 -23.64
CA ALA A 232 13.13 33.50 -22.38
C ALA A 232 12.22 34.61 -21.90
N SER A 233 11.84 34.57 -20.63
CA SER A 233 11.10 35.67 -20.03
C SER A 233 11.97 36.93 -20.01
N ASP A 234 11.35 38.09 -19.81
CA ASP A 234 12.11 39.32 -19.68
C ASP A 234 12.93 39.30 -18.40
N ALA A 235 12.39 38.70 -17.36
CA ALA A 235 13.13 38.60 -16.12
C ALA A 235 14.41 37.83 -16.35
N LEU A 236 14.33 36.76 -17.15
CA LEU A 236 15.48 35.93 -17.41
C LEU A 236 16.50 36.64 -18.28
N LYS A 237 16.06 37.28 -19.35
CA LYS A 237 16.93 38.11 -20.19
C LYS A 237 17.70 39.18 -19.42
N GLN A 238 17.04 39.85 -18.49
CA GLN A 238 17.72 40.86 -17.71
C GLN A 238 18.80 40.21 -16.88
N SER A 239 18.45 39.12 -16.20
CA SER A 239 19.42 38.40 -15.39
C SER A 239 20.68 38.00 -16.15
N LEU A 240 20.51 37.41 -17.33
CA LEU A 240 21.63 36.95 -18.12
C LEU A 240 22.46 38.09 -18.65
N THR A 241 21.83 39.06 -19.30
CA THR A 241 22.56 40.18 -19.86
C THR A 241 23.10 41.08 -18.76
N GLY A 242 22.52 40.99 -17.58
CA GLY A 242 23.09 41.69 -16.45
C GLY A 242 24.47 41.19 -16.06
N VAL A 243 24.79 39.94 -16.38
CA VAL A 243 26.09 39.40 -16.01
C VAL A 243 26.96 39.19 -17.24
N GLY A 244 26.47 39.62 -18.39
CA GLY A 244 27.29 39.74 -19.57
C GLY A 244 27.01 38.82 -20.75
N PHE A 245 25.92 38.06 -20.68
CA PHE A 245 25.58 37.15 -21.75
C PHE A 245 24.66 37.83 -22.74
N GLN A 246 24.77 37.44 -24.00
CA GLN A 246 23.85 37.94 -25.00
C GLN A 246 22.88 36.83 -25.37
N VAL A 247 21.59 37.10 -25.30
CA VAL A 247 20.57 36.07 -25.43
C VAL A 247 19.98 35.99 -26.84
N LEU A 248 19.95 34.80 -27.42
CA LEU A 248 19.36 34.64 -28.73
C LEU A 248 18.22 33.64 -28.70
N GLU A 249 17.03 34.10 -28.98
CA GLU A 249 15.87 33.24 -29.00
C GLU A 249 15.54 32.75 -30.39
N THR A 250 15.26 31.45 -30.49
CA THR A 250 14.85 30.83 -31.74
C THR A 250 13.79 29.75 -31.42
N PRO A 251 12.64 29.81 -32.08
CA PRO A 251 11.54 28.91 -31.74
C PRO A 251 11.80 27.43 -31.98
N LEU A 252 11.60 26.60 -30.97
CA LEU A 252 11.89 25.18 -31.09
C LEU A 252 10.76 24.30 -30.57
N THR A 253 9.53 24.71 -30.86
CA THR A 253 8.36 24.10 -30.26
C THR A 253 8.02 22.74 -30.81
N GLU A 254 8.42 22.44 -32.04
CA GLU A 254 8.13 21.14 -32.63
C GLU A 254 8.97 20.05 -31.99
N PHE A 255 10.04 20.47 -31.35
CA PHE A 255 10.94 19.54 -30.69
C PHE A 255 10.59 19.44 -29.21
N LEU A 256 9.98 20.48 -28.66
CA LEU A 256 9.44 20.40 -27.31
C LEU A 256 8.36 19.35 -27.20
N LYS A 257 7.70 19.08 -28.32
CA LYS A 257 6.68 18.05 -28.34
C LYS A 257 7.30 16.66 -28.12
N ALA A 258 8.59 16.52 -28.34
CA ALA A 258 9.28 15.26 -28.06
C ALA A 258 10.11 15.34 -26.79
N GLY A 259 10.16 16.50 -26.17
CA GLY A 259 10.89 16.67 -24.94
C GLY A 259 12.29 17.21 -25.04
N GLY A 260 12.61 17.89 -26.15
CA GLY A 260 13.90 18.54 -26.27
C GLY A 260 13.85 19.94 -26.83
N ALA A 261 14.89 20.73 -26.59
CA ALA A 261 15.03 22.03 -27.20
C ALA A 261 16.42 22.22 -27.83
N ALA A 262 16.98 23.41 -27.70
CA ALA A 262 18.26 23.76 -28.34
C ALA A 262 19.42 22.84 -27.94
N LYS A 263 19.70 22.72 -26.65
CA LYS A 263 20.87 21.96 -26.24
C LYS A 263 20.74 20.48 -26.52
N ALA A 264 19.52 19.97 -26.54
CA ALA A 264 19.26 18.57 -26.87
C ALA A 264 19.59 18.26 -28.34
N LEU A 265 19.52 19.26 -29.20
CA LEU A 265 19.79 19.06 -30.62
C LEU A 265 21.27 19.23 -31.01
N THR A 266 22.14 19.36 -30.02
CA THR A 266 23.55 19.56 -30.29
C THR A 266 24.38 18.70 -29.36
N LEU A 267 25.59 18.40 -29.81
CA LEU A 267 26.58 17.77 -28.97
C LEU A 267 27.92 18.44 -29.23
N ARG A 268 28.52 19.00 -28.19
CA ARG A 268 29.80 19.64 -28.35
C ARG A 268 30.89 18.59 -28.31
N VAL A 269 31.62 18.42 -29.40
CA VAL A 269 32.63 17.35 -29.43
C VAL A 269 34.03 17.88 -29.23
N THR A 270 34.17 19.20 -29.11
CA THR A 270 35.45 19.80 -28.75
C THR A 270 35.33 20.36 -27.35
N GLU A 271 35.81 19.60 -26.38
CA GLU A 271 35.68 19.99 -25.00
C GLU A 271 37.04 20.16 -24.35
N PRO A 272 37.17 21.16 -23.47
CA PRO A 272 38.43 21.58 -22.85
C PRO A 272 39.05 20.49 -21.98
N VAL A 273 40.28 20.12 -22.29
CA VAL A 273 40.97 19.12 -21.51
C VAL A 273 42.09 19.73 -20.67
N ARG A 274 41.95 19.64 -19.35
CA ARG A 274 42.99 20.09 -18.46
C ARG A 274 43.87 18.95 -18.01
N ASP A 275 45.17 19.21 -17.98
CA ASP A 275 46.16 18.20 -17.60
C ASP A 275 46.09 17.88 -16.11
N GLU A 276 45.61 18.82 -15.31
CA GLU A 276 45.57 18.69 -13.86
C GLU A 276 44.32 17.97 -13.40
N VAL A 277 43.45 17.65 -14.35
CA VAL A 277 42.15 17.07 -14.05
C VAL A 277 42.14 15.57 -14.26
N HIS A 278 41.84 14.81 -13.21
CA HIS A 278 41.86 13.36 -13.29
C HIS A 278 40.64 12.71 -12.64
N ALA A 279 40.48 11.42 -12.86
CA ALA A 279 39.34 10.65 -12.35
C ALA A 279 39.11 10.78 -10.85
N ASN A 280 37.84 10.88 -10.46
CA ASN A 280 37.47 11.00 -9.06
C ASN A 280 36.01 10.63 -8.86
N VAL A 281 35.77 9.69 -7.96
CA VAL A 281 34.43 9.16 -7.75
C VAL A 281 33.95 9.40 -6.33
N TYR A 282 32.77 9.98 -6.17
CA TYR A 282 32.20 10.09 -4.83
C TYR A 282 31.20 8.97 -4.61
N VAL A 283 30.77 8.33 -5.69
CA VAL A 283 29.90 7.18 -5.59
C VAL A 283 30.54 6.09 -4.74
N GLU A 284 29.77 5.57 -3.80
CA GLU A 284 30.19 4.47 -2.98
C GLU A 284 29.29 3.27 -3.17
N SER A 285 29.82 2.09 -2.89
CA SER A 285 29.02 0.90 -3.04
C SER A 285 29.42 -0.11 -1.99
N ARG A 286 28.48 -0.98 -1.68
CA ARG A 286 28.56 -1.84 -0.54
C ARG A 286 27.63 -3.03 -0.79
N ILE A 287 28.06 -4.23 -0.45
CA ILE A 287 27.23 -5.40 -0.71
C ILE A 287 26.61 -5.92 0.54
N ILE A 288 25.30 -6.03 0.54
CA ILE A 288 24.58 -6.54 1.68
C ILE A 288 23.93 -7.87 1.37
N ARG A 289 23.66 -8.66 2.40
CA ARG A 289 22.95 -9.90 2.23
C ARG A 289 21.65 -9.83 3.02
N ILE A 290 20.59 -10.38 2.46
CA ILE A 290 19.30 -10.35 3.13
C ILE A 290 18.55 -11.66 2.94
N GLU A 291 17.94 -12.17 4.00
CA GLU A 291 17.30 -13.48 3.94
C GLU A 291 15.98 -13.52 4.70
N GLY A 292 15.04 -14.30 4.17
CA GLY A 292 13.73 -14.45 4.76
C GLY A 292 12.76 -14.92 3.71
N HIS A 293 11.51 -14.51 3.83
CA HIS A 293 10.55 -14.78 2.78
C HIS A 293 10.39 -13.55 1.92
N LEU A 294 11.37 -13.35 1.05
CA LEU A 294 11.53 -12.13 0.28
C LEU A 294 10.43 -11.89 -0.73
N LEU A 295 10.13 -12.92 -1.51
CA LEU A 295 9.05 -12.87 -2.48
C LEU A 295 7.70 -12.77 -1.80
N ASP A 296 7.65 -13.29 -0.59
CA ASP A 296 6.42 -13.58 0.11
C ASP A 296 5.87 -12.38 0.88
N SER A 297 6.72 -11.81 1.73
CA SER A 297 6.33 -10.70 2.59
C SER A 297 6.71 -9.38 1.96
N GLY A 298 7.13 -9.42 0.72
CA GLY A 298 7.51 -8.23 -0.02
C GLY A 298 8.63 -7.48 0.66
N LEU A 299 9.53 -8.21 1.31
CA LEU A 299 10.62 -7.59 2.03
C LEU A 299 11.68 -7.09 1.06
N ILE A 300 11.94 -7.85 0.01
CA ILE A 300 13.00 -7.49 -0.91
C ILE A 300 12.58 -6.28 -1.71
N ASN A 301 11.28 -6.18 -1.97
CA ASN A 301 10.73 -5.02 -2.65
C ASN A 301 10.66 -3.79 -1.74
N ARG A 302 10.43 -4.02 -0.45
CA ARG A 302 10.50 -3.00 0.56
C ARG A 302 11.87 -2.34 0.55
N ALA A 303 12.91 -3.17 0.64
CA ALA A 303 14.27 -2.69 0.79
C ALA A 303 14.78 -1.99 -0.46
N LEU A 304 14.46 -2.51 -1.64
CA LEU A 304 14.93 -1.88 -2.86
C LEU A 304 14.24 -0.56 -3.06
N ASP A 305 12.97 -0.49 -2.73
CA ASP A 305 12.25 0.76 -2.80
C ASP A 305 12.88 1.83 -1.90
N MET A 306 13.32 1.43 -0.71
CA MET A 306 13.89 2.37 0.25
C MET A 306 15.23 2.91 -0.20
N ILE A 307 15.98 2.08 -0.92
CA ILE A 307 17.24 2.50 -1.49
C ILE A 307 17.08 3.57 -2.55
N VAL A 308 16.17 3.34 -3.50
CA VAL A 308 15.97 4.29 -4.58
C VAL A 308 15.40 5.61 -4.05
N ASP A 309 14.44 5.47 -3.14
CA ASP A 309 13.73 6.59 -2.58
C ASP A 309 14.65 7.51 -1.82
N THR A 310 15.64 6.92 -1.18
CA THR A 310 16.63 7.65 -0.41
C THR A 310 17.72 8.25 -1.31
N GLY A 311 17.74 7.88 -2.58
CA GLY A 311 18.66 8.50 -3.51
C GLY A 311 19.84 7.64 -3.90
N GLY A 312 19.74 6.37 -3.60
CA GLY A 312 20.79 5.44 -3.95
C GLY A 312 20.37 4.55 -5.09
N SER A 313 21.12 3.48 -5.32
CA SER A 313 20.79 2.54 -6.39
C SER A 313 21.24 1.14 -6.02
N PHE A 314 20.96 0.18 -6.87
CA PHE A 314 21.25 -1.19 -6.53
C PHE A 314 21.51 -2.08 -7.74
N GLN A 315 22.25 -3.16 -7.51
CA GLN A 315 22.29 -4.26 -8.45
C GLN A 315 22.17 -5.53 -7.64
N VAL A 316 21.13 -6.31 -7.88
CA VAL A 316 21.02 -7.62 -7.27
C VAL A 316 22.02 -8.57 -7.91
N LEU A 317 22.98 -9.04 -7.11
CA LEU A 317 23.99 -9.95 -7.60
C LEU A 317 23.53 -11.42 -7.70
N ASN A 318 22.75 -11.88 -6.75
CA ASN A 318 22.18 -13.21 -6.86
C ASN A 318 20.97 -13.40 -5.98
N PHE A 319 20.02 -14.16 -6.49
CA PHE A 319 18.84 -14.55 -5.76
C PHE A 319 18.75 -16.06 -5.78
N ASN A 320 18.51 -16.66 -4.62
CA ASN A 320 18.45 -18.11 -4.52
C ASN A 320 17.27 -18.57 -3.70
N LEU A 321 16.32 -19.22 -4.35
CA LEU A 321 15.17 -19.81 -3.67
C LEU A 321 15.63 -20.85 -2.65
N GLY A 322 14.84 -21.07 -1.61
CA GLY A 322 15.19 -22.05 -0.60
C GLY A 322 15.21 -23.51 -1.04
N GLU A 323 15.64 -24.37 -0.13
CA GLU A 323 15.69 -25.82 -0.33
C GLU A 323 14.35 -26.41 -0.77
N GLN A 324 13.43 -26.47 0.19
CA GLN A 324 12.09 -26.99 -0.04
C GLN A 324 11.14 -25.87 -0.36
N ARG A 325 9.87 -26.20 -0.38
CA ARG A 325 8.81 -25.29 -0.78
C ARG A 325 8.58 -24.17 0.23
N GLN A 326 8.82 -24.43 1.50
CA GLN A 326 8.53 -23.43 2.53
C GLN A 326 9.79 -22.79 3.05
N SER A 327 10.87 -22.83 2.27
CA SER A 327 12.13 -22.34 2.78
C SER A 327 12.32 -20.83 2.61
N THR A 328 13.39 -20.32 3.21
CA THR A 328 13.71 -18.92 3.09
C THR A 328 14.54 -18.68 1.85
N SER A 329 14.34 -17.52 1.23
CA SER A 329 15.10 -17.13 0.06
C SER A 329 16.27 -16.24 0.50
N ALA A 330 17.28 -16.13 -0.35
CA ALA A 330 18.43 -15.33 -0.01
C ALA A 330 18.86 -14.50 -1.19
N ALA A 331 19.13 -13.22 -0.95
CA ALA A 331 19.64 -12.35 -1.99
C ALA A 331 20.91 -11.64 -1.55
N GLU A 332 21.75 -11.29 -2.52
CA GLU A 332 22.88 -10.42 -2.26
C GLU A 332 22.77 -9.23 -3.17
N VAL A 333 22.80 -8.05 -2.57
CA VAL A 333 22.52 -6.83 -3.30
C VAL A 333 23.67 -5.86 -3.16
N LYS A 334 24.19 -5.45 -4.31
CA LYS A 334 25.15 -4.37 -4.35
C LYS A 334 24.38 -3.07 -4.26
N VAL A 335 24.59 -2.34 -3.16
CA VAL A 335 23.92 -1.08 -2.95
C VAL A 335 24.85 0.08 -3.29
N SER A 336 24.33 1.08 -4.00
CA SER A 336 25.12 2.23 -4.41
C SER A 336 24.54 3.56 -3.93
N ALA A 337 25.41 4.47 -3.49
CA ALA A 337 25.02 5.82 -3.11
C ALA A 337 25.90 6.87 -3.79
N PRO A 338 25.38 8.09 -3.97
CA PRO A 338 26.17 9.16 -4.55
C PRO A 338 27.17 9.77 -3.59
N SER A 339 26.98 9.55 -2.31
CA SER A 339 27.91 10.05 -1.30
C SER A 339 27.86 9.20 -0.05
N HIS A 340 28.79 9.43 0.85
CA HIS A 340 28.81 8.71 2.10
C HIS A 340 27.61 9.07 2.95
N GLU A 341 27.27 10.36 3.00
CA GLU A 341 26.13 10.82 3.76
C GLU A 341 24.86 10.09 3.36
N VAL A 342 24.70 9.84 2.08
CA VAL A 342 23.52 9.16 1.57
C VAL A 342 23.67 7.67 1.82
N MET A 343 24.89 7.19 1.84
CA MET A 343 25.09 5.78 2.08
C MET A 343 24.70 5.48 3.50
N GLU A 344 24.98 6.39 4.41
CA GLU A 344 24.67 6.13 5.81
C GLU A 344 23.18 6.11 6.08
N GLU A 345 22.43 6.98 5.40
CA GLU A 345 20.99 6.96 5.52
C GLU A 345 20.43 5.65 4.99
N ILE A 346 20.94 5.18 3.86
CA ILE A 346 20.48 3.92 3.27
C ILE A 346 20.81 2.70 4.11
N ILE A 347 22.03 2.61 4.61
CA ILE A 347 22.45 1.45 5.38
C ILE A 347 21.75 1.41 6.73
N SER A 348 21.51 2.57 7.34
CA SER A 348 20.68 2.63 8.53
C SER A 348 19.32 2.01 8.30
N LEU A 349 18.73 2.29 7.15
CA LEU A 349 17.39 1.80 6.83
C LEU A 349 17.38 0.30 6.56
N LEU A 350 18.46 -0.23 6.00
CA LEU A 350 18.58 -1.66 5.70
C LEU A 350 18.98 -2.48 6.91
N ILE A 351 19.85 -1.95 7.75
CA ILE A 351 20.16 -2.58 9.02
C ILE A 351 18.88 -2.91 9.79
N ASP A 352 18.02 -1.91 9.85
CA ASP A 352 16.72 -2.00 10.49
C ASP A 352 15.89 -3.19 9.98
N LEU A 353 16.01 -3.48 8.68
CA LEU A 353 15.26 -4.56 8.06
C LEU A 353 15.87 -5.94 8.21
N GLY A 354 17.09 -6.01 8.77
CA GLY A 354 17.78 -7.27 8.92
C GLY A 354 18.82 -7.59 7.85
N ALA A 355 19.22 -6.61 7.06
CA ALA A 355 20.29 -6.86 6.12
C ALA A 355 21.62 -6.89 6.87
N VAL A 356 22.56 -7.69 6.40
CA VAL A 356 23.84 -7.83 7.06
C VAL A 356 24.99 -7.83 6.05
N ASP A 357 26.19 -7.55 6.54
CA ASP A 357 27.36 -7.48 5.68
C ASP A 357 27.84 -8.86 5.26
N LEU A 358 28.51 -8.91 4.12
CA LEU A 358 29.32 -10.08 3.72
C LEU A 358 30.40 -10.35 4.76
N PRO A 359 30.61 -11.63 5.10
CA PRO A 359 31.61 -12.03 6.10
C PRO A 359 32.95 -11.36 5.88
N GLN A 360 33.38 -11.33 4.63
CA GLN A 360 34.61 -10.66 4.20
C GLN A 360 34.65 -9.15 4.46
N ASP A 361 33.49 -8.53 4.69
CA ASP A 361 33.40 -7.07 4.86
C ASP A 361 32.93 -6.63 6.25
N GLU A 362 32.65 -7.58 7.13
CA GLU A 362 32.30 -7.25 8.50
C GLU A 362 33.41 -6.44 9.15
N ARG A 363 33.04 -5.44 9.95
CA ARG A 363 34.01 -4.56 10.60
C ARG A 363 33.59 -4.22 11.99
N ASP A 364 34.53 -3.80 12.83
CA ASP A 364 34.17 -3.26 14.12
C ASP A 364 33.40 -1.95 13.93
N ALA A 365 32.50 -1.66 14.85
CA ALA A 365 31.87 -0.35 14.86
C ALA A 365 32.93 0.72 15.12
N LYS A 366 32.78 1.90 14.53
CA LYS A 366 33.64 3.02 14.86
C LYS A 366 33.19 3.62 16.18
N LEU A 367 34.12 4.11 16.96
CA LEU A 367 33.80 4.80 18.19
C LEU A 367 34.45 6.16 18.26
N GLU A 368 33.71 7.13 18.79
CA GLU A 368 34.27 8.44 19.11
C GLU A 368 33.86 8.78 20.53
N PRO A 369 34.73 9.48 21.27
CA PRO A 369 34.41 9.81 22.67
C PRO A 369 33.42 10.97 22.86
N VAL A 370 32.79 11.00 24.02
CA VAL A 370 31.97 12.13 24.42
C VAL A 370 32.83 13.11 25.21
N ILE A 371 32.79 14.38 24.84
CA ILE A 371 33.60 15.34 25.55
C ILE A 371 32.72 16.37 26.28
N GLN A 372 31.45 16.38 25.97
CA GLN A 372 30.50 17.22 26.67
C GLN A 372 29.35 16.38 27.20
N ASP A 373 28.98 16.55 28.46
CA ASP A 373 27.81 15.88 29.01
C ASP A 373 26.58 16.16 28.16
N GLY A 374 25.86 15.11 27.79
CA GLY A 374 24.62 15.29 27.07
C GLY A 374 24.75 15.69 25.62
N VAL A 375 25.96 15.54 25.09
CA VAL A 375 26.19 15.76 23.66
C VAL A 375 26.91 14.56 23.06
N ALA A 376 26.44 14.12 21.90
CA ALA A 376 27.05 13.01 21.21
C ALA A 376 28.08 13.50 20.19
N PRO A 377 29.05 12.66 19.82
CA PRO A 377 29.93 13.13 18.77
C PRO A 377 29.28 13.09 17.40
N ASP A 378 29.78 13.95 16.51
CA ASP A 378 29.34 14.06 15.13
C ASP A 378 29.20 12.69 14.47
N ASP A 379 27.99 12.45 13.94
CA ASP A 379 27.63 11.28 13.14
C ASP A 379 27.43 9.99 13.96
N PHE A 380 26.91 10.16 15.16
CA PHE A 380 26.50 9.03 15.97
C PHE A 380 25.38 8.24 15.30
N TYR A 381 25.35 6.94 15.53
CA TYR A 381 24.29 6.11 15.00
C TYR A 381 23.02 6.26 15.84
N VAL A 382 21.88 6.34 15.16
CA VAL A 382 20.60 6.51 15.81
C VAL A 382 19.90 5.16 15.92
N SER A 383 19.67 4.73 17.16
CA SER A 383 19.11 3.43 17.41
C SER A 383 17.67 3.32 16.97
N THR A 384 17.16 2.10 16.89
CA THR A 384 15.78 1.86 16.51
C THR A 384 15.09 1.14 17.64
N ILE A 385 13.84 0.74 17.43
CA ILE A 385 13.11 0.02 18.47
C ILE A 385 13.49 -1.45 18.51
N TYR A 386 14.27 -1.91 17.53
CA TYR A 386 14.55 -3.33 17.39
C TYR A 386 15.79 -3.81 18.13
N PRO A 387 15.83 -5.10 18.48
CA PRO A 387 17.00 -5.65 19.16
C PRO A 387 18.25 -5.55 18.30
N THR A 388 19.38 -5.23 18.90
CA THR A 388 20.55 -4.78 18.15
C THR A 388 21.81 -5.36 18.75
N GLU A 389 22.71 -5.83 17.88
CA GLU A 389 24.04 -6.26 18.28
C GLU A 389 25.07 -5.37 17.60
N VAL A 390 26.11 -4.99 18.32
CA VAL A 390 27.19 -4.25 17.70
C VAL A 390 28.49 -5.00 17.84
N ARG A 391 29.44 -4.71 16.96
CA ARG A 391 30.65 -5.51 16.91
C ARG A 391 31.84 -4.72 17.44
N ILE A 392 32.37 -5.17 18.56
CA ILE A 392 33.47 -4.51 19.25
C ILE A 392 34.59 -5.53 19.44
N ASN A 393 35.81 -5.17 19.04
CA ASN A 393 36.95 -6.08 19.13
C ASN A 393 36.67 -7.47 18.61
N GLY A 394 36.00 -7.56 17.46
CA GLY A 394 35.70 -8.84 16.87
C GLY A 394 34.47 -9.50 17.43
N GLN A 395 34.00 -9.04 18.58
CA GLN A 395 32.86 -9.65 19.25
C GLN A 395 31.55 -8.91 18.99
N TRP A 396 30.51 -9.65 18.63
CA TRP A 396 29.15 -9.13 18.57
C TRP A 396 28.53 -9.16 19.95
N ILE A 397 27.99 -8.05 20.40
CA ILE A 397 27.38 -8.01 21.72
C ILE A 397 26.02 -7.36 21.67
N LYS A 398 25.11 -7.83 22.51
CA LYS A 398 23.74 -7.33 22.52
C LYS A 398 23.66 -5.96 23.20
N VAL A 399 23.00 -5.01 22.55
CA VAL A 399 22.79 -3.71 23.15
C VAL A 399 21.70 -3.80 24.20
N GLU A 400 21.91 -3.18 25.35
CA GLU A 400 20.92 -3.18 26.40
C GLU A 400 20.14 -1.88 26.47
N ASN A 401 18.96 -1.94 27.07
CA ASN A 401 18.06 -0.80 27.23
C ASN A 401 17.66 -0.18 25.91
N GLN A 402 17.39 -1.02 24.91
CA GLN A 402 16.98 -0.55 23.61
C GLN A 402 15.80 0.39 23.71
N ARG A 403 15.75 1.33 22.78
CA ARG A 403 14.87 2.48 22.79
C ARG A 403 15.21 3.20 21.51
N MET A 404 14.27 3.88 20.89
CA MET A 404 14.51 4.33 19.54
C MET A 404 15.36 5.61 19.34
N ASP A 405 15.07 6.76 19.89
CA ASP A 405 15.88 7.85 19.34
C ASP A 405 17.13 8.16 20.17
N GLY A 406 17.96 7.15 20.33
CA GLY A 406 19.10 7.27 21.22
C GLY A 406 20.46 7.08 20.54
N ALA A 407 21.52 7.12 21.32
CA ALA A 407 22.85 6.76 20.87
C ALA A 407 23.28 5.45 21.54
N ILE A 408 24.34 4.81 21.06
CA ILE A 408 24.83 3.62 21.72
C ILE A 408 26.18 3.89 22.34
N ALA A 409 26.28 3.68 23.64
CA ALA A 409 27.48 3.97 24.40
C ALA A 409 28.21 2.70 24.77
N ILE A 410 29.52 2.68 24.56
CA ILE A 410 30.32 1.53 24.98
C ILE A 410 31.22 1.86 26.17
N THR A 411 31.24 0.99 27.16
CA THR A 411 32.06 1.17 28.35
C THR A 411 32.67 -0.15 28.80
N GLN A 412 33.77 -0.06 29.54
CA GLN A 412 34.41 -1.24 30.08
C GLN A 412 33.98 -1.42 31.53
N THR A 413 33.61 -2.65 31.87
CA THR A 413 33.15 -2.97 33.21
C THR A 413 33.88 -4.20 33.69
N PRO A 414 33.84 -4.48 35.01
CA PRO A 414 34.40 -5.72 35.56
C PRO A 414 34.04 -6.98 34.77
N ASN A 415 32.75 -7.13 34.46
CA ASN A 415 32.25 -8.36 33.84
C ASN A 415 32.28 -8.37 32.31
N GLY A 416 33.06 -7.46 31.72
CA GLY A 416 33.15 -7.38 30.28
C GLY A 416 32.68 -6.05 29.73
N LEU A 417 32.50 -5.99 28.41
CA LEU A 417 32.08 -4.78 27.72
C LEU A 417 30.57 -4.60 27.76
N LEU A 418 30.13 -3.39 28.06
CA LEU A 418 28.71 -3.09 28.09
C LEU A 418 28.34 -2.14 26.95
N ALA A 419 27.33 -2.51 26.17
CA ALA A 419 26.83 -1.66 25.10
C ALA A 419 25.45 -1.21 25.48
N GLN A 420 25.28 0.09 25.60
CA GLN A 420 24.07 0.62 26.19
C GLN A 420 23.42 1.69 25.35
N CYS A 421 22.11 1.56 25.16
CA CYS A 421 21.34 2.57 24.48
C CYS A 421 21.02 3.71 25.43
N LYS A 422 21.39 4.93 25.07
CA LYS A 422 21.11 6.11 25.88
C LYS A 422 20.50 7.25 25.09
N ILE A 423 19.62 8.02 25.70
CA ILE A 423 19.17 9.26 25.08
C ILE A 423 20.28 10.30 25.20
N LEU A 424 20.27 11.28 24.30
CA LEU A 424 21.31 12.30 24.21
C LEU A 424 21.70 12.97 25.51
N ARG A 425 20.73 13.39 26.31
CA ARG A 425 21.02 14.14 27.52
C ARG A 425 21.63 13.30 28.63
N ASP A 426 21.67 11.99 28.43
CA ASP A 426 22.19 11.09 29.44
C ASP A 426 23.63 10.71 29.21
N LEU A 427 24.17 11.10 28.07
CA LEU A 427 25.55 10.82 27.73
C LEU A 427 26.53 11.57 28.63
N LYS A 428 27.54 10.88 29.12
CA LYS A 428 28.49 11.50 30.04
C LYS A 428 29.87 11.55 29.40
N ALA A 429 30.64 12.59 29.72
CA ALA A 429 31.98 12.74 29.19
C ALA A 429 32.86 11.53 29.52
N GLY A 430 33.62 11.06 28.54
CA GLY A 430 34.41 9.87 28.72
C GLY A 430 33.84 8.69 27.97
N GLU A 431 32.52 8.62 27.88
CA GLU A 431 31.85 7.53 27.21
C GLU A 431 32.23 7.47 25.74
N GLN A 432 32.29 6.25 25.22
CA GLN A 432 32.57 6.06 23.81
C GLN A 432 31.27 5.77 23.09
N VAL A 433 31.04 6.43 21.97
CA VAL A 433 29.78 6.32 21.26
C VAL A 433 30.02 5.83 19.84
N ILE A 434 29.18 4.92 19.39
CA ILE A 434 29.23 4.39 18.04
C ILE A 434 28.87 5.47 16.99
N VAL A 435 29.75 5.64 16.00
CA VAL A 435 29.47 6.53 14.89
C VAL A 435 29.55 5.74 13.58
N ASP A 436 29.15 6.36 12.48
CA ASP A 436 29.09 5.77 11.16
C ASP A 436 28.07 4.63 11.16
N VAL A 437 28.16 3.69 10.24
CA VAL A 437 27.17 2.63 10.17
C VAL A 437 27.79 1.23 10.12
N LEU A 438 29.03 1.09 10.57
CA LEU A 438 29.70 -0.20 10.56
C LEU A 438 29.43 -0.96 11.84
N GLY A 439 29.43 -2.29 11.76
CA GLY A 439 29.45 -3.14 12.93
C GLY A 439 28.14 -3.28 13.65
N ILE A 440 27.03 -3.18 12.91
CA ILE A 440 25.71 -3.08 13.51
C ILE A 440 24.71 -4.00 12.83
N ARG A 441 23.98 -4.78 13.62
CA ARG A 441 22.90 -5.57 13.04
C ARG A 441 21.78 -5.70 14.04
N THR A 442 20.59 -5.99 13.53
CA THR A 442 19.44 -6.18 14.37
C THR A 442 19.04 -7.63 14.33
N ILE A 443 18.40 -8.11 15.39
CA ILE A 443 18.00 -9.51 15.49
C ILE A 443 16.50 -9.65 15.46
N ARG A 444 15.91 -9.46 14.29
CA ARG A 444 14.49 -9.68 14.12
C ARG A 444 14.22 -10.63 12.95
N VAL A 464 -12.91 21.92 6.22
CA VAL A 464 -14.20 21.82 5.58
C VAL A 464 -14.83 23.19 5.43
N SER A 465 -14.05 24.25 5.62
CA SER A 465 -14.50 25.62 5.32
C SER A 465 -14.60 25.84 3.82
N SER A 466 -15.68 26.45 3.36
CA SER A 466 -15.83 26.69 1.94
C SER A 466 -14.75 27.63 1.41
N GLU A 467 -14.64 27.74 0.11
CA GLU A 467 -13.60 28.58 -0.46
C GLU A 467 -13.94 30.01 -0.17
N ARG A 468 -15.22 30.30 -0.27
CA ARG A 468 -15.74 31.64 -0.09
C ARG A 468 -15.41 32.15 1.31
N ARG A 469 -15.50 31.28 2.31
CA ARG A 469 -15.24 31.73 3.67
C ARG A 469 -13.78 31.90 3.99
N VAL A 470 -12.93 31.00 3.52
CA VAL A 470 -11.52 31.12 3.83
C VAL A 470 -10.99 32.40 3.22
N GLU A 471 -11.52 32.81 2.08
CA GLU A 471 -11.05 34.03 1.45
C GLU A 471 -11.49 35.27 2.24
N LEU A 472 -12.75 35.28 2.65
CA LEU A 472 -13.29 36.37 3.45
C LEU A 472 -12.56 36.51 4.77
N VAL A 473 -12.22 35.42 5.43
CA VAL A 473 -11.48 35.50 6.67
C VAL A 473 -10.04 35.95 6.42
N VAL A 474 -9.48 35.54 5.29
CA VAL A 474 -8.12 35.96 4.95
C VAL A 474 -8.09 37.47 4.71
N GLU A 475 -9.15 37.99 4.09
CA GLU A 475 -9.34 39.44 3.96
C GLU A 475 -9.33 40.15 5.31
N GLN A 476 -10.20 39.72 6.21
CA GLN A 476 -10.30 40.27 7.54
C GLN A 476 -9.01 40.21 8.34
N VAL A 477 -8.44 39.02 8.50
CA VAL A 477 -7.26 38.86 9.35
C VAL A 477 -6.06 39.65 8.81
N ALA A 478 -5.93 39.68 7.49
CA ALA A 478 -4.86 40.44 6.84
C ALA A 478 -5.00 41.93 7.11
N TRP A 479 -6.20 42.45 6.89
CA TRP A 479 -6.53 43.83 7.22
C TRP A 479 -6.23 44.16 8.69
N GLU A 480 -6.47 43.20 9.57
CA GLU A 480 -6.22 43.42 10.99
C GLU A 480 -4.74 43.31 11.34
N LEU A 481 -4.01 42.45 10.68
CA LEU A 481 -2.58 42.39 10.91
C LEU A 481 -1.89 43.65 10.44
N ARG A 482 -2.33 44.18 9.31
CA ARG A 482 -1.75 45.39 8.77
C ARG A 482 -2.00 46.54 9.73
N LYS A 483 -3.26 46.70 10.09
CA LYS A 483 -3.69 47.70 11.06
C LYS A 483 -2.85 47.69 12.34
N ILE A 484 -2.73 46.53 12.96
CA ILE A 484 -2.01 46.40 14.20
C ILE A 484 -0.51 46.69 14.03
N ARG A 485 0.05 46.35 12.88
CA ARG A 485 1.47 46.57 12.69
C ARG A 485 1.77 48.06 12.61
N ASP A 486 0.91 48.80 11.90
CA ASP A 486 1.05 50.25 11.75
C ASP A 486 0.88 50.98 13.06
N ALA A 487 0.10 50.40 13.96
CA ALA A 487 -0.28 51.05 15.19
C ALA A 487 0.72 50.84 16.32
N GLY A 488 1.72 50.01 16.07
CA GLY A 488 2.64 49.60 17.12
C GLY A 488 2.00 48.66 18.11
N GLY A 489 1.01 47.91 17.63
CA GLY A 489 0.35 46.92 18.46
C GLY A 489 1.18 45.68 18.69
N LYS A 490 0.55 44.64 19.19
CA LYS A 490 1.23 43.41 19.55
C LYS A 490 0.43 42.21 19.08
N VAL A 491 1.00 41.45 18.17
CA VAL A 491 0.40 40.20 17.70
C VAL A 491 1.21 39.04 18.22
N VAL A 492 0.55 38.04 18.77
CA VAL A 492 1.21 36.85 19.29
C VAL A 492 0.80 35.63 18.51
N VAL A 493 1.78 34.84 18.08
CA VAL A 493 1.49 33.60 17.36
C VAL A 493 1.82 32.36 18.19
N THR A 494 0.90 31.41 18.21
CA THR A 494 1.16 30.11 18.79
C THR A 494 0.99 29.10 17.68
N ALA A 495 2.00 28.27 17.46
CA ALA A 495 2.02 27.39 16.30
C ALA A 495 2.61 26.05 16.65
N GLY A 496 2.08 24.99 16.03
CA GLY A 496 2.61 23.66 16.21
C GLY A 496 3.40 23.17 15.01
N PRO A 497 4.07 22.02 15.15
CA PRO A 497 4.89 21.44 14.09
C PRO A 497 4.19 21.19 12.75
N VAL A 498 2.86 21.09 12.73
CA VAL A 498 2.14 20.87 11.49
C VAL A 498 2.35 22.02 10.50
N VAL A 499 2.51 23.23 11.01
CA VAL A 499 2.88 24.39 10.19
C VAL A 499 4.09 24.10 9.30
N ILE A 500 5.09 23.41 9.85
CA ILE A 500 6.30 23.06 9.13
C ILE A 500 6.11 21.79 8.31
N HIS A 501 5.45 20.79 8.87
CA HIS A 501 5.18 19.53 8.15
C HIS A 501 4.45 19.79 6.86
N THR A 502 3.41 20.61 6.95
CA THR A 502 2.53 20.85 5.84
C THR A 502 3.24 21.65 4.75
N GLY A 503 4.26 22.42 5.15
CA GLY A 503 5.05 23.21 4.23
C GLY A 503 4.81 24.70 4.32
N GLY A 504 4.38 25.19 5.48
CA GLY A 504 4.02 26.58 5.63
C GLY A 504 4.98 27.47 6.39
N GLY A 505 6.16 26.96 6.72
CA GLY A 505 7.16 27.70 7.47
C GLY A 505 7.80 28.93 6.86
N GLU A 506 8.00 28.97 5.54
CA GLU A 506 8.52 30.18 4.91
C GLU A 506 7.51 31.32 5.01
N HIS A 507 6.24 30.97 4.97
CA HIS A 507 5.21 31.94 5.16
C HIS A 507 5.21 32.48 6.58
N LEU A 508 5.40 31.60 7.56
CA LEU A 508 5.50 32.04 8.93
C LEU A 508 6.74 32.89 9.17
N SER A 509 7.86 32.54 8.53
CA SER A 509 9.08 33.26 8.86
C SER A 509 9.05 34.60 8.14
N ARG A 510 8.31 34.67 7.05
CA ARG A 510 8.10 35.96 6.41
C ARG A 510 7.25 36.91 7.24
N LEU A 511 6.21 36.39 7.90
CA LEU A 511 5.42 37.21 8.80
C LEU A 511 6.26 37.79 9.91
N ILE A 512 7.11 36.97 10.50
CA ILE A 512 7.98 37.39 11.58
C ILE A 512 9.01 38.41 11.13
N ARG A 513 9.49 38.23 9.90
CA ARG A 513 10.52 39.08 9.32
C ARG A 513 10.02 40.47 8.94
N GLU A 514 8.77 40.55 8.49
CA GLU A 514 8.18 41.78 8.06
C GLU A 514 7.42 42.54 9.16
N GLY A 515 7.54 42.07 10.39
CA GLY A 515 7.06 42.81 11.54
C GLY A 515 5.64 42.58 12.06
N TYR A 516 4.93 41.61 11.49
CA TYR A 516 3.58 41.34 11.97
C TYR A 516 3.51 40.41 13.19
N VAL A 517 4.65 39.97 13.74
CA VAL A 517 4.62 39.06 14.89
C VAL A 517 5.53 39.50 16.02
N GLN A 518 4.98 39.65 17.22
CA GLN A 518 5.69 40.24 18.34
C GLN A 518 6.11 39.22 19.38
N ALA A 519 5.60 38.01 19.28
CA ALA A 519 6.00 36.95 20.16
C ALA A 519 5.58 35.62 19.56
N LEU A 520 6.39 34.59 19.76
CA LEU A 520 6.06 33.27 19.25
C LEU A 520 6.03 32.26 20.39
N LEU A 521 4.92 31.58 20.51
CA LEU A 521 4.74 30.62 21.57
C LEU A 521 4.58 29.26 20.96
N GLY A 522 5.40 28.31 21.37
CA GLY A 522 5.32 26.99 20.81
C GLY A 522 5.85 25.91 21.71
N GLY A 523 6.35 24.86 21.07
CA GLY A 523 6.91 23.72 21.76
C GLY A 523 8.25 23.35 21.17
N ASN A 524 8.82 22.27 21.69
CA ASN A 524 10.07 21.73 21.20
C ASN A 524 10.04 21.34 19.73
N ALA A 525 8.99 20.64 19.32
CA ALA A 525 8.93 20.05 17.99
C ALA A 525 8.91 21.04 16.84
N ILE A 526 8.21 22.15 16.99
CA ILE A 526 8.13 23.08 15.88
C ILE A 526 9.49 23.74 15.66
N ALA A 527 10.27 23.88 16.71
CA ALA A 527 11.55 24.53 16.60
C ALA A 527 12.55 23.60 15.93
N VAL A 528 12.51 22.33 16.32
CA VAL A 528 13.36 21.29 15.74
C VAL A 528 13.11 21.09 14.25
N HIS A 529 11.85 21.01 13.84
CA HIS A 529 11.55 20.71 12.45
C HIS A 529 11.82 21.86 11.50
N ASP A 530 11.71 23.07 12.01
CA ASP A 530 11.97 24.25 11.22
C ASP A 530 13.47 24.47 11.01
N ILE A 531 14.26 24.26 12.04
CA ILE A 531 15.70 24.20 11.89
C ILE A 531 16.11 22.98 11.03
N GLU A 532 15.36 21.90 11.13
CA GLU A 532 15.64 20.77 10.28
C GLU A 532 15.36 21.09 8.81
N GLN A 533 14.26 21.74 8.51
CA GLN A 533 13.93 22.09 7.12
C GLN A 533 14.95 23.05 6.50
N ASN A 534 15.58 23.86 7.31
CA ASN A 534 16.45 24.88 6.77
C ASN A 534 17.87 24.42 6.65
N MET A 535 18.27 23.51 7.54
CA MET A 535 19.57 22.87 7.46
C MET A 535 19.63 21.73 6.45
N MET A 536 18.52 21.07 6.17
CA MET A 536 18.56 19.88 5.32
C MET A 536 17.44 19.76 4.31
N GLY A 537 16.38 20.53 4.45
CA GLY A 537 15.32 20.50 3.47
C GLY A 537 14.32 19.39 3.75
N THR A 538 14.45 18.80 4.93
CA THR A 538 13.54 17.73 5.34
C THR A 538 12.77 18.11 6.60
N SER A 539 11.58 17.57 6.73
CA SER A 539 10.83 17.61 7.97
C SER A 539 10.52 16.18 8.32
N LEU A 540 11.11 15.69 9.40
CA LEU A 540 11.00 14.29 9.77
C LEU A 540 11.49 13.40 8.65
N GLY A 541 12.64 13.74 8.09
CA GLY A 541 13.31 12.90 7.10
C GLY A 541 12.70 12.93 5.72
N VAL A 542 11.49 13.48 5.61
CA VAL A 542 10.82 13.65 4.34
C VAL A 542 11.30 14.90 3.62
N ASP A 543 11.95 14.70 2.49
CA ASP A 543 12.41 15.77 1.63
C ASP A 543 11.26 16.72 1.32
N MET A 544 11.47 18.02 1.41
CA MET A 544 10.39 18.96 1.13
C MET A 544 10.24 19.31 -0.36
N LYS A 545 11.28 19.06 -1.15
CA LYS A 545 11.23 19.28 -2.61
C LYS A 545 10.26 18.30 -3.26
N ARG A 546 10.06 17.19 -2.57
CA ARG A 546 9.08 16.20 -2.96
C ARG A 546 8.01 16.20 -1.88
N GLY A 547 6.80 15.78 -2.18
CA GLY A 547 5.79 15.76 -1.14
C GLY A 547 5.78 14.44 -0.39
N VAL A 548 6.76 13.59 -0.68
CA VAL A 548 6.66 12.19 -0.32
C VAL A 548 7.94 11.56 0.21
N ALA A 549 7.80 10.39 0.82
CA ALA A 549 8.90 9.51 1.16
C ALA A 549 8.36 8.10 1.38
N VAL A 550 9.09 7.08 0.93
CA VAL A 550 8.73 5.69 1.16
C VAL A 550 8.65 5.42 2.67
N ARG A 551 9.51 6.10 3.43
CA ARG A 551 9.51 5.98 4.89
C ARG A 551 9.84 7.31 5.58
N GLY A 552 11.09 7.73 5.53
CA GLY A 552 11.54 8.91 6.25
C GLY A 552 12.23 8.54 7.55
N GLY A 553 13.37 9.15 7.83
CA GLY A 553 14.18 8.75 8.96
C GLY A 553 14.38 9.81 10.02
N HIS A 554 14.86 9.40 11.18
CA HIS A 554 15.03 10.31 12.30
C HIS A 554 16.45 10.85 12.39
N ARG A 555 17.30 10.46 11.46
CA ARG A 555 18.71 10.89 11.48
C ARG A 555 18.84 12.38 11.33
N HIS A 556 18.05 12.97 10.44
CA HIS A 556 18.19 14.38 10.21
C HIS A 556 17.81 15.23 11.41
N HIS A 557 16.70 14.96 12.08
CA HIS A 557 16.35 15.89 13.14
C HIS A 557 16.99 15.57 14.47
N LEU A 558 17.52 14.36 14.64
CA LEU A 558 18.28 14.07 15.85
C LEU A 558 19.63 14.75 15.78
N LYS A 559 20.12 14.93 14.56
CA LYS A 559 21.39 15.60 14.32
C LYS A 559 21.25 17.08 14.59
N VAL A 560 20.05 17.60 14.34
CA VAL A 560 19.69 18.97 14.69
C VAL A 560 19.65 19.16 16.19
N ILE A 561 18.90 18.31 16.89
CA ILE A 561 18.85 18.35 18.35
C ILE A 561 20.25 18.28 18.97
N ASN A 562 21.11 17.45 18.40
CA ASN A 562 22.41 17.27 18.99
C ASN A 562 23.33 18.45 18.71
N THR A 563 23.23 18.98 17.50
CA THR A 563 24.00 20.15 17.13
C THR A 563 23.65 21.36 17.97
N ILE A 564 22.36 21.59 18.23
CA ILE A 564 21.98 22.79 18.97
C ILE A 564 22.38 22.67 20.43
N ARG A 565 22.25 21.48 21.02
CA ARG A 565 22.71 21.26 22.38
C ARG A 565 24.23 21.49 22.48
N ARG A 566 24.96 21.08 21.46
CA ARG A 566 26.39 21.30 21.40
C ARG A 566 26.72 22.79 21.44
N HIS A 567 25.96 23.61 20.72
CA HIS A 567 26.18 25.04 20.77
C HIS A 567 25.66 25.62 22.06
N GLY A 568 24.53 25.09 22.54
CA GLY A 568 23.97 25.47 23.82
C GLY A 568 22.69 26.27 23.75
N SER A 569 22.34 26.72 22.55
CA SER A 569 21.13 27.50 22.35
C SER A 569 20.89 27.71 20.87
N ILE A 570 19.65 27.96 20.49
CA ILE A 570 19.29 28.35 19.13
C ILE A 570 20.00 29.64 18.74
N ALA A 571 20.19 30.54 19.68
CA ALA A 571 20.85 31.79 19.39
C ALA A 571 22.30 31.55 19.01
N LYS A 572 23.00 30.71 19.78
CA LYS A 572 24.38 30.36 19.47
C LYS A 572 24.45 29.61 18.16
N GLY A 573 23.40 28.87 17.83
CA GLY A 573 23.32 28.20 16.54
C GLY A 573 23.26 29.16 15.37
N VAL A 574 22.62 30.31 15.56
CA VAL A 574 22.57 31.34 14.53
C VAL A 574 23.86 32.15 14.45
N GLU A 575 24.50 32.44 15.59
CA GLU A 575 25.74 33.21 15.61
C GLU A 575 26.89 32.52 14.95
N SER A 576 26.82 31.20 14.87
CA SER A 576 27.91 30.37 14.41
C SER A 576 27.78 30.09 12.93
N GLY A 577 26.62 30.37 12.37
CA GLY A 577 26.45 30.25 10.95
C GLY A 577 25.74 28.99 10.48
N ILE A 578 25.43 28.10 11.40
CA ILE A 578 24.87 26.82 11.00
C ILE A 578 23.34 26.91 10.85
N ILE A 579 22.73 27.95 11.41
CA ILE A 579 21.32 28.26 11.12
C ILE A 579 21.24 29.55 10.32
N ARG A 580 20.76 29.49 9.09
CA ARG A 580 20.79 30.68 8.23
C ARG A 580 19.42 31.18 7.80
N SER A 581 18.39 30.40 8.08
CA SER A 581 17.06 30.76 7.65
C SER A 581 15.99 30.08 8.48
N GLY A 582 14.74 30.45 8.22
CA GLY A 582 13.62 29.85 8.92
C GLY A 582 13.02 30.67 10.04
N VAL A 583 11.94 30.15 10.60
CA VAL A 583 11.22 30.73 11.71
C VAL A 583 12.09 31.14 12.88
N MET A 584 12.76 30.18 13.50
CA MET A 584 13.62 30.46 14.64
C MET A 584 14.76 31.42 14.28
N TYR A 585 15.25 31.34 13.05
CA TYR A 585 16.27 32.27 12.59
C TYR A 585 15.75 33.71 12.68
N GLU A 586 14.57 33.93 12.15
CA GLU A 586 14.01 35.26 12.08
C GLU A 586 13.74 35.79 13.47
N CYS A 587 13.28 34.93 14.37
CA CYS A 587 13.04 35.38 15.74
C CYS A 587 14.31 35.91 16.35
N VAL A 588 15.41 35.17 16.22
CA VAL A 588 16.69 35.62 16.69
C VAL A 588 17.16 36.90 16.00
N ARG A 589 17.11 36.95 14.68
CA ARG A 589 17.62 38.12 13.95
C ARG A 589 16.87 39.40 14.22
N ASN A 590 15.56 39.32 14.42
CA ASN A 590 14.76 40.49 14.69
C ASN A 590 14.35 40.62 16.15
N GLN A 591 15.03 39.87 17.01
CA GLN A 591 14.80 39.88 18.44
C GLN A 591 13.33 39.74 18.81
N ILE A 592 12.69 38.71 18.25
CA ILE A 592 11.33 38.35 18.62
C ILE A 592 11.39 37.35 19.75
N PRO A 593 10.76 37.65 20.88
CA PRO A 593 10.76 36.71 22.00
C PRO A 593 9.97 35.47 21.66
N PHE A 594 10.54 34.32 21.95
CA PHE A 594 9.82 33.09 21.80
C PHE A 594 9.94 32.27 23.06
N VAL A 595 8.90 31.50 23.34
CA VAL A 595 8.90 30.61 24.48
C VAL A 595 8.60 29.21 23.97
N LEU A 596 9.38 28.24 24.39
CA LEU A 596 9.15 26.87 23.99
C LEU A 596 8.75 26.07 25.22
N ALA A 597 7.51 25.59 25.23
CA ALA A 597 7.02 24.84 26.37
C ALA A 597 7.34 23.38 26.22
N GLY A 598 7.83 22.77 27.29
CA GLY A 598 8.13 21.37 27.28
C GLY A 598 6.89 20.51 27.18
N SER A 599 7.05 19.29 26.70
CA SER A 599 5.97 18.31 26.72
C SER A 599 6.57 16.94 26.98
N ILE A 600 5.71 15.97 27.26
CA ILE A 600 6.09 14.60 27.60
C ILE A 600 6.71 13.88 26.41
N ARG A 601 6.46 14.36 25.20
CA ARG A 601 6.91 13.65 24.02
C ARG A 601 8.24 14.20 23.44
N ASP A 602 8.86 15.13 24.15
CA ASP A 602 10.02 15.83 23.61
C ASP A 602 11.27 15.00 23.53
N ASP A 603 11.86 14.99 22.33
CA ASP A 603 13.19 14.45 22.15
C ASP A 603 14.18 15.55 22.48
N GLY A 604 15.19 15.20 23.25
CA GLY A 604 16.24 16.14 23.59
C GLY A 604 16.21 16.44 25.06
N PRO A 605 15.69 17.62 25.44
CA PRO A 605 15.11 18.58 24.50
C PRO A 605 16.15 19.58 24.03
N LEU A 606 15.76 20.55 23.21
CA LEU A 606 16.62 21.68 22.93
C LEU A 606 17.00 22.40 24.22
N PRO A 607 18.13 23.09 24.24
CA PRO A 607 18.49 23.81 25.44
C PRO A 607 17.46 24.88 25.81
N ASP A 608 16.75 25.37 24.81
CA ASP A 608 15.80 26.49 24.94
C ASP A 608 14.41 26.12 25.45
N THR A 609 14.11 24.82 25.51
CA THR A 609 12.81 24.34 25.92
C THR A 609 12.71 24.41 27.45
N GLN A 610 11.60 24.96 27.94
CA GLN A 610 11.32 25.07 29.37
C GLN A 610 10.62 23.84 29.85
N MET A 611 11.34 23.02 30.60
CA MET A 611 10.83 21.73 31.05
C MET A 611 10.18 21.82 32.42
N ASP A 612 10.29 22.97 33.06
CA ASP A 612 9.49 23.29 34.23
C ASP A 612 8.24 24.01 33.74
N LEU A 613 7.10 23.34 33.81
CA LEU A 613 5.89 23.88 33.23
C LEU A 613 5.18 24.94 34.07
N ILE A 614 5.56 25.07 35.34
CA ILE A 614 5.07 26.20 36.11
C ILE A 614 5.74 27.45 35.57
N LYS A 615 7.05 27.37 35.37
CA LYS A 615 7.75 28.46 34.73
C LYS A 615 7.24 28.71 33.31
N ALA A 616 6.93 27.64 32.58
CA ALA A 616 6.45 27.79 31.21
C ALA A 616 5.18 28.63 31.17
N GLN A 617 4.23 28.30 32.05
CA GLN A 617 2.93 28.97 32.09
C GLN A 617 3.09 30.44 32.41
N GLU A 618 4.02 30.71 33.30
CA GLU A 618 4.39 32.03 33.71
C GLU A 618 4.93 32.83 32.53
N GLU A 619 5.90 32.26 31.82
CA GLU A 619 6.50 32.90 30.66
C GLU A 619 5.48 33.13 29.55
N TYR A 620 4.66 32.12 29.27
CA TYR A 620 3.53 32.29 28.36
C TYR A 620 2.68 33.47 28.75
N ALA A 621 2.21 33.50 29.99
CA ALA A 621 1.35 34.58 30.46
C ALA A 621 2.02 35.94 30.36
N LYS A 622 3.31 36.02 30.66
CA LYS A 622 4.00 37.30 30.59
C LYS A 622 4.07 37.82 29.16
N HIS A 623 4.29 36.93 28.20
CA HIS A 623 4.40 37.37 26.84
C HIS A 623 3.06 37.57 26.20
N LEU A 624 2.00 37.32 26.96
CA LEU A 624 0.65 37.51 26.45
C LEU A 624 0.06 38.84 26.87
N GLU A 625 0.67 39.51 27.85
CA GLU A 625 0.22 40.83 28.28
C GLU A 625 0.16 41.83 27.13
N GLY A 626 -0.97 42.53 27.03
CA GLY A 626 -1.11 43.61 26.08
C GLY A 626 -1.34 43.14 24.67
N ALA A 627 -1.63 41.86 24.51
CA ALA A 627 -1.84 41.29 23.19
C ALA A 627 -3.17 41.76 22.64
N GLU A 628 -3.16 42.24 21.41
CA GLU A 628 -4.39 42.65 20.75
C GLU A 628 -4.96 41.50 19.94
N MET A 629 -4.09 40.69 19.38
CA MET A 629 -4.52 39.56 18.59
C MET A 629 -3.63 38.35 18.84
N ILE A 630 -4.23 37.17 18.81
CA ILE A 630 -3.49 35.93 18.89
C ILE A 630 -3.81 35.06 17.68
N LEU A 631 -2.77 34.68 16.95
CA LEU A 631 -2.88 33.69 15.89
C LEU A 631 -2.60 32.29 16.39
N MET A 632 -3.56 31.40 16.25
CA MET A 632 -3.39 30.03 16.71
C MET A 632 -3.29 29.06 15.53
N LEU A 633 -2.07 28.67 15.21
CA LEU A 633 -1.81 27.89 14.01
C LEU A 633 -1.64 26.42 14.31
N SER A 634 -2.75 25.69 14.24
CA SER A 634 -2.80 24.24 14.40
C SER A 634 -1.90 23.67 15.49
N SER A 635 -2.20 23.97 16.74
CA SER A 635 -1.52 23.35 17.86
C SER A 635 -2.45 23.26 19.03
N MET A 636 -3.30 22.24 19.06
CA MET A 636 -4.41 22.19 20.02
C MET A 636 -3.98 22.38 21.47
N LEU A 637 -2.98 21.64 21.91
CA LEU A 637 -2.52 21.69 23.30
C LEU A 637 -2.13 23.10 23.72
N HIS A 638 -1.49 23.84 22.82
CA HIS A 638 -0.97 25.17 23.13
C HIS A 638 -2.03 26.25 22.93
N SER A 639 -2.95 26.01 22.01
CA SER A 639 -3.99 26.98 21.72
C SER A 639 -4.95 27.06 22.90
N ILE A 640 -5.18 25.93 23.54
CA ILE A 640 -6.07 25.88 24.69
C ILE A 640 -5.39 26.52 25.88
N GLY A 641 -4.13 26.18 26.10
CA GLY A 641 -3.36 26.78 27.18
C GLY A 641 -3.34 28.28 27.06
N VAL A 642 -3.10 28.78 25.86
CA VAL A 642 -3.06 30.22 25.60
C VAL A 642 -4.43 30.87 25.70
N GLY A 643 -5.47 30.18 25.24
CA GLY A 643 -6.82 30.68 25.36
C GLY A 643 -7.23 30.86 26.81
N ASN A 644 -6.85 29.89 27.64
CA ASN A 644 -7.22 29.88 29.05
C ASN A 644 -6.70 31.11 29.77
N MET A 645 -5.59 31.66 29.28
CA MET A 645 -4.92 32.75 29.97
C MET A 645 -5.33 34.12 29.45
N THR A 646 -6.08 34.15 28.36
CA THR A 646 -6.43 35.39 27.72
C THR A 646 -7.83 35.88 28.11
N PRO A 647 -7.95 37.15 28.52
CA PRO A 647 -9.23 37.77 28.84
C PRO A 647 -10.02 38.12 27.59
N ALA A 648 -11.33 38.31 27.71
CA ALA A 648 -12.11 38.70 26.55
C ALA A 648 -11.60 40.02 25.97
N GLY A 649 -11.96 40.32 24.73
CA GLY A 649 -11.56 41.55 24.10
C GLY A 649 -10.24 41.47 23.35
N VAL A 650 -9.68 40.27 23.32
CA VAL A 650 -8.50 39.98 22.52
C VAL A 650 -8.97 39.19 21.31
N LYS A 651 -8.55 39.59 20.13
CA LYS A 651 -9.00 38.92 18.92
C LYS A 651 -8.27 37.60 18.77
N MET A 652 -8.99 36.53 18.47
CA MET A 652 -8.33 35.25 18.35
C MET A 652 -8.72 34.54 17.07
N VAL A 653 -7.71 34.24 16.27
CA VAL A 653 -7.92 33.53 15.03
C VAL A 653 -7.41 32.13 15.26
N CYS A 654 -8.25 31.14 14.98
CA CYS A 654 -7.90 29.75 15.20
C CYS A 654 -7.97 28.96 13.90
N VAL A 655 -6.84 28.41 13.49
CA VAL A 655 -6.76 27.66 12.26
C VAL A 655 -6.35 26.21 12.51
N ASP A 656 -7.24 25.28 12.21
CA ASP A 656 -6.91 23.86 12.21
C ASP A 656 -7.83 23.13 11.25
N ILE A 657 -7.35 21.98 10.75
CA ILE A 657 -8.05 21.24 9.72
C ILE A 657 -9.12 20.32 10.30
N ASN A 658 -9.06 20.09 11.61
CA ASN A 658 -10.11 19.35 12.29
C ASN A 658 -11.14 20.28 12.93
N PRO A 659 -12.40 20.18 12.50
CA PRO A 659 -13.48 21.08 12.93
C PRO A 659 -13.68 21.08 14.44
N ALA A 660 -13.16 20.07 15.12
CA ALA A 660 -13.20 20.03 16.57
C ALA A 660 -11.85 20.42 17.14
N THR A 663 -11.22 23.57 16.91
CA THR A 663 -11.63 24.84 16.32
C THR A 663 -12.99 25.25 16.88
N LYS A 664 -13.89 24.29 17.03
CA LYS A 664 -15.18 24.58 17.62
C LYS A 664 -15.03 24.97 19.07
N LEU A 665 -13.83 24.81 19.60
CA LEU A 665 -13.51 25.35 20.91
C LEU A 665 -13.24 26.85 20.85
N SER A 666 -13.51 27.47 19.70
CA SER A 666 -13.60 28.93 19.59
C SER A 666 -14.97 29.33 20.11
N ASP A 667 -14.98 29.85 21.33
CA ASP A 667 -16.18 29.88 22.15
C ASP A 667 -16.62 31.30 22.49
N ARG A 668 -15.85 32.26 22.02
CA ARG A 668 -15.93 33.61 22.55
C ARG A 668 -16.82 34.52 21.73
N GLY A 669 -17.42 33.95 20.69
CA GLY A 669 -18.43 34.67 19.93
C GLY A 669 -17.94 35.22 18.63
N SER A 670 -18.88 35.55 17.75
CA SER A 670 -18.57 36.09 16.42
C SER A 670 -17.71 37.35 16.49
N ILE A 671 -17.80 38.08 17.59
CA ILE A 671 -17.17 39.37 17.68
C ILE A 671 -15.66 39.28 17.80
N GLU A 672 -15.16 38.36 18.60
CA GLU A 672 -13.75 38.40 18.93
C GLU A 672 -13.00 37.08 18.74
N SER A 673 -13.66 36.09 18.14
CA SER A 673 -12.96 34.86 17.85
C SER A 673 -13.48 34.22 16.57
N VAL A 674 -12.67 34.29 15.52
CA VAL A 674 -13.00 33.69 14.24
C VAL A 674 -12.24 32.36 14.04
N GLY A 675 -12.93 31.36 13.51
CA GLY A 675 -12.33 30.05 13.30
C GLY A 675 -12.42 29.58 11.86
N VAL A 676 -11.34 29.03 11.33
CA VAL A 676 -11.34 28.56 9.95
C VAL A 676 -10.77 27.13 9.85
N VAL A 677 -11.46 26.29 9.09
CA VAL A 677 -11.13 24.87 9.05
C VAL A 677 -10.53 24.51 7.69
N THR A 678 -9.20 24.48 7.66
CA THR A 678 -8.45 24.34 6.42
C THR A 678 -7.02 24.03 6.79
N ASP A 679 -6.19 23.79 5.79
CA ASP A 679 -4.79 23.49 6.01
C ASP A 679 -4.05 24.76 6.43
N VAL A 680 -3.19 24.65 7.43
CA VAL A 680 -2.56 25.81 8.02
C VAL A 680 -1.57 26.50 7.08
N GLY A 681 -0.91 25.74 6.21
CA GLY A 681 0.07 26.33 5.32
C GLY A 681 -0.62 27.03 4.18
N LEU A 682 -1.72 26.44 3.76
CA LEU A 682 -2.60 27.03 2.77
C LEU A 682 -3.17 28.38 3.23
N PHE A 683 -3.64 28.42 4.47
CA PHE A 683 -4.05 29.64 5.09
C PHE A 683 -2.91 30.65 5.07
N LEU A 684 -1.74 30.24 5.54
CA LEU A 684 -0.59 31.13 5.61
C LEU A 684 -0.15 31.60 4.24
N SER A 685 -0.36 30.76 3.25
CA SER A 685 0.00 31.06 1.88
C SER A 685 -0.83 32.20 1.34
N LEU A 686 -2.15 32.10 1.54
CA LEU A 686 -3.11 33.13 1.14
C LEU A 686 -2.99 34.39 1.97
N LEU A 687 -2.50 34.25 3.18
CA LEU A 687 -2.41 35.36 4.10
C LEU A 687 -1.33 36.31 3.68
N THR A 688 -0.16 35.78 3.34
CA THR A 688 0.95 36.61 2.89
C THR A 688 0.67 37.20 1.51
N GLN A 689 0.00 36.42 0.70
CA GLN A 689 -0.43 36.87 -0.60
C GLN A 689 -1.38 38.06 -0.46
N GLN A 690 -2.27 38.00 0.52
CA GLN A 690 -3.21 39.08 0.75
C GLN A 690 -2.53 40.30 1.36
N LEU A 691 -1.54 40.07 2.20
CA LEU A 691 -0.79 41.18 2.77
C LEU A 691 0.04 41.89 1.72
N ASP A 692 0.31 41.21 0.62
CA ASP A 692 1.09 41.81 -0.44
C ASP A 692 0.27 42.76 -1.28
N LYS A 693 -0.94 42.34 -1.64
CA LYS A 693 -1.74 43.17 -2.50
C LYS A 693 -2.37 44.34 -1.73
N LEU A 694 -2.16 44.40 -0.42
CA LEU A 694 -2.51 45.59 0.35
C LEU A 694 -1.31 46.55 0.39
N THR A 695 -0.20 46.17 -0.22
CA THR A 695 1.00 47.01 -0.28
C THR A 695 1.19 47.61 -1.68
N SER A 696 0.22 47.38 -2.55
CA SER A 696 0.33 47.85 -3.93
C SER A 696 0.40 49.38 -4.07
N PRO A 697 -0.55 50.14 -3.47
CA PRO A 697 -0.51 51.59 -3.72
C PRO A 697 0.70 52.29 -3.11
N ARG B 4 -18.18 -53.09 16.57
CA ARG B 4 -16.85 -53.08 17.20
C ARG B 4 -15.99 -51.95 16.63
N ILE B 5 -15.88 -50.85 17.37
CA ILE B 5 -15.25 -49.65 16.84
C ILE B 5 -13.96 -49.31 17.58
N ARG B 6 -12.90 -49.04 16.83
CA ARG B 6 -11.59 -48.80 17.42
C ARG B 6 -11.20 -47.34 17.41
N PHE B 7 -10.66 -46.86 18.52
CA PHE B 7 -10.10 -45.51 18.58
C PHE B 7 -8.66 -45.57 19.05
N LEU B 8 -7.86 -44.65 18.57
CA LEU B 8 -6.47 -44.57 18.97
C LEU B 8 -6.25 -43.32 19.82
N MET B 9 -5.63 -43.48 20.97
CA MET B 9 -5.35 -42.38 21.89
C MET B 9 -3.92 -42.48 22.39
N CYS B 10 -3.46 -41.49 23.14
CA CYS B 10 -2.14 -41.57 23.74
C CYS B 10 -2.18 -40.99 25.14
N PRO B 11 -1.54 -41.67 26.09
CA PRO B 11 -1.56 -41.20 27.47
C PRO B 11 -0.68 -39.98 27.69
N PRO B 12 -1.10 -39.09 28.60
CA PRO B 12 -0.45 -37.81 28.86
C PRO B 12 0.68 -37.87 29.85
N ASP B 13 1.44 -38.96 29.88
CA ASP B 13 2.53 -39.13 30.83
C ASP B 13 3.57 -38.04 30.72
N HIS B 14 3.69 -37.47 29.53
CA HIS B 14 4.81 -36.61 29.21
C HIS B 14 4.30 -35.32 28.60
N TYR B 15 3.06 -35.00 28.93
CA TYR B 15 2.36 -33.88 28.34
C TYR B 15 2.60 -32.60 29.10
N ASP B 16 2.89 -31.55 28.34
CA ASP B 16 3.08 -30.22 28.89
C ASP B 16 2.91 -29.28 27.72
N VAL B 17 3.09 -27.99 27.96
CA VAL B 17 3.23 -27.03 26.88
C VAL B 17 4.63 -26.46 26.97
N ASP B 18 5.49 -26.81 26.02
CA ASP B 18 6.87 -26.38 26.07
C ASP B 18 7.24 -25.50 24.90
N TYR B 19 6.26 -25.22 24.04
CA TYR B 19 6.51 -24.34 22.91
C TYR B 19 5.19 -23.72 22.47
N VAL B 20 5.23 -22.94 21.39
CA VAL B 20 4.06 -22.24 20.89
C VAL B 20 3.97 -22.33 19.36
N ILE B 21 3.00 -23.07 18.86
CA ILE B 21 2.83 -23.18 17.41
C ILE B 21 1.38 -22.97 16.99
N ASN B 22 0.55 -22.50 17.92
CA ASN B 22 -0.78 -22.00 17.57
C ASN B 22 -1.24 -21.05 18.67
N PRO B 23 -2.25 -20.20 18.39
CA PRO B 23 -2.62 -19.13 19.33
C PRO B 23 -3.04 -19.58 20.73
N TRP B 24 -3.87 -20.62 20.84
CA TRP B 24 -4.28 -21.17 22.13
C TRP B 24 -3.12 -21.51 23.04
N MET B 25 -1.94 -21.73 22.46
CA MET B 25 -0.77 -22.11 23.23
C MET B 25 -0.04 -20.91 23.79
N GLU B 26 -0.33 -19.73 23.26
CA GLU B 26 0.44 -18.56 23.66
C GLU B 26 0.18 -18.23 25.12
N GLY B 27 1.26 -18.09 25.88
CA GLY B 27 1.16 -17.81 27.30
C GLY B 27 1.13 -19.04 28.19
N ASN B 28 0.86 -20.21 27.63
CA ASN B 28 0.64 -21.38 28.47
C ASN B 28 1.87 -22.25 28.67
N ILE B 29 3.06 -21.73 28.40
CA ILE B 29 4.27 -22.54 28.53
C ILE B 29 4.58 -22.92 29.99
N HIS B 30 4.74 -24.21 30.24
CA HIS B 30 4.98 -24.73 31.58
C HIS B 30 3.90 -24.32 32.57
N LYS B 31 2.67 -24.18 32.09
CA LYS B 31 1.59 -23.74 32.95
C LYS B 31 0.56 -24.88 33.00
N SER B 32 1.05 -26.08 32.75
CA SER B 32 0.19 -27.26 32.79
C SER B 32 0.31 -28.05 34.07
N SER B 33 -0.85 -28.40 34.64
CA SER B 33 -0.93 -29.35 35.74
C SER B 33 -1.03 -30.75 35.20
N ARG B 34 0.04 -31.54 35.36
CA ARG B 34 0.04 -32.88 34.81
C ARG B 34 -1.04 -33.74 35.49
N ASP B 35 -1.22 -33.59 36.79
CA ASP B 35 -2.23 -34.37 37.52
C ASP B 35 -3.65 -34.17 37.01
N ARG B 36 -4.04 -32.92 36.78
CA ARG B 36 -5.38 -32.64 36.29
C ARG B 36 -5.51 -33.10 34.83
N ALA B 37 -4.40 -33.08 34.10
CA ALA B 37 -4.41 -33.53 32.71
C ALA B 37 -4.69 -35.01 32.65
N VAL B 38 -4.00 -35.78 33.48
CA VAL B 38 -4.21 -37.22 33.59
C VAL B 38 -5.62 -37.53 34.06
N GLU B 39 -6.11 -36.73 34.99
CA GLU B 39 -7.46 -36.92 35.48
C GLU B 39 -8.46 -36.64 34.38
N GLN B 40 -8.24 -35.53 33.67
CA GLN B 40 -9.11 -35.15 32.56
C GLN B 40 -9.00 -36.10 31.37
N TRP B 41 -7.77 -36.48 31.02
CA TRP B 41 -7.58 -37.46 29.96
C TRP B 41 -8.30 -38.76 30.29
N GLN B 42 -8.12 -39.21 31.52
CA GLN B 42 -8.74 -40.43 32.01
C GLN B 42 -10.26 -40.40 31.88
N GLY B 43 -10.85 -39.24 32.15
CA GLY B 43 -12.29 -39.09 32.05
C GLY B 43 -12.80 -39.42 30.67
N LEU B 44 -12.09 -38.96 29.64
CA LEU B 44 -12.49 -39.19 28.25
C LEU B 44 -12.26 -40.64 27.89
N TYR B 45 -11.09 -41.12 28.25
CA TYR B 45 -10.70 -42.49 28.04
C TYR B 45 -11.75 -43.45 28.60
N GLN B 46 -12.21 -43.18 29.82
CA GLN B 46 -13.19 -44.03 30.48
C GLN B 46 -14.52 -44.02 29.77
N ILE B 47 -15.01 -42.83 29.44
CA ILE B 47 -16.28 -42.70 28.74
C ILE B 47 -16.25 -43.43 27.40
N LEU B 48 -15.09 -43.37 26.75
CA LEU B 48 -14.89 -44.00 25.46
C LEU B 48 -14.82 -45.53 25.51
N LYS B 49 -14.15 -46.05 26.54
CA LYS B 49 -14.07 -47.50 26.73
C LYS B 49 -15.44 -48.08 27.04
N GLU B 50 -16.34 -47.22 27.53
CA GLU B 50 -17.70 -47.63 27.82
C GLU B 50 -18.48 -47.84 26.54
N HIS B 51 -17.97 -47.31 25.44
CA HIS B 51 -18.72 -47.37 24.19
C HIS B 51 -17.92 -47.83 22.96
N ALA B 52 -16.63 -48.09 23.14
CA ALA B 52 -15.78 -48.53 22.02
C ALA B 52 -14.43 -49.11 22.46
N ILE B 53 -13.76 -49.78 21.53
CA ILE B 53 -12.41 -50.28 21.76
C ILE B 53 -11.37 -49.16 21.61
N VAL B 54 -10.41 -49.10 22.53
CA VAL B 54 -9.41 -48.05 22.47
C VAL B 54 -7.99 -48.60 22.50
N ASP B 55 -7.24 -48.32 21.45
CA ASP B 55 -5.83 -48.67 21.38
C ASP B 55 -4.96 -47.50 21.81
N LEU B 56 -3.75 -47.78 22.27
CA LEU B 56 -2.88 -46.73 22.78
C LEU B 56 -1.50 -46.75 22.14
N VAL B 57 -1.00 -45.56 21.84
CA VAL B 57 0.35 -45.37 21.33
C VAL B 57 1.26 -45.23 22.51
N THR B 58 2.52 -45.57 22.34
CA THR B 58 3.44 -45.46 23.46
C THR B 58 4.04 -44.08 23.52
N PRO B 59 3.76 -43.34 24.61
CA PRO B 59 4.20 -41.96 24.83
C PRO B 59 5.71 -41.84 24.85
N GLN B 60 6.21 -40.67 24.47
CA GLN B 60 7.63 -40.44 24.35
C GLN B 60 7.98 -39.09 24.93
N LYS B 61 8.89 -39.05 25.89
CA LYS B 61 9.32 -37.79 26.44
C LYS B 61 10.03 -37.01 25.36
N GLY B 62 9.67 -35.74 25.21
CA GLY B 62 10.25 -34.91 24.20
C GLY B 62 9.27 -34.55 23.10
N TRP B 63 8.14 -35.24 23.10
CA TRP B 63 7.08 -34.94 22.15
C TRP B 63 5.76 -34.89 22.89
N PRO B 64 5.48 -33.76 23.55
CA PRO B 64 4.26 -33.62 24.34
C PRO B 64 2.98 -33.71 23.53
N ASP B 65 3.01 -33.39 22.25
CA ASP B 65 1.78 -33.27 21.48
C ASP B 65 1.37 -34.60 20.89
N LEU B 66 2.08 -35.64 21.29
CA LEU B 66 1.75 -36.98 20.84
C LEU B 66 0.39 -37.42 21.35
N VAL B 67 -0.12 -36.76 22.39
CA VAL B 67 -1.46 -37.08 22.89
C VAL B 67 -2.52 -36.71 21.87
N PHE B 68 -2.17 -35.88 20.91
CA PHE B 68 -3.13 -35.45 19.91
C PHE B 68 -3.04 -36.33 18.69
N THR B 69 -3.56 -37.54 18.85
CA THR B 69 -3.47 -38.59 17.86
C THR B 69 -4.38 -38.34 16.67
N ALA B 70 -5.22 -37.32 16.77
CA ALA B 70 -6.07 -36.95 15.65
C ALA B 70 -5.22 -36.50 14.48
N ASN B 71 -3.99 -36.09 14.76
CA ASN B 71 -3.06 -35.64 13.73
C ASN B 71 -2.09 -36.70 13.21
N ALA B 72 -2.14 -37.91 13.74
CA ALA B 72 -1.28 -39.00 13.30
C ALA B 72 -1.37 -39.24 11.81
N GLY B 73 -2.58 -39.16 11.29
CA GLY B 73 -2.76 -39.37 9.88
C GLY B 73 -4.22 -39.60 9.61
N LEU B 74 -4.55 -39.89 8.37
CA LEU B 74 -5.92 -40.05 7.95
C LEU B 74 -6.19 -41.50 7.61
N VAL B 75 -7.24 -42.07 8.15
CA VAL B 75 -7.50 -43.48 7.93
C VAL B 75 -8.77 -43.71 7.14
N LEU B 76 -8.71 -44.57 6.13
CA LEU B 76 -9.90 -45.02 5.45
C LEU B 76 -9.65 -46.42 4.96
N GLY B 77 -10.41 -47.39 5.49
CA GLY B 77 -10.19 -48.78 5.22
C GLY B 77 -8.86 -49.22 5.78
N ASP B 78 -8.04 -49.82 4.94
CA ASP B 78 -6.73 -50.32 5.35
C ASP B 78 -5.66 -49.31 4.98
N ASN B 79 -6.10 -48.18 4.43
CA ASN B 79 -5.20 -47.16 3.95
C ASN B 79 -5.04 -45.99 4.90
N VAL B 80 -3.81 -45.53 5.02
CA VAL B 80 -3.48 -44.42 5.88
C VAL B 80 -2.59 -43.46 5.13
N VAL B 81 -2.89 -42.18 5.16
CA VAL B 81 -1.92 -41.20 4.72
C VAL B 81 -1.29 -40.61 5.97
N LEU B 82 0.02 -40.74 6.09
CA LEU B 82 0.71 -40.28 7.29
C LEU B 82 0.76 -38.76 7.30
N SER B 83 0.76 -38.17 8.47
CA SER B 83 0.81 -36.72 8.54
C SER B 83 2.21 -36.23 8.36
N ARG B 84 2.38 -35.17 7.59
CA ARG B 84 3.64 -34.45 7.65
C ARG B 84 3.42 -33.07 8.22
N PHE B 85 4.00 -32.81 9.38
CA PHE B 85 3.71 -31.62 10.15
C PHE B 85 4.41 -30.39 9.60
N LEU B 86 3.77 -29.25 9.80
CA LEU B 86 4.33 -27.97 9.41
C LEU B 86 5.49 -27.60 10.33
N HIS B 87 5.30 -27.79 11.64
CA HIS B 87 6.31 -27.37 12.60
C HIS B 87 7.23 -28.48 13.02
N LYS B 88 8.52 -28.16 13.05
CA LYS B 88 9.54 -29.12 13.43
C LYS B 88 9.35 -29.61 14.86
N GLU B 89 8.57 -28.89 15.64
CA GLU B 89 8.34 -29.28 17.02
C GLU B 89 7.44 -30.51 17.12
N ARG B 90 6.76 -30.84 16.03
CA ARG B 90 5.92 -32.03 16.01
C ARG B 90 6.38 -33.05 14.97
N GLN B 91 7.29 -32.67 14.09
CA GLN B 91 7.72 -33.56 13.02
C GLN B 91 8.34 -34.87 13.49
N GLY B 92 8.94 -34.88 14.67
CA GLY B 92 9.54 -36.09 15.17
C GLY B 92 8.53 -37.08 15.68
N GLU B 93 7.26 -36.69 15.73
CA GLU B 93 6.23 -37.63 16.12
C GLU B 93 5.94 -38.58 14.97
N GLU B 94 6.21 -38.13 13.76
CA GLU B 94 5.89 -38.90 12.56
C GLU B 94 6.36 -40.36 12.61
N PRO B 95 7.65 -40.62 12.97
CA PRO B 95 8.07 -42.01 13.13
C PRO B 95 7.22 -42.85 14.08
N TYR B 96 6.84 -42.33 15.24
CA TYR B 96 6.15 -43.13 16.22
C TYR B 96 4.73 -43.43 15.80
N PHE B 97 4.19 -42.55 14.96
CA PHE B 97 2.87 -42.76 14.42
C PHE B 97 2.97 -43.78 13.29
N LYS B 98 4.01 -43.67 12.50
CA LYS B 98 4.25 -44.60 11.41
C LYS B 98 4.42 -46.01 11.96
N GLU B 99 5.18 -46.15 13.04
CA GLU B 99 5.41 -47.42 13.67
C GLU B 99 4.12 -48.02 14.16
N TRP B 100 3.26 -47.22 14.79
CA TRP B 100 1.98 -47.75 15.22
C TRP B 100 1.16 -48.23 14.04
N PHE B 101 1.01 -47.37 13.03
CA PHE B 101 0.16 -47.69 11.90
C PHE B 101 0.55 -49.00 11.25
N GLU B 102 1.85 -49.14 11.02
CA GLU B 102 2.39 -50.29 10.29
C GLU B 102 2.31 -51.59 11.09
N GLY B 103 2.42 -51.49 12.41
CA GLY B 103 2.22 -52.62 13.28
C GLY B 103 0.77 -52.97 13.50
N ASN B 104 -0.12 -52.29 12.81
CA ASN B 104 -1.53 -52.63 12.87
C ASN B 104 -2.09 -52.87 11.49
N GLY B 105 -1.20 -53.13 10.53
CA GLY B 105 -1.61 -53.66 9.25
C GLY B 105 -1.83 -52.69 8.11
N TYR B 106 -1.81 -51.40 8.40
CA TYR B 106 -2.15 -50.41 7.39
C TYR B 106 -1.07 -50.26 6.35
N THR B 107 -1.49 -50.16 5.10
CA THR B 107 -0.67 -49.64 4.03
C THR B 107 -0.52 -48.12 4.23
N VAL B 108 0.71 -47.67 4.39
CA VAL B 108 0.99 -46.33 4.82
C VAL B 108 1.59 -45.47 3.74
N TYR B 109 0.86 -44.46 3.30
CA TYR B 109 1.38 -43.53 2.31
C TYR B 109 2.03 -42.31 2.93
N GLU B 110 3.07 -41.82 2.28
CA GLU B 110 3.79 -40.66 2.76
C GLU B 110 3.85 -39.57 1.70
N LEU B 111 3.55 -38.34 2.09
CA LEU B 111 3.56 -37.21 1.17
C LEU B 111 4.98 -36.77 0.86
N PRO B 112 5.15 -35.90 -0.15
CA PRO B 112 6.47 -35.26 -0.27
C PRO B 112 6.84 -34.54 1.01
N LYS B 113 8.13 -34.36 1.27
CA LYS B 113 8.55 -33.69 2.51
C LYS B 113 8.12 -32.22 2.55
N ASP B 114 7.94 -31.63 1.38
CA ASP B 114 7.55 -30.24 1.31
C ASP B 114 6.02 -30.07 1.30
N LEU B 115 5.27 -31.14 1.53
CA LEU B 115 3.82 -31.05 1.50
C LEU B 115 3.12 -31.37 2.82
N PRO B 116 2.89 -30.36 3.65
CA PRO B 116 2.27 -30.57 4.95
C PRO B 116 0.83 -31.03 4.89
N PHE B 117 0.50 -31.94 5.79
CA PHE B 117 -0.83 -32.47 5.93
C PHE B 117 -0.89 -33.06 7.32
N GLU B 118 -1.92 -32.74 8.08
CA GLU B 118 -1.90 -33.06 9.50
C GLU B 118 -3.06 -33.94 9.87
N GLY B 119 -3.43 -34.81 8.94
CA GLY B 119 -4.25 -35.96 9.24
C GLY B 119 -5.73 -35.74 9.44
N ALA B 120 -6.29 -36.52 10.35
CA ALA B 120 -7.71 -36.46 10.62
C ALA B 120 -8.06 -35.12 11.22
N GLY B 121 -7.10 -34.49 11.89
CA GLY B 121 -7.27 -33.14 12.40
C GLY B 121 -7.70 -32.14 11.34
N ASP B 122 -7.17 -32.26 10.13
CA ASP B 122 -7.51 -31.34 9.05
C ASP B 122 -8.32 -31.98 7.94
N ALA B 123 -8.77 -33.20 8.14
CA ALA B 123 -9.50 -33.89 7.10
C ALA B 123 -10.47 -34.85 7.74
N LEU B 124 -11.76 -34.59 7.58
CA LEU B 124 -12.79 -35.35 8.26
C LEU B 124 -13.72 -36.04 7.29
N LEU B 125 -13.98 -37.32 7.54
CA LEU B 125 -14.80 -38.11 6.66
C LEU B 125 -16.26 -37.81 6.83
N ASP B 126 -16.98 -37.84 5.73
CA ASP B 126 -18.43 -37.85 5.77
C ASP B 126 -18.84 -39.14 6.43
N ARG B 127 -19.65 -39.07 7.47
CA ARG B 127 -19.94 -40.25 8.29
C ARG B 127 -20.75 -41.30 7.55
N GLU B 128 -21.44 -40.88 6.50
CA GLU B 128 -22.09 -41.83 5.62
C GLU B 128 -21.12 -42.32 4.55
N GLY B 129 -19.92 -41.75 4.54
CA GLY B 129 -18.83 -42.26 3.73
C GLY B 129 -18.79 -41.85 2.26
N ARG B 130 -19.60 -40.89 1.86
CA ARG B 130 -19.67 -40.49 0.45
C ARG B 130 -18.46 -39.68 -0.03
N TRP B 131 -17.81 -38.95 0.87
CA TRP B 131 -16.66 -38.13 0.51
C TRP B 131 -15.81 -37.77 1.71
N LEU B 132 -14.74 -37.04 1.44
CA LEU B 132 -13.83 -36.55 2.47
C LEU B 132 -13.70 -35.04 2.42
N TRP B 133 -13.94 -34.37 3.54
CA TRP B 133 -13.71 -32.94 3.66
C TRP B 133 -12.26 -32.66 4.01
N ALA B 134 -11.57 -31.86 3.21
CA ALA B 134 -10.21 -31.49 3.58
C ALA B 134 -10.07 -30.01 3.86
N GLY B 135 -9.48 -29.68 5.00
CA GLY B 135 -9.14 -28.32 5.33
C GLY B 135 -7.78 -27.90 4.80
N TYR B 136 -7.61 -26.60 4.56
CA TYR B 136 -6.30 -26.03 4.29
C TYR B 136 -6.32 -24.59 4.72
N GLY B 137 -5.15 -23.99 4.85
CA GLY B 137 -5.06 -22.61 5.29
C GLY B 137 -3.98 -22.31 6.29
N PHE B 138 -3.67 -23.24 7.16
CA PHE B 138 -2.73 -22.98 8.23
C PHE B 138 -1.76 -24.12 8.43
N ARG B 139 -2.23 -25.34 8.30
CA ARG B 139 -1.39 -26.49 8.57
C ARG B 139 -1.24 -27.39 7.36
N SER B 140 -2.28 -27.54 6.58
CA SER B 140 -2.21 -28.41 5.43
C SER B 140 -2.21 -27.66 4.13
N GLU B 141 -1.33 -28.05 3.24
CA GLU B 141 -1.27 -27.50 1.91
C GLU B 141 -2.42 -27.94 1.02
N LEU B 142 -2.92 -27.03 0.21
CA LEU B 142 -3.96 -27.35 -0.76
C LEU B 142 -3.49 -28.43 -1.70
N ASP B 143 -2.23 -28.35 -2.10
CA ASP B 143 -1.66 -29.29 -3.04
C ASP B 143 -1.58 -30.73 -2.56
N SER B 144 -1.87 -30.97 -1.29
CA SER B 144 -1.89 -32.35 -0.78
C SER B 144 -3.24 -33.03 -0.97
N HIS B 145 -4.29 -32.28 -1.27
CA HIS B 145 -5.60 -32.89 -1.42
C HIS B 145 -5.73 -33.86 -2.59
N PRO B 146 -4.98 -33.65 -3.68
CA PRO B 146 -5.11 -34.69 -4.72
C PRO B 146 -4.46 -36.03 -4.33
N TYR B 147 -3.40 -35.96 -3.54
CA TYR B 147 -2.78 -37.15 -3.00
C TYR B 147 -3.76 -37.92 -2.11
N LEU B 148 -4.59 -37.20 -1.36
CA LEU B 148 -5.55 -37.86 -0.49
C LEU B 148 -6.60 -38.61 -1.30
N ALA B 149 -7.05 -38.03 -2.41
CA ALA B 149 -8.07 -38.65 -3.24
C ALA B 149 -7.51 -39.85 -3.99
N LYS B 150 -6.30 -39.71 -4.51
CA LYS B 150 -5.61 -40.77 -5.21
C LYS B 150 -5.34 -41.99 -4.33
N TRP B 151 -4.91 -41.75 -3.09
CA TRP B 151 -4.46 -42.82 -2.21
C TRP B 151 -5.58 -43.43 -1.38
N LEU B 152 -6.66 -42.70 -1.21
CA LEU B 152 -7.75 -43.22 -0.40
C LEU B 152 -8.93 -43.59 -1.28
N ASP B 153 -8.76 -43.33 -2.57
CA ASP B 153 -9.78 -43.56 -3.59
C ASP B 153 -11.15 -43.04 -3.14
N ILE B 154 -11.23 -41.74 -2.92
CA ILE B 154 -12.45 -41.08 -2.48
C ILE B 154 -12.52 -39.66 -3.04
N GLU B 155 -13.72 -39.08 -3.08
CA GLU B 155 -13.90 -37.71 -3.52
C GLU B 155 -13.51 -36.72 -2.43
N VAL B 156 -12.68 -35.75 -2.78
CA VAL B 156 -12.20 -34.76 -1.82
C VAL B 156 -12.78 -33.37 -2.05
N LEU B 157 -13.32 -32.80 -0.99
CA LEU B 157 -13.86 -31.46 -1.01
C LEU B 157 -13.00 -30.52 -0.17
N SER B 158 -12.41 -29.51 -0.81
CA SER B 158 -11.51 -28.58 -0.14
C SER B 158 -12.25 -27.45 0.58
N LEU B 159 -11.88 -27.17 1.83
CA LEU B 159 -12.45 -26.06 2.59
C LEU B 159 -11.36 -25.17 3.09
N ARG B 160 -11.53 -23.85 2.97
CA ARG B 160 -10.48 -22.94 3.41
C ARG B 160 -10.73 -22.35 4.79
N LEU B 161 -9.74 -22.46 5.65
CA LEU B 161 -9.79 -21.93 7.00
C LEU B 161 -9.19 -20.54 7.00
N ILE B 162 -9.86 -19.62 7.69
CA ILE B 162 -9.50 -18.20 7.63
C ILE B 162 -9.30 -17.58 8.98
N ASP B 163 -9.79 -18.26 10.01
CA ASP B 163 -9.64 -17.82 11.40
C ASP B 163 -8.51 -18.58 12.05
N GLU B 164 -7.49 -17.85 12.50
CA GLU B 164 -6.27 -18.47 12.99
C GLU B 164 -6.45 -19.30 14.25
N ARG B 165 -7.57 -19.16 14.94
CA ARG B 165 -7.70 -19.92 16.17
C ARG B 165 -8.50 -21.19 15.93
N PHE B 166 -9.09 -21.29 14.74
CA PHE B 166 -9.61 -22.56 14.29
C PHE B 166 -8.74 -23.05 13.14
N TYR B 167 -7.51 -23.38 13.51
CA TYR B 167 -6.43 -23.70 12.59
C TYR B 167 -6.48 -25.14 12.07
N HIS B 168 -7.18 -26.01 12.77
CA HIS B 168 -7.47 -27.36 12.28
C HIS B 168 -8.92 -27.51 11.94
N LEU B 169 -9.21 -28.22 10.86
CA LEU B 169 -10.56 -28.40 10.42
C LEU B 169 -11.44 -29.01 11.50
N ASP B 170 -10.88 -29.86 12.34
CA ASP B 170 -11.69 -30.57 13.32
C ASP B 170 -11.98 -29.71 14.54
N THR B 171 -11.50 -28.47 14.53
CA THR B 171 -11.82 -27.54 15.61
C THR B 171 -13.00 -26.64 15.29
N CYS B 172 -13.61 -26.82 14.13
CA CYS B 172 -14.67 -25.95 13.66
C CYS B 172 -15.57 -26.65 12.67
N PHE B 173 -15.54 -27.98 12.70
CA PHE B 173 -16.25 -28.79 11.74
C PHE B 173 -16.42 -30.17 12.34
N CYS B 174 -17.54 -30.83 12.10
CA CYS B 174 -17.77 -32.12 12.73
C CYS B 174 -18.91 -32.93 12.13
N PRO B 175 -18.59 -33.76 11.13
CA PRO B 175 -19.64 -34.62 10.57
C PRO B 175 -20.10 -35.66 11.59
N LEU B 176 -21.42 -35.82 11.71
CA LEU B 176 -22.02 -36.71 12.70
C LEU B 176 -22.86 -37.81 12.06
N ALA B 177 -23.45 -38.66 12.91
CA ALA B 177 -24.27 -39.77 12.44
C ALA B 177 -25.43 -39.36 11.54
N ASN B 178 -25.84 -40.29 10.69
CA ASN B 178 -26.95 -40.13 9.76
C ASN B 178 -27.15 -38.73 9.20
N GLY B 179 -26.07 -38.13 8.73
CA GLY B 179 -26.16 -36.95 7.90
C GLY B 179 -25.92 -35.59 8.55
N TYR B 180 -25.74 -35.55 9.86
CA TYR B 180 -25.72 -34.25 10.52
C TYR B 180 -24.33 -33.64 10.57
N LEU B 181 -24.30 -32.31 10.60
CA LEU B 181 -23.05 -31.56 10.54
C LEU B 181 -23.00 -30.46 11.58
N LEU B 182 -22.08 -30.59 12.52
CA LEU B 182 -21.88 -29.59 13.55
C LEU B 182 -20.73 -28.68 13.15
N TYR B 183 -21.00 -27.43 12.81
CA TYR B 183 -19.94 -26.55 12.33
C TYR B 183 -20.12 -25.10 12.67
N TYR B 184 -19.07 -24.32 12.48
CA TYR B 184 -19.07 -22.90 12.80
C TYR B 184 -18.72 -22.08 11.58
N PRO B 185 -19.73 -21.60 10.85
CA PRO B 185 -19.59 -21.03 9.51
C PRO B 185 -18.59 -19.89 9.42
N GLY B 186 -18.19 -19.34 10.55
CA GLY B 186 -17.35 -18.17 10.56
C GLY B 186 -15.87 -18.47 10.49
N ALA B 187 -15.53 -19.75 10.29
CA ALA B 187 -14.14 -20.15 10.19
C ALA B 187 -13.77 -20.46 8.74
N PHE B 188 -14.77 -20.46 7.87
CA PHE B 188 -14.55 -20.73 6.46
C PHE B 188 -14.82 -19.50 5.62
N ASP B 189 -14.13 -19.37 4.50
CA ASP B 189 -14.39 -18.25 3.62
C ASP B 189 -15.73 -18.46 2.91
N SER B 190 -15.99 -17.66 1.88
CA SER B 190 -17.29 -17.67 1.24
C SER B 190 -17.46 -18.85 0.30
N TYR B 191 -16.45 -19.15 -0.52
CA TYR B 191 -16.51 -20.31 -1.41
C TYR B 191 -16.79 -21.59 -0.63
N SER B 192 -16.20 -21.69 0.56
CA SER B 192 -16.32 -22.86 1.39
C SER B 192 -17.69 -22.99 1.99
N ASN B 193 -18.25 -21.88 2.44
CA ASN B 193 -19.58 -21.89 3.00
C ASN B 193 -20.62 -22.30 1.95
N ARG B 194 -20.41 -21.88 0.72
CA ARG B 194 -21.30 -22.27 -0.34
C ARG B 194 -21.23 -23.77 -0.60
N LEU B 195 -20.02 -24.32 -0.56
CA LEU B 195 -19.80 -25.75 -0.80
C LEU B 195 -20.51 -26.58 0.25
N ILE B 196 -20.37 -26.18 1.50
CA ILE B 196 -21.06 -26.84 2.59
C ILE B 196 -22.55 -26.89 2.33
N GLU B 197 -23.08 -25.76 1.87
CA GLU B 197 -24.53 -25.58 1.74
C GLU B 197 -25.09 -26.21 0.47
N MET B 198 -24.22 -26.57 -0.47
CA MET B 198 -24.64 -27.33 -1.64
C MET B 198 -24.64 -28.83 -1.37
N ARG B 199 -23.97 -29.27 -0.31
CA ARG B 199 -23.77 -30.69 -0.04
C ARG B 199 -24.59 -31.18 1.14
N VAL B 200 -24.90 -30.25 2.03
CA VAL B 200 -25.65 -30.55 3.25
C VAL B 200 -26.90 -29.67 3.36
N ALA B 201 -28.06 -30.28 3.14
CA ALA B 201 -29.35 -29.60 3.21
C ALA B 201 -29.52 -28.85 4.53
N PRO B 202 -30.38 -27.82 4.55
CA PRO B 202 -30.53 -26.96 5.74
C PRO B 202 -30.96 -27.69 7.01
N GLU B 203 -31.71 -28.78 6.88
CA GLU B 203 -32.21 -29.48 8.06
C GLU B 203 -31.11 -30.30 8.73
N LYS B 204 -30.14 -30.73 7.93
CA LYS B 204 -29.02 -31.52 8.44
C LYS B 204 -27.93 -30.63 9.04
N ARG B 205 -27.99 -29.34 8.74
CA ARG B 205 -27.02 -28.37 9.25
C ARG B 205 -27.29 -28.00 10.70
N ILE B 206 -26.22 -27.84 11.47
CA ILE B 206 -26.30 -27.28 12.80
C ILE B 206 -25.19 -26.26 12.95
N ALA B 207 -25.46 -25.05 12.47
CA ALA B 207 -24.50 -23.97 12.62
C ALA B 207 -24.50 -23.52 14.07
N ILE B 208 -23.32 -23.25 14.62
CA ILE B 208 -23.23 -22.88 16.02
C ILE B 208 -22.63 -21.50 16.20
N ALA B 209 -22.94 -20.91 17.35
CA ALA B 209 -22.51 -19.56 17.67
C ALA B 209 -21.16 -19.61 18.34
N GLU B 210 -20.37 -18.55 18.21
CA GLU B 210 -18.96 -18.65 18.56
C GLU B 210 -18.72 -18.72 20.05
N ALA B 211 -19.78 -18.89 20.82
CA ALA B 211 -19.64 -19.12 22.24
C ALA B 211 -19.32 -20.59 22.44
N ASP B 212 -19.98 -21.42 21.65
CA ASP B 212 -19.75 -22.85 21.66
C ASP B 212 -18.47 -23.18 20.91
N ALA B 213 -18.13 -22.34 19.93
CA ALA B 213 -16.97 -22.58 19.09
C ALA B 213 -15.67 -22.46 19.87
N VAL B 214 -15.62 -21.55 20.83
CA VAL B 214 -14.36 -21.27 21.51
C VAL B 214 -14.19 -22.21 22.70
N ASN B 215 -15.14 -23.12 22.87
CA ASN B 215 -15.01 -24.19 23.83
C ASN B 215 -14.71 -25.51 23.13
N PHE B 216 -14.41 -25.43 21.85
CA PHE B 216 -14.11 -26.58 21.02
C PHE B 216 -15.27 -27.56 21.00
N ALA B 217 -16.47 -27.06 20.75
CA ALA B 217 -17.64 -27.92 20.70
C ALA B 217 -17.64 -28.75 19.43
N CYS B 218 -17.05 -28.20 18.37
CA CYS B 218 -16.93 -28.92 17.12
C CYS B 218 -15.91 -30.04 17.25
N ASN B 219 -14.96 -29.88 18.16
CA ASN B 219 -14.04 -30.95 18.49
C ASN B 219 -14.75 -32.03 19.25
N THR B 220 -15.66 -32.74 18.57
CA THR B 220 -16.53 -33.68 19.23
C THR B 220 -16.33 -35.09 18.73
N VAL B 221 -16.16 -36.02 19.67
CA VAL B 221 -16.12 -37.43 19.37
C VAL B 221 -17.53 -37.96 19.30
N ASN B 222 -17.86 -38.59 18.19
CA ASN B 222 -19.19 -39.10 18.00
C ASN B 222 -19.16 -40.61 17.78
N VAL B 223 -19.72 -41.36 18.71
CA VAL B 223 -19.70 -42.81 18.57
C VAL B 223 -20.81 -43.28 17.64
N GLU B 224 -22.04 -43.32 18.13
CA GLU B 224 -23.15 -43.65 17.23
C GLU B 224 -24.28 -42.67 17.42
N SER B 225 -24.90 -42.71 18.58
CA SER B 225 -25.88 -41.69 18.92
C SER B 225 -25.32 -40.79 20.01
N ILE B 226 -24.14 -41.15 20.51
CA ILE B 226 -23.51 -40.38 21.58
C ILE B 226 -22.52 -39.37 21.02
N VAL B 227 -22.57 -38.14 21.51
CA VAL B 227 -21.52 -37.19 21.16
C VAL B 227 -20.84 -36.71 22.43
N ILE B 228 -19.52 -36.59 22.37
CA ILE B 228 -18.75 -36.17 23.53
C ILE B 228 -17.96 -34.92 23.21
N MET B 229 -17.84 -34.03 24.18
CA MET B 229 -17.11 -32.80 23.98
C MET B 229 -16.70 -32.21 25.33
N ASN B 230 -16.08 -31.05 25.31
CA ASN B 230 -15.68 -30.37 26.52
C ASN B 230 -16.86 -29.65 27.19
N LYS B 231 -17.33 -28.57 26.58
CA LYS B 231 -18.50 -27.85 27.08
C LYS B 231 -19.59 -27.77 26.04
N ALA B 232 -20.79 -27.45 26.49
CA ALA B 232 -21.93 -27.27 25.60
C ALA B 232 -23.02 -26.42 26.24
N SER B 233 -23.42 -25.36 25.55
CA SER B 233 -24.50 -24.50 26.00
C SER B 233 -25.81 -25.26 25.92
N ASP B 234 -26.78 -24.85 26.72
CA ASP B 234 -28.08 -25.51 26.75
C ASP B 234 -28.74 -25.40 25.39
N ALA B 235 -28.45 -24.32 24.70
CA ALA B 235 -29.03 -24.08 23.38
C ALA B 235 -28.45 -25.08 22.39
N LEU B 236 -27.17 -25.40 22.56
CA LEU B 236 -26.56 -26.43 21.73
C LEU B 236 -27.14 -27.79 22.05
N LYS B 237 -27.10 -28.15 23.33
CA LYS B 237 -27.59 -29.44 23.81
C LYS B 237 -28.98 -29.73 23.27
N GLN B 238 -29.86 -28.75 23.37
CA GLN B 238 -31.23 -28.86 22.91
C GLN B 238 -31.31 -29.26 21.44
N SER B 239 -30.55 -28.55 20.62
CA SER B 239 -30.61 -28.71 19.17
C SER B 239 -30.01 -30.04 18.74
N LEU B 240 -29.03 -30.54 19.49
CA LEU B 240 -28.46 -31.84 19.19
C LEU B 240 -29.40 -32.93 19.66
N THR B 241 -29.85 -32.80 20.91
CA THR B 241 -30.70 -33.83 21.50
C THR B 241 -32.09 -33.82 20.88
N GLY B 242 -32.48 -32.67 20.32
CA GLY B 242 -33.75 -32.55 19.65
C GLY B 242 -33.81 -33.43 18.42
N VAL B 243 -32.65 -33.84 17.96
CA VAL B 243 -32.53 -34.58 16.72
C VAL B 243 -32.31 -36.07 16.98
N GLY B 244 -31.66 -36.39 18.10
CA GLY B 244 -31.52 -37.78 18.49
C GLY B 244 -30.19 -38.14 19.09
N PHE B 245 -29.29 -37.15 19.22
CA PHE B 245 -27.97 -37.38 19.80
C PHE B 245 -27.98 -37.17 21.31
N GLN B 246 -27.46 -38.14 22.04
CA GLN B 246 -27.27 -37.99 23.47
C GLN B 246 -25.91 -37.32 23.76
N VAL B 247 -25.96 -36.15 24.39
CA VAL B 247 -24.75 -35.38 24.64
C VAL B 247 -24.11 -35.70 25.98
N LEU B 248 -22.82 -36.00 25.96
CA LEU B 248 -22.04 -36.16 27.19
C LEU B 248 -21.00 -35.06 27.29
N GLU B 249 -20.77 -34.55 28.48
CA GLU B 249 -19.69 -33.59 28.69
C GLU B 249 -18.65 -34.16 29.64
N THR B 250 -17.40 -33.77 29.41
CA THR B 250 -16.31 -34.07 30.33
C THR B 250 -15.26 -32.98 30.16
N PRO B 251 -14.77 -32.43 31.26
CA PRO B 251 -13.84 -31.31 31.20
C PRO B 251 -12.50 -31.68 30.58
N LEU B 252 -12.03 -30.89 29.63
CA LEU B 252 -10.73 -31.14 29.00
C LEU B 252 -9.90 -29.88 28.87
N THR B 253 -9.96 -29.02 29.87
CA THR B 253 -9.42 -27.68 29.74
C THR B 253 -7.90 -27.67 29.79
N GLU B 254 -7.32 -28.75 30.27
CA GLU B 254 -5.87 -28.81 30.37
C GLU B 254 -5.31 -29.04 28.97
N PHE B 255 -6.16 -29.52 28.07
CA PHE B 255 -5.73 -29.77 26.70
C PHE B 255 -6.19 -28.67 25.76
N LEU B 256 -7.13 -27.86 26.22
CA LEU B 256 -7.47 -26.65 25.51
C LEU B 256 -6.29 -25.69 25.55
N LYS B 257 -5.39 -25.88 26.51
CA LYS B 257 -4.24 -25.00 26.63
C LYS B 257 -3.21 -25.29 25.57
N ALA B 258 -3.45 -26.34 24.79
CA ALA B 258 -2.52 -26.69 23.73
C ALA B 258 -3.22 -26.59 22.40
N GLY B 259 -4.52 -26.41 22.41
CA GLY B 259 -5.25 -26.16 21.20
C GLY B 259 -6.13 -27.31 20.75
N GLY B 260 -6.47 -28.23 21.65
CA GLY B 260 -7.32 -29.35 21.29
C GLY B 260 -8.19 -29.94 22.40
N ALA B 261 -9.30 -30.55 22.04
CA ALA B 261 -10.20 -31.12 23.03
C ALA B 261 -10.47 -32.59 22.78
N ALA B 262 -11.73 -32.99 22.99
CA ALA B 262 -12.15 -34.38 22.85
C ALA B 262 -11.72 -35.01 21.53
N LYS B 263 -12.04 -34.39 20.41
CA LYS B 263 -11.73 -35.00 19.13
C LYS B 263 -10.24 -35.10 18.86
N ALA B 264 -9.50 -34.05 19.19
CA ALA B 264 -8.07 -34.02 18.94
C ALA B 264 -7.32 -35.13 19.68
N LEU B 265 -7.92 -35.65 20.74
CA LEU B 265 -7.23 -36.64 21.55
C LEU B 265 -7.47 -38.05 21.05
N THR B 266 -8.14 -38.17 19.91
CA THR B 266 -8.55 -39.46 19.38
C THR B 266 -8.41 -39.56 17.86
N LEU B 267 -8.25 -40.77 17.37
CA LEU B 267 -8.33 -41.03 15.95
C LEU B 267 -9.17 -42.27 15.74
N ARG B 268 -10.15 -42.22 14.87
CA ARG B 268 -10.95 -43.39 14.59
C ARG B 268 -10.25 -44.20 13.54
N VAL B 269 -9.79 -45.39 13.91
CA VAL B 269 -9.03 -46.21 12.97
C VAL B 269 -9.87 -47.34 12.35
N THR B 270 -11.14 -47.42 12.73
CA THR B 270 -12.14 -48.27 12.06
C THR B 270 -13.02 -47.44 11.12
N GLU B 271 -12.70 -47.45 9.84
CA GLU B 271 -13.47 -46.63 8.91
C GLU B 271 -13.80 -47.40 7.65
N PRO B 272 -14.99 -48.00 7.59
CA PRO B 272 -15.39 -48.84 6.46
C PRO B 272 -15.51 -48.09 5.14
N VAL B 273 -14.99 -48.67 4.06
CA VAL B 273 -15.10 -48.07 2.74
C VAL B 273 -16.42 -48.42 2.06
N ARG B 274 -17.06 -47.44 1.43
CA ARG B 274 -18.30 -47.67 0.68
C ARG B 274 -18.06 -48.19 -0.75
N ASP B 275 -19.13 -48.72 -1.37
CA ASP B 275 -19.05 -49.13 -2.76
C ASP B 275 -18.86 -47.94 -3.69
N GLU B 276 -19.76 -46.97 -3.57
CA GLU B 276 -19.86 -45.80 -4.44
C GLU B 276 -18.53 -45.13 -4.75
N VAL B 277 -17.65 -45.06 -3.76
CA VAL B 277 -16.57 -44.08 -3.77
C VAL B 277 -15.45 -44.39 -4.76
N HIS B 278 -14.85 -43.32 -5.26
CA HIS B 278 -13.70 -43.40 -6.11
C HIS B 278 -13.00 -42.05 -6.11
N ALA B 279 -11.71 -42.05 -6.39
CA ALA B 279 -10.90 -40.84 -6.39
C ALA B 279 -11.47 -39.74 -7.27
N ASN B 280 -11.79 -38.61 -6.66
CA ASN B 280 -12.20 -37.48 -7.46
C ASN B 280 -11.75 -36.17 -6.84
N VAL B 281 -11.03 -35.38 -7.63
CA VAL B 281 -10.44 -34.17 -7.12
C VAL B 281 -10.83 -32.95 -7.97
N TYR B 282 -11.14 -31.85 -7.30
CA TYR B 282 -11.55 -30.65 -8.01
C TYR B 282 -10.38 -29.68 -8.11
N VAL B 283 -9.31 -29.98 -7.37
CA VAL B 283 -8.16 -29.10 -7.33
C VAL B 283 -7.52 -29.03 -8.71
N GLU B 284 -7.07 -27.84 -9.07
CA GLU B 284 -6.51 -27.59 -10.40
C GLU B 284 -5.14 -26.92 -10.30
N SER B 285 -4.27 -27.17 -11.27
CA SER B 285 -2.96 -26.56 -11.29
C SER B 285 -2.66 -25.95 -12.65
N ARG B 286 -2.00 -24.81 -12.65
CA ARG B 286 -1.49 -24.26 -13.88
C ARG B 286 -0.09 -23.75 -13.63
N ILE B 287 0.70 -23.66 -14.68
CA ILE B 287 1.98 -22.98 -14.57
C ILE B 287 1.92 -21.71 -15.39
N ILE B 288 2.20 -20.60 -14.73
CA ILE B 288 2.28 -19.30 -15.37
C ILE B 288 3.72 -18.82 -15.41
N ARG B 289 3.97 -17.83 -16.25
CA ARG B 289 5.28 -17.21 -16.34
C ARG B 289 5.12 -15.71 -16.18
N ILE B 290 6.05 -15.08 -15.47
CA ILE B 290 5.96 -13.66 -15.22
C ILE B 290 7.28 -13.01 -15.59
N GLU B 291 7.24 -11.84 -16.20
CA GLU B 291 8.46 -11.17 -16.60
C GLU B 291 8.47 -9.69 -16.32
N GLY B 292 9.66 -9.11 -16.28
CA GLY B 292 9.83 -7.70 -16.00
C GLY B 292 10.86 -7.46 -14.91
N HIS B 293 10.70 -6.36 -14.19
CA HIS B 293 11.52 -6.08 -13.03
C HIS B 293 10.82 -6.60 -11.79
N LEU B 294 10.98 -7.88 -11.52
CA LEU B 294 10.09 -8.58 -10.60
C LEU B 294 10.32 -8.23 -9.14
N LEU B 295 11.58 -8.12 -8.76
CA LEU B 295 11.95 -7.85 -7.38
C LEU B 295 11.71 -6.42 -6.89
N ASP B 296 11.90 -5.41 -7.75
CA ASP B 296 11.84 -4.04 -7.24
C ASP B 296 10.50 -3.37 -7.53
N SER B 297 9.76 -3.95 -8.46
CA SER B 297 8.44 -3.42 -8.79
C SER B 297 7.37 -3.90 -7.84
N GLY B 298 7.61 -5.03 -7.18
CA GLY B 298 6.62 -5.62 -6.31
C GLY B 298 5.64 -6.45 -7.10
N LEU B 299 5.92 -6.63 -8.39
CA LEU B 299 5.08 -7.40 -9.29
C LEU B 299 4.86 -8.82 -8.79
N ILE B 300 5.93 -9.54 -8.55
CA ILE B 300 5.82 -10.93 -8.16
C ILE B 300 5.24 -11.06 -6.76
N ASN B 301 5.27 -9.98 -5.99
CA ASN B 301 4.70 -9.98 -4.64
C ASN B 301 3.20 -9.85 -4.72
N ARG B 302 2.73 -9.07 -5.68
CA ARG B 302 1.32 -8.84 -5.85
C ARG B 302 0.66 -10.08 -6.43
N ALA B 303 1.38 -10.77 -7.31
CA ALA B 303 0.84 -11.97 -7.90
C ALA B 303 0.61 -13.02 -6.83
N LEU B 304 1.59 -13.20 -5.95
CA LEU B 304 1.50 -14.23 -4.93
C LEU B 304 0.41 -13.92 -3.95
N ASP B 305 0.23 -12.64 -3.64
CA ASP B 305 -0.82 -12.17 -2.75
C ASP B 305 -2.22 -12.43 -3.28
N MET B 306 -2.43 -12.19 -4.56
CA MET B 306 -3.74 -12.39 -5.16
C MET B 306 -4.12 -13.85 -5.06
N ILE B 307 -3.14 -14.71 -5.32
CA ILE B 307 -3.37 -16.13 -5.36
C ILE B 307 -3.84 -16.61 -4.00
N VAL B 308 -3.07 -16.31 -2.97
CA VAL B 308 -3.39 -16.83 -1.66
C VAL B 308 -4.68 -16.25 -1.09
N ASP B 309 -4.88 -14.94 -1.30
CA ASP B 309 -6.05 -14.25 -0.74
C ASP B 309 -7.36 -14.66 -1.41
N THR B 310 -7.27 -15.13 -2.64
CA THR B 310 -8.44 -15.54 -3.42
C THR B 310 -8.81 -17.00 -3.17
N GLY B 311 -7.89 -17.76 -2.60
CA GLY B 311 -8.22 -19.10 -2.15
C GLY B 311 -7.36 -20.22 -2.72
N GLY B 312 -6.30 -19.86 -3.41
CA GLY B 312 -5.42 -20.84 -3.99
C GLY B 312 -4.11 -20.92 -3.26
N SER B 313 -3.11 -21.50 -3.91
CA SER B 313 -1.77 -21.57 -3.36
C SER B 313 -0.76 -21.62 -4.50
N PHE B 314 0.51 -21.35 -4.20
CA PHE B 314 1.52 -21.19 -5.24
C PHE B 314 2.80 -21.94 -4.95
N GLN B 315 3.59 -22.18 -5.98
CA GLN B 315 4.94 -22.69 -5.80
C GLN B 315 5.85 -22.11 -6.87
N VAL B 316 6.85 -21.34 -6.46
CA VAL B 316 7.81 -20.76 -7.38
C VAL B 316 8.77 -21.85 -7.82
N LEU B 317 8.77 -22.15 -9.11
CA LEU B 317 9.56 -23.26 -9.59
C LEU B 317 10.98 -22.83 -9.91
N ASN B 318 11.15 -21.62 -10.40
CA ASN B 318 12.45 -21.18 -10.83
C ASN B 318 12.52 -19.67 -10.97
N PHE B 319 13.73 -19.14 -10.99
CA PHE B 319 13.89 -17.71 -11.03
C PHE B 319 15.19 -17.33 -11.72
N ASN B 320 15.08 -16.74 -12.91
CA ASN B 320 16.22 -16.17 -13.62
C ASN B 320 16.37 -14.69 -13.34
N LEU B 321 17.46 -14.35 -12.68
CA LEU B 321 17.79 -12.98 -12.35
C LEU B 321 18.43 -12.26 -13.51
N GLY B 322 17.95 -11.08 -13.83
CA GLY B 322 18.61 -10.25 -14.83
C GLY B 322 19.98 -9.84 -14.32
N GLU B 323 20.92 -9.61 -15.25
CA GLU B 323 22.29 -9.28 -14.88
C GLU B 323 22.46 -7.86 -14.36
N GLN B 324 21.73 -6.90 -14.93
CA GLN B 324 21.77 -5.51 -14.45
C GLN B 324 20.41 -5.15 -13.90
N ARG B 325 20.35 -4.03 -13.19
CA ARG B 325 19.10 -3.60 -12.59
C ARG B 325 18.00 -3.43 -13.63
N GLN B 326 18.35 -2.99 -14.83
CA GLN B 326 17.36 -2.81 -15.89
C GLN B 326 17.15 -4.06 -16.75
N SER B 327 17.87 -5.13 -16.46
CA SER B 327 17.63 -6.38 -17.16
C SER B 327 16.27 -6.92 -16.77
N THR B 328 15.67 -7.76 -17.60
CA THR B 328 14.41 -8.36 -17.20
C THR B 328 14.70 -9.63 -16.44
N SER B 329 13.80 -9.98 -15.51
CA SER B 329 13.87 -11.25 -14.81
C SER B 329 12.64 -12.09 -15.16
N ALA B 330 12.73 -13.38 -14.92
CA ALA B 330 11.61 -14.28 -15.17
C ALA B 330 11.45 -15.30 -14.06
N ALA B 331 10.20 -15.64 -13.80
CA ALA B 331 9.87 -16.61 -12.77
C ALA B 331 8.72 -17.47 -13.25
N GLU B 332 8.83 -18.76 -13.04
CA GLU B 332 7.77 -19.67 -13.41
C GLU B 332 7.10 -20.11 -12.13
N VAL B 333 5.78 -20.03 -12.10
CA VAL B 333 5.07 -20.26 -10.86
C VAL B 333 3.92 -21.22 -11.05
N LYS B 334 3.89 -22.28 -10.26
CA LYS B 334 2.75 -23.17 -10.30
C LYS B 334 1.65 -22.62 -9.42
N VAL B 335 0.46 -22.54 -9.99
CA VAL B 335 -0.72 -22.05 -9.30
C VAL B 335 -1.71 -23.20 -9.05
N SER B 336 -2.13 -23.37 -7.81
CA SER B 336 -3.20 -24.33 -7.48
C SER B 336 -4.47 -23.63 -7.04
N ALA B 337 -5.62 -24.15 -7.46
CA ALA B 337 -6.91 -23.65 -6.99
C ALA B 337 -7.77 -24.82 -6.53
N PRO B 338 -8.72 -24.58 -5.63
CA PRO B 338 -9.55 -25.70 -5.18
C PRO B 338 -10.64 -26.07 -6.16
N SER B 339 -11.07 -25.14 -6.99
CA SER B 339 -12.04 -25.48 -8.01
C SER B 339 -11.75 -24.68 -9.25
N HIS B 340 -12.43 -25.01 -10.34
CA HIS B 340 -12.25 -24.28 -11.59
C HIS B 340 -12.68 -22.82 -11.44
N GLU B 341 -13.79 -22.61 -10.76
CA GLU B 341 -14.34 -21.28 -10.54
C GLU B 341 -13.33 -20.37 -9.87
N VAL B 342 -12.59 -20.93 -8.93
CA VAL B 342 -11.58 -20.15 -8.21
C VAL B 342 -10.29 -20.05 -9.02
N MET B 343 -10.01 -21.04 -9.85
CA MET B 343 -8.86 -20.90 -10.73
C MET B 343 -9.09 -19.77 -11.71
N GLU B 344 -10.29 -19.68 -12.29
CA GLU B 344 -10.46 -18.66 -13.30
C GLU B 344 -10.57 -17.30 -12.65
N GLU B 345 -11.08 -17.25 -11.43
CA GLU B 345 -11.00 -16.02 -10.66
C GLU B 345 -9.56 -15.55 -10.45
N ILE B 346 -8.66 -16.50 -10.20
CA ILE B 346 -7.25 -16.19 -9.96
C ILE B 346 -6.50 -15.86 -11.25
N ILE B 347 -6.77 -16.59 -12.33
CA ILE B 347 -6.07 -16.32 -13.58
C ILE B 347 -6.48 -14.95 -14.11
N SER B 348 -7.72 -14.57 -13.86
CA SER B 348 -8.19 -13.25 -14.25
C SER B 348 -7.31 -12.17 -13.65
N LEU B 349 -7.15 -12.20 -12.34
CA LEU B 349 -6.36 -11.19 -11.65
C LEU B 349 -4.93 -11.20 -12.12
N LEU B 350 -4.42 -12.37 -12.48
CA LEU B 350 -3.04 -12.52 -12.92
C LEU B 350 -2.85 -12.01 -14.33
N ILE B 351 -3.88 -12.14 -15.15
CA ILE B 351 -3.85 -11.62 -16.50
C ILE B 351 -3.55 -10.13 -16.49
N ASP B 352 -4.18 -9.39 -15.57
CA ASP B 352 -3.96 -7.95 -15.45
C ASP B 352 -2.52 -7.58 -15.19
N LEU B 353 -1.83 -8.41 -14.42
CA LEU B 353 -0.46 -8.15 -14.03
C LEU B 353 0.51 -8.58 -15.12
N GLY B 354 -0.03 -9.21 -16.15
CA GLY B 354 0.74 -9.56 -17.33
C GLY B 354 1.30 -10.97 -17.39
N ALA B 355 0.77 -11.88 -16.60
CA ALA B 355 1.23 -13.26 -16.61
C ALA B 355 0.76 -13.97 -17.86
N VAL B 356 1.55 -14.93 -18.32
CA VAL B 356 1.22 -15.69 -19.52
C VAL B 356 1.40 -17.19 -19.35
N ASP B 357 0.82 -17.92 -20.29
CA ASP B 357 1.01 -19.34 -20.43
C ASP B 357 2.34 -19.59 -21.12
N LEU B 358 2.91 -20.77 -20.90
CA LEU B 358 4.14 -21.14 -21.56
C LEU B 358 3.89 -21.19 -23.07
N PRO B 359 4.91 -20.86 -23.89
CA PRO B 359 4.89 -20.93 -25.35
C PRO B 359 4.19 -22.18 -25.88
N GLN B 360 4.22 -23.21 -25.06
CA GLN B 360 3.74 -24.53 -25.41
C GLN B 360 2.25 -24.69 -25.07
N ASP B 361 1.75 -23.83 -24.18
CA ASP B 361 0.41 -23.98 -23.60
C ASP B 361 -0.61 -22.97 -24.12
N GLU B 362 -0.20 -22.17 -25.09
CA GLU B 362 -1.10 -21.21 -25.69
C GLU B 362 -2.28 -21.91 -26.35
N ARG B 363 -3.47 -21.40 -26.08
CA ARG B 363 -4.69 -21.95 -26.63
C ARG B 363 -5.61 -20.84 -27.08
N ASP B 364 -6.56 -21.15 -27.94
CA ASP B 364 -7.58 -20.20 -28.34
C ASP B 364 -8.56 -19.98 -27.23
N ALA B 365 -9.03 -18.74 -27.11
CA ALA B 365 -10.13 -18.44 -26.22
C ALA B 365 -11.34 -19.27 -26.58
N LYS B 366 -12.01 -19.80 -25.56
CA LYS B 366 -13.29 -20.46 -25.76
C LYS B 366 -14.36 -19.43 -26.11
N LEU B 367 -15.21 -19.77 -27.06
CA LEU B 367 -16.29 -18.89 -27.45
C LEU B 367 -17.64 -19.58 -27.26
N GLU B 368 -18.61 -18.84 -26.75
CA GLU B 368 -19.97 -19.34 -26.66
C GLU B 368 -20.90 -18.26 -27.19
N PRO B 369 -21.93 -18.62 -27.96
CA PRO B 369 -22.83 -17.63 -28.52
C PRO B 369 -23.83 -17.01 -27.55
N VAL B 370 -24.30 -15.81 -27.88
CA VAL B 370 -25.40 -15.13 -27.20
C VAL B 370 -26.71 -15.63 -27.80
N ILE B 371 -27.68 -15.98 -26.97
CA ILE B 371 -28.92 -16.53 -27.51
C ILE B 371 -30.11 -15.67 -27.12
N GLN B 372 -29.85 -14.68 -26.28
CA GLN B 372 -30.86 -13.73 -25.88
C GLN B 372 -30.24 -12.34 -25.78
N ASP B 373 -30.80 -11.38 -26.49
CA ASP B 373 -30.34 -10.00 -26.45
C ASP B 373 -30.01 -9.55 -25.03
N GLY B 374 -28.92 -8.81 -24.88
CA GLY B 374 -28.56 -8.25 -23.59
C GLY B 374 -28.21 -9.24 -22.49
N VAL B 375 -28.01 -10.49 -22.84
CA VAL B 375 -27.59 -11.46 -21.85
C VAL B 375 -26.34 -12.18 -22.37
N ALA B 376 -25.34 -12.34 -21.53
CA ALA B 376 -24.11 -13.03 -21.93
C ALA B 376 -24.20 -14.50 -21.57
N PRO B 377 -23.44 -15.36 -22.28
CA PRO B 377 -23.40 -16.78 -21.92
C PRO B 377 -22.69 -17.00 -20.61
N ASP B 378 -23.12 -18.00 -19.87
CA ASP B 378 -22.49 -18.40 -18.62
C ASP B 378 -20.96 -18.46 -18.71
N ASP B 379 -20.31 -17.87 -17.71
CA ASP B 379 -18.86 -17.92 -17.54
C ASP B 379 -18.16 -16.99 -18.50
N PHE B 380 -18.84 -15.94 -18.94
CA PHE B 380 -18.23 -14.97 -19.82
C PHE B 380 -17.08 -14.25 -19.13
N TYR B 381 -16.04 -13.93 -19.87
CA TYR B 381 -14.93 -13.21 -19.29
C TYR B 381 -15.26 -11.74 -19.15
N VAL B 382 -14.82 -11.15 -18.05
CA VAL B 382 -15.15 -9.78 -17.68
C VAL B 382 -13.97 -8.85 -17.90
N SER B 383 -14.12 -7.94 -18.86
CA SER B 383 -13.02 -7.06 -19.25
C SER B 383 -12.56 -6.11 -18.16
N THR B 384 -11.33 -5.64 -18.29
CA THR B 384 -10.78 -4.65 -17.40
C THR B 384 -10.42 -3.42 -18.22
N ILE B 385 -9.79 -2.45 -17.58
CA ILE B 385 -9.56 -1.16 -18.24
C ILE B 385 -8.33 -1.19 -19.10
N TYR B 386 -7.59 -2.29 -18.99
CA TYR B 386 -6.28 -2.40 -19.64
C TYR B 386 -6.37 -2.93 -21.05
N PRO B 387 -5.40 -2.58 -21.91
CA PRO B 387 -5.28 -3.05 -23.29
C PRO B 387 -5.15 -4.57 -23.37
N THR B 388 -6.00 -5.19 -24.17
CA THR B 388 -6.15 -6.62 -24.14
C THR B 388 -6.04 -7.23 -25.52
N GLU B 389 -5.40 -8.38 -25.59
CA GLU B 389 -5.38 -9.18 -26.79
C GLU B 389 -6.05 -10.50 -26.52
N VAL B 390 -6.74 -11.05 -27.52
CA VAL B 390 -7.25 -12.41 -27.41
C VAL B 390 -6.78 -13.26 -28.57
N ARG B 391 -6.66 -14.57 -28.35
CA ARG B 391 -6.20 -15.50 -29.36
C ARG B 391 -7.35 -16.19 -30.09
N ILE B 392 -7.47 -15.93 -31.38
CA ILE B 392 -8.50 -16.56 -32.21
C ILE B 392 -7.87 -17.20 -33.44
N ASN B 393 -8.16 -18.47 -33.67
CA ASN B 393 -7.56 -19.23 -34.77
C ASN B 393 -6.05 -19.09 -34.80
N GLY B 394 -5.42 -19.13 -33.64
CA GLY B 394 -3.98 -19.00 -33.55
C GLY B 394 -3.43 -17.58 -33.66
N GLN B 395 -4.28 -16.61 -33.91
CA GLN B 395 -3.86 -15.22 -34.04
C GLN B 395 -4.21 -14.39 -32.80
N TRP B 396 -3.29 -13.52 -32.38
CA TRP B 396 -3.59 -12.59 -31.30
C TRP B 396 -4.19 -11.29 -31.84
N ILE B 397 -5.33 -10.92 -31.28
CA ILE B 397 -6.22 -9.91 -31.83
C ILE B 397 -6.45 -8.84 -30.78
N LYS B 398 -6.39 -7.57 -31.18
CA LYS B 398 -6.61 -6.48 -30.24
C LYS B 398 -8.08 -6.22 -29.97
N VAL B 399 -8.43 -6.01 -28.71
CA VAL B 399 -9.80 -5.68 -28.33
C VAL B 399 -10.07 -4.17 -28.49
N GLU B 400 -11.18 -3.86 -29.12
CA GLU B 400 -11.57 -2.48 -29.36
C GLU B 400 -12.62 -2.00 -28.37
N ASN B 401 -12.65 -0.68 -28.21
CA ASN B 401 -13.60 -0.03 -27.32
C ASN B 401 -13.47 -0.57 -25.92
N GLN B 402 -12.23 -0.82 -25.52
CA GLN B 402 -11.90 -1.35 -24.22
C GLN B 402 -12.50 -0.57 -23.09
N ARG B 403 -13.19 -1.27 -22.21
CA ARG B 403 -13.87 -0.70 -21.07
C ARG B 403 -13.97 -1.78 -19.98
N MET B 404 -13.96 -1.41 -18.71
CA MET B 404 -14.13 -2.40 -17.66
C MET B 404 -15.57 -2.80 -17.52
N ASP B 405 -15.78 -4.01 -17.01
CA ASP B 405 -17.07 -4.60 -16.69
C ASP B 405 -17.90 -4.84 -17.92
N GLY B 406 -17.25 -5.23 -19.00
CA GLY B 406 -17.93 -5.62 -20.22
C GLY B 406 -17.59 -7.04 -20.63
N ALA B 407 -18.19 -7.49 -21.72
CA ALA B 407 -17.85 -8.76 -22.33
C ALA B 407 -17.12 -8.50 -23.65
N ILE B 408 -16.43 -9.50 -24.17
CA ILE B 408 -15.72 -9.38 -25.43
C ILE B 408 -16.41 -10.20 -26.50
N ALA B 409 -16.86 -9.54 -27.55
CA ALA B 409 -17.55 -10.20 -28.62
C ALA B 409 -16.59 -10.36 -29.79
N ILE B 410 -16.76 -11.47 -30.52
CA ILE B 410 -15.90 -11.76 -31.63
C ILE B 410 -16.74 -11.91 -32.88
N THR B 411 -16.28 -11.29 -33.95
CA THR B 411 -17.01 -11.23 -35.21
C THR B 411 -16.03 -11.45 -36.36
N GLN B 412 -16.49 -12.07 -37.42
CA GLN B 412 -15.71 -12.14 -38.63
C GLN B 412 -16.25 -11.11 -39.62
N THR B 413 -15.44 -10.12 -39.98
CA THR B 413 -15.94 -9.02 -40.79
C THR B 413 -15.27 -9.05 -42.15
N PRO B 414 -15.78 -8.24 -43.10
CA PRO B 414 -15.08 -8.06 -44.36
C PRO B 414 -13.70 -7.47 -44.18
N ASN B 415 -13.42 -6.97 -42.98
CA ASN B 415 -12.14 -6.38 -42.69
C ASN B 415 -11.36 -7.24 -41.71
N GLY B 416 -11.77 -8.49 -41.56
CA GLY B 416 -11.08 -9.43 -40.72
C GLY B 416 -11.80 -9.68 -39.41
N LEU B 417 -11.07 -10.23 -38.45
CA LEU B 417 -11.62 -10.52 -37.14
C LEU B 417 -11.70 -9.27 -36.34
N LEU B 418 -12.83 -9.10 -35.67
CA LEU B 418 -13.07 -7.96 -34.80
C LEU B 418 -13.38 -8.43 -33.37
N ALA B 419 -12.62 -7.91 -32.41
CA ALA B 419 -12.89 -8.14 -30.99
C ALA B 419 -13.21 -6.81 -30.32
N GLN B 420 -14.40 -6.68 -29.77
CA GLN B 420 -14.77 -5.46 -29.10
C GLN B 420 -15.42 -5.72 -27.75
N CYS B 421 -15.13 -4.87 -26.77
CA CYS B 421 -15.88 -4.90 -25.50
C CYS B 421 -17.26 -4.34 -25.70
N LYS B 422 -18.23 -5.03 -25.15
CA LYS B 422 -19.59 -4.53 -25.12
C LYS B 422 -20.08 -4.62 -23.68
N ILE B 423 -20.98 -3.72 -23.30
CA ILE B 423 -21.63 -3.89 -22.00
C ILE B 423 -22.74 -4.92 -22.19
N LEU B 424 -23.14 -5.58 -21.11
CA LEU B 424 -24.04 -6.72 -21.24
C LEU B 424 -25.27 -6.41 -22.06
N ARG B 425 -25.90 -5.26 -21.82
CA ARG B 425 -27.18 -4.94 -22.43
C ARG B 425 -27.10 -4.61 -23.92
N ASP B 426 -25.89 -4.46 -24.45
CA ASP B 426 -25.66 -4.25 -25.87
C ASP B 426 -25.43 -5.53 -26.68
N LEU B 427 -25.33 -6.67 -26.02
CA LEU B 427 -25.07 -7.92 -26.69
C LEU B 427 -26.27 -8.35 -27.52
N LYS B 428 -26.04 -8.84 -28.72
CA LYS B 428 -27.12 -9.27 -29.59
C LYS B 428 -27.08 -10.78 -29.82
N ALA B 429 -28.24 -11.42 -29.81
CA ALA B 429 -28.34 -12.84 -30.07
C ALA B 429 -27.65 -13.19 -31.38
N GLY B 430 -26.63 -14.05 -31.26
CA GLY B 430 -25.86 -14.49 -32.41
C GLY B 430 -24.38 -14.27 -32.24
N GLU B 431 -24.00 -13.26 -31.48
CA GLU B 431 -22.60 -12.93 -31.32
C GLU B 431 -21.88 -13.99 -30.53
N GLN B 432 -20.59 -14.15 -30.79
CA GLN B 432 -19.73 -15.05 -30.05
C GLN B 432 -19.08 -14.31 -28.92
N VAL B 433 -19.03 -14.92 -27.75
CA VAL B 433 -18.48 -14.25 -26.60
C VAL B 433 -17.48 -15.14 -25.89
N ILE B 434 -16.34 -14.57 -25.53
CA ILE B 434 -15.31 -15.28 -24.79
C ILE B 434 -15.77 -15.75 -23.41
N VAL B 435 -15.57 -17.04 -23.15
CA VAL B 435 -15.86 -17.63 -21.86
C VAL B 435 -14.57 -18.22 -21.33
N ASP B 436 -14.57 -18.73 -20.11
CA ASP B 436 -13.36 -19.22 -19.45
C ASP B 436 -12.24 -18.17 -19.46
N VAL B 437 -10.99 -18.59 -19.29
CA VAL B 437 -9.88 -17.64 -19.19
C VAL B 437 -8.67 -17.97 -20.06
N LEU B 438 -8.83 -18.87 -21.01
CA LEU B 438 -7.77 -19.17 -21.95
C LEU B 438 -7.68 -18.12 -23.04
N GLY B 439 -6.47 -17.89 -23.54
CA GLY B 439 -6.28 -17.14 -24.75
C GLY B 439 -6.46 -15.65 -24.57
N ILE B 440 -6.00 -15.14 -23.44
CA ILE B 440 -6.15 -13.73 -23.07
C ILE B 440 -4.90 -13.20 -22.41
N ARG B 441 -4.39 -12.06 -22.88
CA ARG B 441 -3.23 -11.44 -22.26
C ARG B 441 -3.39 -9.94 -22.34
N THR B 442 -2.73 -9.20 -21.46
CA THR B 442 -2.80 -7.75 -21.56
C THR B 442 -1.52 -7.18 -22.13
N ILE B 443 -1.66 -6.01 -22.76
CA ILE B 443 -0.55 -5.32 -23.40
C ILE B 443 -0.27 -4.04 -22.66
N ARG B 444 0.21 -4.16 -21.43
CA ARG B 444 0.63 -2.98 -20.71
C ARG B 444 2.06 -2.68 -21.13
N LYS B 445 2.53 -1.45 -20.90
CA LYS B 445 3.95 -1.10 -21.03
C LYS B 445 4.71 -1.90 -19.95
N THR B 446 5.98 -1.60 -19.65
CA THR B 446 6.57 -2.32 -18.53
C THR B 446 6.22 -1.65 -17.21
N GLU B 447 6.39 -0.34 -17.11
CA GLU B 447 6.06 0.29 -15.83
C GLU B 447 4.66 0.89 -15.84
N SER B 448 3.86 0.55 -16.85
CA SER B 448 2.41 0.44 -16.71
C SER B 448 2.16 -0.44 -15.54
N ARG B 449 2.71 -1.62 -15.70
CA ARG B 449 2.47 -2.81 -14.91
C ARG B 449 3.24 -2.71 -13.59
N GLU B 450 4.20 -1.80 -13.57
CA GLU B 450 5.01 -1.51 -12.40
C GLU B 450 4.74 -0.09 -11.89
N SER B 465 -18.71 11.12 15.33
CA SER B 465 -19.83 11.20 16.26
C SER B 465 -19.55 10.65 17.66
N SER B 466 -20.63 10.33 18.37
CA SER B 466 -20.58 9.68 19.68
C SER B 466 -21.41 8.41 19.63
N GLU B 467 -21.22 7.51 20.59
CA GLU B 467 -21.70 6.14 20.45
C GLU B 467 -22.91 5.78 21.28
N ARG B 468 -23.03 6.22 22.51
CA ARG B 468 -24.24 5.81 23.21
C ARG B 468 -25.18 7.00 23.32
N ARG B 469 -24.88 8.02 22.52
CA ARG B 469 -25.89 8.93 22.00
C ARG B 469 -26.61 8.15 20.90
N VAL B 470 -26.01 7.06 20.46
CA VAL B 470 -26.59 6.24 19.40
C VAL B 470 -27.59 5.23 19.93
N GLU B 471 -27.27 4.55 21.04
CA GLU B 471 -28.22 3.59 21.58
C GLU B 471 -29.32 4.38 22.28
N LEU B 472 -29.02 5.65 22.54
CA LEU B 472 -30.05 6.60 22.91
C LEU B 472 -31.09 6.68 21.80
N VAL B 473 -30.70 7.28 20.68
CA VAL B 473 -31.50 7.34 19.47
C VAL B 473 -32.10 6.00 19.10
N VAL B 474 -31.26 4.98 19.00
CA VAL B 474 -31.70 3.62 18.68
C VAL B 474 -32.88 3.20 19.53
N GLU B 475 -32.73 3.38 20.84
CA GLU B 475 -33.76 2.93 21.78
C GLU B 475 -35.07 3.65 21.51
N GLN B 476 -34.97 4.90 21.06
CA GLN B 476 -36.16 5.64 20.70
C GLN B 476 -36.74 5.13 19.38
N VAL B 477 -35.90 5.06 18.34
CA VAL B 477 -36.36 4.64 17.03
C VAL B 477 -37.00 3.28 17.12
N ALA B 478 -36.38 2.42 17.92
CA ALA B 478 -36.84 1.05 18.12
C ALA B 478 -38.28 1.02 18.61
N TRP B 479 -38.61 1.95 19.49
CA TRP B 479 -39.89 1.97 20.17
C TRP B 479 -40.97 2.58 19.27
N GLU B 480 -40.62 3.65 18.57
CA GLU B 480 -41.49 4.24 17.55
C GLU B 480 -41.86 3.20 16.50
N LEU B 481 -40.85 2.46 16.06
CA LEU B 481 -40.99 1.46 15.02
C LEU B 481 -41.86 0.28 15.45
N ARG B 482 -41.75 -0.04 16.73
CA ARG B 482 -42.65 -0.95 17.41
C ARG B 482 -44.12 -0.60 17.26
N LYS B 483 -44.52 0.54 17.82
CA LYS B 483 -45.93 0.87 17.94
C LYS B 483 -46.59 1.17 16.61
N ILE B 484 -45.83 1.71 15.66
CA ILE B 484 -46.33 1.93 14.31
C ILE B 484 -46.69 0.61 13.66
N ARG B 485 -45.83 -0.39 13.87
CA ARG B 485 -46.10 -1.71 13.34
C ARG B 485 -47.37 -2.28 13.93
N ASP B 486 -47.46 -2.27 15.26
CA ASP B 486 -48.63 -2.75 15.98
C ASP B 486 -49.90 -2.01 15.61
N ALA B 487 -49.79 -0.70 15.47
CA ALA B 487 -50.94 0.12 15.17
C ALA B 487 -51.32 0.03 13.70
N GLY B 488 -50.65 -0.85 12.96
CA GLY B 488 -50.93 -1.01 11.56
C GLY B 488 -50.50 0.18 10.71
N GLY B 489 -49.48 0.90 11.17
CA GLY B 489 -48.97 2.06 10.46
C GLY B 489 -48.30 1.73 9.14
N LYS B 490 -47.42 2.60 8.68
CA LYS B 490 -46.69 2.38 7.44
C LYS B 490 -45.29 2.93 7.49
N VAL B 491 -44.30 2.04 7.48
CA VAL B 491 -42.90 2.44 7.50
C VAL B 491 -42.23 2.26 6.13
N VAL B 492 -41.46 3.25 5.72
CA VAL B 492 -40.76 3.16 4.45
C VAL B 492 -39.27 3.24 4.73
N VAL B 493 -38.49 2.50 3.95
CA VAL B 493 -37.06 2.46 4.15
C VAL B 493 -36.37 2.83 2.86
N THR B 494 -35.40 3.73 2.94
CA THR B 494 -34.47 3.92 1.84
C THR B 494 -33.15 3.34 2.28
N ALA B 495 -32.38 2.80 1.34
CA ALA B 495 -31.18 2.07 1.73
C ALA B 495 -30.16 2.08 0.62
N GLY B 496 -28.92 2.32 1.01
CA GLY B 496 -27.84 2.32 0.05
C GLY B 496 -27.03 1.06 0.24
N PRO B 497 -26.16 0.75 -0.72
CA PRO B 497 -25.39 -0.49 -0.69
C PRO B 497 -24.52 -0.60 0.55
N VAL B 498 -24.26 0.51 1.23
CA VAL B 498 -23.48 0.50 2.45
C VAL B 498 -24.13 -0.33 3.55
N VAL B 499 -25.45 -0.48 3.50
CA VAL B 499 -26.12 -1.41 4.39
C VAL B 499 -25.55 -2.82 4.22
N ILE B 500 -25.39 -3.23 2.97
CA ILE B 500 -24.87 -4.54 2.65
C ILE B 500 -23.38 -4.65 2.96
N HIS B 501 -22.63 -3.60 2.65
CA HIS B 501 -21.19 -3.60 2.84
C HIS B 501 -20.77 -3.73 4.30
N THR B 502 -21.55 -3.17 5.21
CA THR B 502 -21.34 -3.43 6.62
C THR B 502 -22.12 -4.69 6.91
N GLY B 503 -22.47 -4.95 8.16
CA GLY B 503 -23.19 -6.17 8.44
C GLY B 503 -24.66 -6.09 8.07
N GLY B 504 -25.13 -4.87 7.85
CA GLY B 504 -26.54 -4.55 7.81
C GLY B 504 -27.51 -5.48 7.13
N GLY B 505 -27.05 -6.21 6.13
CA GLY B 505 -27.88 -7.06 5.30
C GLY B 505 -28.96 -7.89 5.96
N GLU B 506 -28.56 -8.85 6.78
CA GLU B 506 -29.53 -9.77 7.38
C GLU B 506 -30.44 -9.09 8.39
N HIS B 507 -29.98 -7.97 8.94
CA HIS B 507 -30.76 -7.24 9.92
C HIS B 507 -31.93 -6.54 9.28
N LEU B 508 -31.70 -5.97 8.10
CA LEU B 508 -32.78 -5.39 7.32
C LEU B 508 -33.71 -6.48 6.83
N SER B 509 -33.17 -7.65 6.61
CA SER B 509 -33.98 -8.78 6.16
C SER B 509 -34.98 -9.14 7.24
N ARG B 510 -34.54 -9.18 8.48
CA ARG B 510 -35.42 -9.54 9.60
C ARG B 510 -36.55 -8.53 9.75
N LEU B 511 -36.18 -7.25 9.74
CA LEU B 511 -37.13 -6.15 9.78
C LEU B 511 -38.25 -6.34 8.78
N ILE B 512 -37.90 -6.53 7.52
CA ILE B 512 -38.89 -6.77 6.50
C ILE B 512 -39.64 -8.06 6.77
N ARG B 513 -38.92 -9.05 7.30
CA ARG B 513 -39.49 -10.38 7.55
C ARG B 513 -40.53 -10.38 8.64
N GLU B 514 -40.24 -9.64 9.70
CA GLU B 514 -41.14 -9.51 10.85
C GLU B 514 -42.04 -8.26 10.82
N GLY B 515 -42.57 -7.93 9.66
CA GLY B 515 -43.61 -6.91 9.53
C GLY B 515 -43.29 -5.43 9.71
N TYR B 516 -42.01 -5.07 9.88
CA TYR B 516 -41.65 -3.70 10.19
C TYR B 516 -41.55 -2.76 9.01
N VAL B 517 -41.55 -3.30 7.79
CA VAL B 517 -41.30 -2.47 6.61
C VAL B 517 -42.37 -2.66 5.54
N GLN B 518 -42.94 -1.57 5.06
CA GLN B 518 -44.10 -1.67 4.18
C GLN B 518 -43.77 -1.20 2.78
N ALA B 519 -42.52 -0.80 2.59
CA ALA B 519 -42.02 -0.36 1.31
C ALA B 519 -40.51 -0.13 1.37
N LEU B 520 -39.83 -0.36 0.27
CA LEU B 520 -38.41 -0.13 0.22
C LEU B 520 -38.01 0.60 -1.05
N LEU B 521 -37.24 1.66 -0.88
CA LEU B 521 -36.84 2.52 -1.97
C LEU B 521 -35.34 2.55 -2.08
N GLY B 522 -34.83 2.27 -3.28
CA GLY B 522 -33.39 2.29 -3.47
C GLY B 522 -32.96 2.51 -4.88
N GLY B 523 -31.75 2.02 -5.19
CA GLY B 523 -31.24 2.01 -6.53
C GLY B 523 -30.74 0.63 -6.97
N ASN B 524 -30.09 0.62 -8.12
CA ASN B 524 -29.51 -0.57 -8.67
C ASN B 524 -28.58 -1.30 -7.70
N ALA B 525 -27.64 -0.57 -7.13
CA ALA B 525 -26.55 -1.12 -6.35
C ALA B 525 -26.97 -1.87 -5.09
N ILE B 526 -27.99 -1.40 -4.39
CA ILE B 526 -28.41 -2.07 -3.16
C ILE B 526 -28.99 -3.44 -3.48
N ALA B 527 -29.73 -3.53 -4.58
CA ALA B 527 -30.30 -4.79 -4.99
C ALA B 527 -29.23 -5.76 -5.50
N VAL B 528 -28.27 -5.27 -6.28
CA VAL B 528 -27.28 -6.17 -6.81
C VAL B 528 -26.36 -6.60 -5.67
N HIS B 529 -25.98 -5.68 -4.79
CA HIS B 529 -25.10 -6.04 -3.70
C HIS B 529 -25.73 -7.01 -2.68
N ASP B 530 -27.02 -6.89 -2.44
CA ASP B 530 -27.69 -7.80 -1.54
C ASP B 530 -27.69 -9.17 -2.15
N ILE B 531 -28.07 -9.24 -3.41
CA ILE B 531 -28.13 -10.51 -4.11
C ILE B 531 -26.73 -11.16 -4.25
N GLU B 532 -25.69 -10.37 -4.41
CA GLU B 532 -24.36 -10.93 -4.45
C GLU B 532 -23.96 -11.52 -3.11
N GLN B 533 -24.36 -10.86 -2.03
CA GLN B 533 -24.01 -11.33 -0.68
C GLN B 533 -24.72 -12.63 -0.35
N ASN B 534 -25.93 -12.79 -0.84
CA ASN B 534 -26.71 -13.95 -0.52
C ASN B 534 -26.47 -15.11 -1.48
N MET B 535 -26.06 -14.80 -2.70
CA MET B 535 -25.85 -15.81 -3.70
C MET B 535 -24.42 -16.32 -3.67
N MET B 536 -23.49 -15.54 -3.12
CA MET B 536 -22.08 -15.90 -3.12
C MET B 536 -21.30 -15.55 -1.87
N GLY B 537 -21.89 -14.77 -0.98
CA GLY B 537 -21.20 -14.37 0.22
C GLY B 537 -20.11 -13.34 -0.03
N THR B 538 -20.15 -12.69 -1.18
CA THR B 538 -19.23 -11.59 -1.46
C THR B 538 -19.99 -10.29 -1.67
N SER B 539 -19.28 -9.17 -1.64
CA SER B 539 -19.90 -7.87 -1.85
C SER B 539 -18.84 -6.93 -2.40
N LEU B 540 -18.96 -6.62 -3.70
CA LEU B 540 -17.93 -5.89 -4.45
C LEU B 540 -17.27 -4.74 -3.70
N GLY B 553 -12.84 -8.38 -7.68
CA GLY B 553 -14.11 -8.83 -7.13
C GLY B 553 -15.30 -8.54 -8.05
N HIS B 554 -15.01 -8.20 -9.30
CA HIS B 554 -16.04 -7.75 -10.23
C HIS B 554 -16.75 -8.91 -10.92
N ARG B 555 -16.11 -10.06 -11.01
CA ARG B 555 -16.71 -11.23 -11.65
C ARG B 555 -17.98 -11.64 -10.93
N HIS B 556 -17.92 -11.73 -9.60
CA HIS B 556 -19.08 -12.03 -8.79
C HIS B 556 -20.18 -11.02 -9.04
N HIS B 557 -19.80 -9.76 -9.05
CA HIS B 557 -20.73 -8.68 -9.24
C HIS B 557 -21.43 -8.73 -10.61
N LEU B 558 -20.67 -8.94 -11.67
CA LEU B 558 -21.22 -8.95 -13.02
C LEU B 558 -22.01 -10.21 -13.30
N LYS B 559 -21.59 -11.31 -12.68
CA LYS B 559 -22.29 -12.58 -12.83
C LYS B 559 -23.67 -12.51 -12.25
N VAL B 560 -23.83 -11.71 -11.20
CA VAL B 560 -25.14 -11.54 -10.60
C VAL B 560 -26.05 -10.76 -11.52
N ILE B 561 -25.56 -9.65 -12.04
CA ILE B 561 -26.35 -8.81 -12.93
C ILE B 561 -26.77 -9.57 -14.16
N ASN B 562 -25.88 -10.42 -14.68
CA ASN B 562 -26.18 -11.16 -15.89
C ASN B 562 -27.21 -12.24 -15.66
N THR B 563 -27.16 -12.85 -14.49
CA THR B 563 -28.08 -13.91 -14.14
C THR B 563 -29.50 -13.40 -14.00
N ILE B 564 -29.65 -12.25 -13.34
CA ILE B 564 -30.97 -11.69 -13.11
C ILE B 564 -31.58 -11.22 -14.41
N ARG B 565 -30.73 -10.78 -15.33
CA ARG B 565 -31.20 -10.41 -16.66
C ARG B 565 -31.55 -11.65 -17.47
N ARG B 566 -30.91 -12.77 -17.17
CA ARG B 566 -31.22 -14.02 -17.86
C ARG B 566 -32.61 -14.50 -17.49
N HIS B 567 -32.93 -14.46 -16.20
CA HIS B 567 -34.25 -14.85 -15.73
C HIS B 567 -35.34 -13.80 -15.99
N GLY B 568 -34.96 -12.53 -16.01
CA GLY B 568 -35.84 -11.48 -16.50
C GLY B 568 -36.39 -10.55 -15.44
N SER B 569 -36.21 -10.90 -14.18
CA SER B 569 -36.57 -10.02 -13.07
C SER B 569 -36.06 -10.65 -11.80
N ILE B 570 -36.08 -9.89 -10.72
CA ILE B 570 -35.68 -10.43 -9.44
C ILE B 570 -36.71 -11.43 -8.92
N ALA B 571 -37.99 -11.17 -9.17
CA ALA B 571 -39.05 -12.06 -8.68
C ALA B 571 -38.98 -13.43 -9.36
N LYS B 572 -38.44 -13.47 -10.55
CA LYS B 572 -38.28 -14.73 -11.28
C LYS B 572 -37.04 -15.49 -10.87
N GLY B 573 -36.01 -14.78 -10.41
CA GLY B 573 -34.83 -15.43 -9.88
C GLY B 573 -35.13 -16.02 -8.51
N VAL B 574 -36.27 -15.64 -7.95
CA VAL B 574 -36.71 -16.14 -6.65
C VAL B 574 -37.64 -17.33 -6.86
N GLU B 575 -38.54 -17.19 -7.81
CA GLU B 575 -39.47 -18.26 -8.14
C GLU B 575 -38.70 -19.45 -8.67
N SER B 576 -37.53 -19.21 -9.25
CA SER B 576 -36.75 -20.30 -9.82
C SER B 576 -35.67 -20.80 -8.85
N GLY B 577 -35.62 -20.23 -7.65
CA GLY B 577 -34.80 -20.78 -6.60
C GLY B 577 -33.34 -20.39 -6.56
N ILE B 578 -32.90 -19.51 -7.46
CA ILE B 578 -31.51 -19.09 -7.47
C ILE B 578 -31.27 -18.04 -6.39
N ILE B 579 -32.33 -17.33 -5.99
CA ILE B 579 -32.27 -16.49 -4.82
C ILE B 579 -33.11 -17.08 -3.70
N ARG B 580 -32.47 -17.34 -2.56
CA ARG B 580 -33.15 -18.01 -1.47
C ARG B 580 -33.09 -17.21 -0.17
N SER B 581 -32.28 -16.17 -0.13
CA SER B 581 -32.25 -15.37 1.07
C SER B 581 -31.98 -13.89 0.81
N GLY B 582 -32.28 -13.05 1.79
CA GLY B 582 -31.87 -11.67 1.79
C GLY B 582 -32.93 -10.60 1.66
N VAL B 583 -32.46 -9.36 1.69
CA VAL B 583 -33.28 -8.16 1.55
C VAL B 583 -34.27 -8.23 0.40
N MET B 584 -33.77 -8.40 -0.81
CA MET B 584 -34.65 -8.50 -1.97
C MET B 584 -35.52 -9.75 -1.91
N TYR B 585 -34.95 -10.85 -1.42
CA TYR B 585 -35.69 -12.11 -1.27
C TYR B 585 -36.94 -11.95 -0.43
N GLU B 586 -36.79 -11.37 0.75
CA GLU B 586 -37.90 -11.15 1.64
C GLU B 586 -39.00 -10.31 1.01
N CYS B 587 -38.62 -9.24 0.32
CA CYS B 587 -39.58 -8.33 -0.31
C CYS B 587 -40.52 -9.08 -1.22
N VAL B 588 -39.97 -9.95 -2.04
CA VAL B 588 -40.80 -10.74 -2.94
C VAL B 588 -41.70 -11.74 -2.19
N ARG B 589 -41.13 -12.46 -1.22
CA ARG B 589 -41.87 -13.48 -0.49
C ARG B 589 -43.04 -12.87 0.25
N ASN B 590 -42.77 -11.72 0.87
CA ASN B 590 -43.74 -11.06 1.71
C ASN B 590 -44.49 -9.96 0.98
N GLN B 591 -44.33 -9.93 -0.32
CA GLN B 591 -44.94 -8.92 -1.17
C GLN B 591 -44.81 -7.49 -0.67
N ILE B 592 -43.61 -7.09 -0.27
CA ILE B 592 -43.31 -5.70 -0.02
C ILE B 592 -42.87 -5.04 -1.32
N PRO B 593 -43.55 -3.97 -1.74
CA PRO B 593 -43.16 -3.29 -2.98
C PRO B 593 -41.80 -2.63 -2.90
N PHE B 594 -41.06 -2.64 -4.00
CA PHE B 594 -39.81 -1.88 -4.06
C PHE B 594 -39.66 -1.11 -5.37
N VAL B 595 -38.99 0.02 -5.29
CA VAL B 595 -38.63 0.78 -6.49
C VAL B 595 -37.14 0.94 -6.48
N LEU B 596 -36.52 0.59 -7.60
CA LEU B 596 -35.10 0.79 -7.81
C LEU B 596 -34.96 1.86 -8.88
N ALA B 597 -34.35 2.97 -8.51
CA ALA B 597 -34.24 4.09 -9.43
C ALA B 597 -32.85 4.17 -10.02
N GLY B 598 -32.80 4.32 -11.33
CA GLY B 598 -31.52 4.38 -12.03
C GLY B 598 -30.62 5.52 -11.62
N SER B 599 -29.37 5.41 -12.00
CA SER B 599 -28.43 6.52 -11.86
C SER B 599 -27.48 6.45 -13.02
N ILE B 600 -26.71 7.51 -13.20
CA ILE B 600 -25.68 7.60 -14.21
C ILE B 600 -24.57 6.53 -14.00
N ARG B 601 -24.57 5.88 -12.84
CA ARG B 601 -23.49 4.99 -12.41
C ARG B 601 -23.84 3.48 -12.51
N ASP B 602 -24.99 3.15 -13.07
CA ASP B 602 -25.51 1.78 -12.99
C ASP B 602 -24.93 0.78 -13.96
N ASP B 603 -24.44 -0.32 -13.41
CA ASP B 603 -24.02 -1.46 -14.19
C ASP B 603 -25.23 -2.34 -14.52
N GLY B 604 -25.38 -2.67 -15.79
CA GLY B 604 -26.49 -3.46 -16.26
C GLY B 604 -27.41 -2.65 -17.12
N PRO B 605 -28.53 -2.19 -16.54
CA PRO B 605 -28.87 -2.48 -15.15
C PRO B 605 -29.67 -3.77 -15.00
N LEU B 606 -30.04 -4.12 -13.77
CA LEU B 606 -31.06 -5.13 -13.53
C LEU B 606 -32.32 -4.78 -14.32
N PRO B 607 -33.15 -5.77 -14.61
CA PRO B 607 -34.38 -5.46 -15.36
C PRO B 607 -35.35 -4.64 -14.53
N ASP B 608 -35.23 -4.77 -13.21
CA ASP B 608 -36.17 -4.13 -12.31
C ASP B 608 -36.00 -2.61 -12.17
N THR B 609 -34.79 -2.13 -12.47
CA THR B 609 -34.41 -0.77 -12.22
C THR B 609 -35.10 0.16 -13.18
N GLN B 610 -35.68 1.22 -12.64
CA GLN B 610 -36.38 2.23 -13.42
C GLN B 610 -35.44 3.32 -13.92
N MET B 611 -35.10 3.24 -15.20
CA MET B 611 -34.09 4.10 -15.79
C MET B 611 -34.72 5.37 -16.33
N ASP B 612 -36.05 5.45 -16.23
CA ASP B 612 -36.78 6.68 -16.51
C ASP B 612 -37.05 7.39 -15.21
N LEU B 613 -36.31 8.45 -14.97
CA LEU B 613 -36.36 9.10 -13.68
C LEU B 613 -37.64 9.87 -13.41
N ILE B 614 -38.35 10.24 -14.45
CA ILE B 614 -39.65 10.85 -14.28
C ILE B 614 -40.61 9.82 -13.64
N LYS B 615 -40.72 8.64 -14.23
CA LYS B 615 -41.59 7.62 -13.68
C LYS B 615 -41.07 7.18 -12.33
N ALA B 616 -39.76 7.22 -12.16
CA ALA B 616 -39.15 6.78 -10.92
C ALA B 616 -39.55 7.67 -9.76
N GLN B 617 -39.65 8.97 -10.02
CA GLN B 617 -40.12 9.93 -9.04
C GLN B 617 -41.59 9.73 -8.70
N GLU B 618 -42.37 9.38 -9.70
CA GLU B 618 -43.77 9.16 -9.48
C GLU B 618 -44.03 7.86 -8.75
N GLU B 619 -43.17 6.88 -8.95
CA GLU B 619 -43.30 5.62 -8.21
C GLU B 619 -42.86 5.79 -6.75
N TYR B 620 -41.78 6.52 -6.52
CA TYR B 620 -41.36 6.87 -5.17
C TYR B 620 -42.48 7.59 -4.42
N ALA B 621 -43.02 8.62 -5.06
CA ALA B 621 -44.07 9.44 -4.48
C ALA B 621 -45.29 8.62 -4.10
N LYS B 622 -45.78 7.85 -5.05
CA LYS B 622 -46.93 7.02 -4.83
C LYS B 622 -46.74 6.06 -3.64
N HIS B 623 -45.58 5.43 -3.52
CA HIS B 623 -45.34 4.52 -2.41
C HIS B 623 -45.07 5.22 -1.08
N LEU B 624 -44.88 6.54 -1.12
CA LEU B 624 -44.66 7.31 0.09
C LEU B 624 -45.98 7.75 0.72
N GLU B 625 -47.08 7.54 0.01
CA GLU B 625 -48.39 7.95 0.48
C GLU B 625 -48.75 7.29 1.81
N GLY B 626 -49.10 8.11 2.80
CA GLY B 626 -49.49 7.61 4.10
C GLY B 626 -48.37 7.13 4.97
N ALA B 627 -47.15 7.49 4.61
CA ALA B 627 -46.02 7.06 5.40
C ALA B 627 -46.06 7.78 6.72
N GLU B 628 -45.77 7.06 7.80
CA GLU B 628 -45.71 7.66 9.12
C GLU B 628 -44.25 7.75 9.56
N MET B 629 -43.47 6.73 9.24
CA MET B 629 -42.02 6.82 9.43
C MET B 629 -41.26 6.48 8.15
N ILE B 630 -40.25 7.26 7.87
CA ILE B 630 -39.31 6.94 6.83
C ILE B 630 -37.98 6.67 7.48
N LEU B 631 -37.53 5.44 7.30
CA LEU B 631 -36.27 4.99 7.82
C LEU B 631 -35.20 5.13 6.74
N MET B 632 -34.23 6.01 6.94
CA MET B 632 -33.26 6.31 5.89
C MET B 632 -31.85 5.87 6.23
N LEU B 633 -31.42 4.76 5.64
CA LEU B 633 -30.15 4.16 5.98
C LEU B 633 -29.07 4.36 4.91
N SER B 634 -28.18 5.32 5.15
CA SER B 634 -27.02 5.55 4.30
C SER B 634 -27.36 5.64 2.82
N SER B 635 -28.53 6.15 2.51
CA SER B 635 -29.01 6.11 1.15
C SER B 635 -28.65 7.34 0.33
N MET B 636 -27.77 8.20 0.87
CA MET B 636 -27.24 9.37 0.17
C MET B 636 -28.26 10.20 -0.65
N LEU B 637 -28.31 9.96 -1.95
CA LEU B 637 -29.12 10.68 -2.90
C LEU B 637 -30.59 10.41 -2.72
N HIS B 638 -30.92 9.19 -2.35
CA HIS B 638 -32.31 8.77 -2.30
C HIS B 638 -32.98 9.34 -1.08
N SER B 639 -32.18 9.68 -0.08
CA SER B 639 -32.70 10.29 1.15
C SER B 639 -33.19 11.71 0.90
N ILE B 640 -32.33 12.52 0.29
CA ILE B 640 -32.70 13.86 -0.15
C ILE B 640 -33.93 13.81 -1.02
N GLY B 641 -33.92 12.90 -1.97
CA GLY B 641 -35.03 12.74 -2.89
C GLY B 641 -36.32 12.49 -2.17
N VAL B 642 -36.31 11.52 -1.28
CA VAL B 642 -37.47 11.18 -0.49
C VAL B 642 -37.87 12.33 0.41
N GLY B 643 -36.90 13.02 1.00
CA GLY B 643 -37.17 14.20 1.80
C GLY B 643 -38.03 15.19 1.06
N ASN B 644 -37.50 15.78 -0.01
CA ASN B 644 -38.26 16.65 -0.90
C ASN B 644 -39.72 16.29 -1.08
N MET B 645 -40.02 15.01 -1.20
CA MET B 645 -41.37 14.57 -1.50
C MET B 645 -42.24 14.44 -0.27
N THR B 646 -41.62 14.39 0.90
CA THR B 646 -42.34 14.07 2.11
C THR B 646 -42.73 15.31 2.88
N PRO B 647 -44.02 15.42 3.23
CA PRO B 647 -44.59 16.50 4.03
C PRO B 647 -44.29 16.34 5.50
N ALA B 648 -44.46 17.40 6.29
CA ALA B 648 -44.27 17.34 7.72
C ALA B 648 -45.29 16.40 8.37
N GLY B 649 -45.02 15.96 9.59
CA GLY B 649 -45.91 15.03 10.26
C GLY B 649 -45.52 13.59 10.00
N VAL B 650 -44.33 13.43 9.44
CA VAL B 650 -43.78 12.13 9.10
C VAL B 650 -42.45 12.00 9.80
N LYS B 651 -42.34 11.05 10.72
CA LYS B 651 -41.09 10.85 11.46
C LYS B 651 -39.98 10.40 10.50
N MET B 652 -38.79 10.97 10.62
CA MET B 652 -37.71 10.64 9.70
C MET B 652 -36.39 10.41 10.40
N VAL B 653 -35.94 9.15 10.40
CA VAL B 653 -34.65 8.79 10.99
C VAL B 653 -33.59 8.75 9.91
N CYS B 654 -32.41 9.30 10.18
CA CYS B 654 -31.36 9.40 9.16
C CYS B 654 -30.03 8.93 9.70
N VAL B 655 -29.46 7.90 9.08
CA VAL B 655 -28.18 7.35 9.53
C VAL B 655 -27.07 7.45 8.47
N ASP B 656 -25.90 7.95 8.87
CA ASP B 656 -24.71 7.98 8.02
C ASP B 656 -23.51 8.39 8.85
N ILE B 657 -22.30 8.15 8.34
CA ILE B 657 -21.09 8.30 9.15
C ILE B 657 -20.48 9.60 8.79
N ASN B 658 -20.66 9.95 7.53
CA ASN B 658 -20.51 11.31 7.15
C ASN B 658 -21.52 12.11 7.97
N PRO B 659 -21.09 12.82 9.05
CA PRO B 659 -22.11 13.62 9.71
C PRO B 659 -22.23 14.87 8.86
N ALA B 660 -21.74 14.85 7.60
CA ALA B 660 -22.05 15.91 6.68
C ALA B 660 -23.10 15.56 5.62
N VAL B 661 -23.46 14.27 5.62
CA VAL B 661 -24.64 13.74 4.92
C VAL B 661 -25.19 14.72 3.89
N THR B 663 -28.37 13.63 8.24
CA THR B 663 -28.36 14.09 9.60
C THR B 663 -28.09 15.64 9.57
N LYS B 664 -27.02 16.19 8.90
CA LYS B 664 -26.91 17.67 8.63
C LYS B 664 -28.18 18.09 7.98
N LEU B 665 -28.58 17.36 6.94
CA LEU B 665 -29.75 17.75 6.17
C LEU B 665 -30.98 16.95 6.59
N SER B 666 -31.23 17.02 7.89
CA SER B 666 -32.53 16.79 8.47
C SER B 666 -32.95 18.16 8.98
N ASP B 667 -33.35 19.02 8.04
CA ASP B 667 -33.70 20.40 8.36
C ASP B 667 -35.18 20.54 8.67
N ARG B 668 -35.70 19.60 9.44
CA ARG B 668 -37.06 19.66 9.93
C ARG B 668 -36.99 19.77 11.44
N GLY B 669 -38.09 19.49 12.13
CA GLY B 669 -38.10 19.59 13.58
C GLY B 669 -37.09 18.67 14.25
N SER B 670 -36.94 18.82 15.55
CA SER B 670 -36.21 17.85 16.33
C SER B 670 -37.22 16.86 16.85
N ILE B 671 -38.48 17.11 16.49
CA ILE B 671 -39.58 16.27 16.92
C ILE B 671 -40.14 15.48 15.74
N GLU B 672 -39.62 15.75 14.56
CA GLU B 672 -39.94 14.90 13.41
C GLU B 672 -38.68 14.57 12.62
N SER B 673 -37.52 14.75 13.25
CA SER B 673 -36.27 14.33 12.64
C SER B 673 -35.23 14.01 13.70
N VAL B 674 -34.58 12.88 13.53
CA VAL B 674 -33.43 12.57 14.36
C VAL B 674 -32.34 11.94 13.49
N GLY B 675 -31.11 12.41 13.68
CA GLY B 675 -30.00 11.98 12.86
C GLY B 675 -28.88 11.49 13.74
N VAL B 676 -28.34 10.33 13.40
CA VAL B 676 -27.29 9.69 14.15
C VAL B 676 -26.11 9.48 13.23
N VAL B 677 -24.90 9.40 13.77
CA VAL B 677 -23.72 9.30 12.92
C VAL B 677 -22.79 8.13 13.26
N THR B 678 -23.28 6.91 13.04
CA THR B 678 -22.47 5.71 13.15
C THR B 678 -22.85 4.82 11.99
N ASP B 679 -22.17 3.70 11.78
CA ASP B 679 -22.51 2.94 10.59
C ASP B 679 -23.79 2.15 10.78
N VAL B 680 -24.53 2.01 9.68
CA VAL B 680 -25.82 1.37 9.70
C VAL B 680 -25.72 -0.05 10.20
N GLY B 681 -24.55 -0.64 10.02
CA GLY B 681 -24.30 -1.97 10.52
C GLY B 681 -24.53 -1.99 12.01
N LEU B 682 -23.82 -1.12 12.71
CA LEU B 682 -23.96 -0.98 14.15
C LEU B 682 -25.38 -0.59 14.51
N PHE B 683 -25.88 0.44 13.85
CA PHE B 683 -27.23 0.92 14.07
C PHE B 683 -28.26 -0.19 13.88
N LEU B 684 -28.27 -0.82 12.71
CA LEU B 684 -29.26 -1.84 12.43
C LEU B 684 -29.07 -3.04 13.32
N SER B 685 -27.85 -3.24 13.77
CA SER B 685 -27.57 -4.31 14.70
C SER B 685 -28.25 -4.01 16.02
N LEU B 686 -27.94 -2.85 16.60
CA LEU B 686 -28.51 -2.45 17.88
C LEU B 686 -30.02 -2.39 17.81
N LEU B 687 -30.52 -1.74 16.77
CA LEU B 687 -31.95 -1.65 16.51
C LEU B 687 -32.63 -3.00 16.46
N THR B 688 -31.87 -4.05 16.17
CA THR B 688 -32.49 -5.36 16.01
C THR B 688 -32.50 -6.14 17.31
N GLN B 689 -31.49 -5.95 18.15
CA GLN B 689 -31.47 -6.64 19.42
C GLN B 689 -32.22 -5.83 20.47
N GLN B 690 -32.30 -4.53 20.27
CA GLN B 690 -33.07 -3.64 21.13
C GLN B 690 -34.56 -3.84 20.88
N LEU B 691 -34.87 -4.33 19.70
CA LEU B 691 -36.22 -4.55 19.27
C LEU B 691 -36.58 -5.94 19.74
N ASP B 692 -35.53 -6.76 19.82
CA ASP B 692 -35.68 -8.17 20.14
C ASP B 692 -35.92 -8.41 21.62
N LYS B 693 -35.94 -7.34 22.41
CA LYS B 693 -35.92 -7.50 23.86
C LYS B 693 -37.31 -7.65 24.45
N LEU B 694 -38.12 -8.52 23.83
CA LEU B 694 -39.48 -8.79 24.28
C LEU B 694 -39.74 -10.29 24.39
#